data_9GBS
#
_entry.id   9GBS
#
_cell.length_a   72.723
_cell.length_b   77.164
_cell.length_c   81.841
_cell.angle_alpha   88.371
_cell.angle_beta   64.577
_cell.angle_gamma   75.247
#
_symmetry.space_group_name_H-M   'P 1'
#
loop_
_entity.id
_entity.type
_entity.pdbx_description
1 polymer 'Angiotensin-converting enzyme, soluble form'
2 branched alpha-L-fucopyranose-(1-6)-2-acetamido-2-deoxy-beta-D-glucopyranose
3 non-polymer '(2S)-1-[(2S)-2-[[(1S)-1-[(2S)-1-(4-carboxyphenyl)carbonylpyrrolidin-2-yl]-2-oxidanyl-2-oxidanylidene-ethyl]amino]propanoyl]pyrrolidine-2-carboxylic acid'
4 non-polymer DI(HYDROXYETHYL)ETHER
5 non-polymer 1,2-ETHANEDIOL
6 non-polymer 'TRIETHYLENE GLYCOL'
7 non-polymer 'HEXAETHYLENE GLYCOL'
8 non-polymer 2-acetamido-2-deoxy-beta-D-glucopyranose
9 non-polymer 'ZINC ION'
10 non-polymer 'CHLORIDE ION'
11 non-polymer 'PENTAETHYLENE GLYCOL'
12 non-polymer 'TETRAETHYLENE GLYCOL'
13 non-polymer alpha-L-fucopyranose
14 water water
#
_entity_poly.entity_id   1
_entity_poly.type   'polypeptide(L)'
_entity_poly.pdbx_seq_one_letter_code
;LDPGLQPGQFSADEAGAQLFAQSYQSSAEQVLFQSVAASWAHDTNITAENARRQEEAALLSQEFAEAWGQKAKELYEPIW
QQFTDPQLRRIIGAVRTLGSANLPLAKRQQYNALLSQMSRIYSTAKVCLPQKTATCWSLDPDLTNILASSRSYAMLLFAW
EGWHNAAGIPLKPLYEDFTALSNEAYKQDGFTDTGAYWRSWYNSPTFEDDLEHLYQQLEPLYLNLHAFVRRALHRRYGDR
YINLRGPIPAHLLGDMWAQSWENIYDMVVPFPDKPNLDVTSTMLQQGWQATHMFRVAEEFFTSLELSPMPPEFWEGSMLE
KPADGREVVCHASAWDFYNRKDFRIKQCTRVTMDQLSTVHHEMGHIQYYLQYKDLPVSLRRGANPGFHEAIGDVLALSVS
TPEHLHKIGLLDRVTNDTESDINYLLKMALEKIAFLPFGYLVDQWRWGVFSGRTPPSRYNFDWWYLRTKYQGICPPVTRN
ETHFDAGAKFHVPNVTPYIRYFVSFVLQFQFHEALCKEAGYEGPLHQCDIYRSTKAGAKLRKVLRAGSSRPWQEVLKDMV
GLDALDAQPLLKYFQLVTQWLQEQNQQNGEVLGWPEYQWHPPLPDNYPEGIDLVTDEAEASKFVEEYD
;
_entity_poly.pdbx_strand_id   A,B
#
loop_
_chem_comp.id
_chem_comp.type
_chem_comp.name
_chem_comp.formula
1PE non-polymer 'PENTAETHYLENE GLYCOL' 'C10 H22 O6'
A1IJY non-polymer '(2S)-1-[(2S)-2-[[(1S)-1-[(2S)-1-(4-carboxyphenyl)carbonylpyrrolidin-2-yl]-2-oxidanyl-2-oxidanylidene-ethyl]amino]propanoyl]pyrrolidine-2-carboxylic acid' 'C22 H27 N3 O8'
CL non-polymer 'CHLORIDE ION' 'Cl -1'
EDO non-polymer 1,2-ETHANEDIOL 'C2 H6 O2'
FUC L-saccharide, alpha linking alpha-L-fucopyranose 'C6 H12 O5'
NAG D-saccharide, beta linking 2-acetamido-2-deoxy-beta-D-glucopyranose 'C8 H15 N O6'
P6G non-polymer 'HEXAETHYLENE GLYCOL' 'C12 H26 O7'
PEG non-polymer DI(HYDROXYETHYL)ETHER 'C4 H10 O3'
PG4 non-polymer 'TETRAETHYLENE GLYCOL' 'C8 H18 O5'
PGE non-polymer 'TRIETHYLENE GLYCOL' 'C6 H14 O4'
ZN non-polymer 'ZINC ION' 'Zn 2'
#
# COMPACT_ATOMS: atom_id res chain seq x y z
N LEU A 1 29.55 -30.41 13.22
CA LEU A 1 30.40 -29.83 12.15
C LEU A 1 31.81 -30.37 12.35
N ASP A 2 32.29 -31.09 11.34
CA ASP A 2 33.69 -31.43 11.23
C ASP A 2 34.61 -30.30 11.76
N PRO A 3 35.47 -30.61 12.75
CA PRO A 3 36.44 -29.65 13.29
C PRO A 3 37.25 -28.92 12.21
N GLY A 4 37.66 -29.67 11.18
CA GLY A 4 38.42 -29.15 10.06
C GLY A 4 37.73 -27.99 9.33
N LEU A 5 36.39 -27.84 9.52
CA LEU A 5 35.59 -26.77 8.92
C LEU A 5 35.36 -25.58 9.88
N GLN A 6 35.79 -25.68 11.16
CA GLN A 6 35.61 -24.65 12.18
C GLN A 6 36.71 -23.61 12.10
N PRO A 7 36.50 -22.34 12.54
CA PRO A 7 37.54 -21.30 12.35
C PRO A 7 38.68 -21.46 13.37
N GLY A 8 39.90 -21.11 12.94
CA GLY A 8 41.05 -21.13 13.85
C GLY A 8 41.20 -19.79 14.56
N GLN A 9 42.45 -19.41 14.91
CA GLN A 9 42.70 -18.15 15.60
C GLN A 9 43.12 -17.10 14.57
N PHE A 10 42.68 -15.85 14.73
CA PHE A 10 42.96 -14.78 13.79
C PHE A 10 43.04 -13.50 14.59
N SER A 11 43.89 -12.54 14.18
CA SER A 11 44.03 -11.27 14.87
C SER A 11 42.86 -10.33 14.52
N ALA A 12 42.61 -9.40 15.44
CA ALA A 12 41.41 -8.59 15.46
C ALA A 12 41.67 -7.25 14.75
N ASP A 13 42.10 -7.32 13.48
CA ASP A 13 42.48 -6.13 12.71
C ASP A 13 42.35 -6.52 11.25
N GLU A 14 42.66 -5.59 10.36
CA GLU A 14 42.38 -5.76 8.96
C GLU A 14 43.17 -6.93 8.40
N ALA A 15 44.44 -7.03 8.78
CA ALA A 15 45.35 -8.05 8.28
C ALA A 15 44.91 -9.46 8.73
N GLY A 16 44.53 -9.61 10.00
CA GLY A 16 43.92 -10.82 10.52
C GLY A 16 42.59 -11.11 9.80
N ALA A 17 41.79 -10.07 9.48
CA ALA A 17 40.52 -10.30 8.78
C ALA A 17 40.74 -10.82 7.35
N GLN A 18 41.89 -10.47 6.72
CA GLN A 18 42.20 -10.94 5.36
C GLN A 18 42.43 -12.45 5.44
N LEU A 19 43.18 -12.87 6.46
CA LEU A 19 43.46 -14.28 6.70
C LEU A 19 42.17 -15.03 7.03
N PHE A 20 41.36 -14.44 7.92
CA PHE A 20 40.03 -14.91 8.33
C PHE A 20 39.22 -15.19 7.07
N ALA A 21 39.14 -14.19 6.19
CA ALA A 21 38.34 -14.33 4.96
C ALA A 21 38.83 -15.47 4.06
N GLN A 22 40.16 -15.66 3.93
CA GLN A 22 40.70 -16.73 3.09
C GLN A 22 40.41 -18.13 3.63
N SER A 23 40.41 -18.30 4.96
N SER A 23 40.44 -18.30 4.96
CA SER A 23 40.16 -19.59 5.56
CA SER A 23 40.15 -19.59 5.57
C SER A 23 38.66 -19.88 5.63
C SER A 23 38.66 -19.87 5.47
N TYR A 24 37.85 -18.82 5.68
CA TYR A 24 36.39 -18.88 5.61
C TYR A 24 35.97 -19.46 4.25
N GLN A 25 36.53 -18.88 3.17
CA GLN A 25 36.13 -19.08 1.77
C GLN A 25 36.60 -20.44 1.32
N SER A 26 37.77 -20.79 1.79
CA SER A 26 38.30 -22.12 1.62
C SER A 26 37.34 -23.19 2.18
N SER A 27 36.90 -23.09 3.45
CA SER A 27 36.10 -24.19 4.01
C SER A 27 34.64 -24.12 3.54
N ALA A 28 34.26 -22.93 3.11
CA ALA A 28 32.90 -22.68 2.65
C ALA A 28 32.65 -23.43 1.33
N GLU A 29 33.69 -23.55 0.49
CA GLU A 29 33.55 -24.33 -0.73
C GLU A 29 33.00 -25.72 -0.50
N GLN A 30 33.48 -26.44 0.53
CA GLN A 30 33.12 -27.85 0.77
C GLN A 30 31.68 -27.94 1.27
N VAL A 31 31.26 -26.92 2.04
CA VAL A 31 29.96 -26.94 2.68
C VAL A 31 28.92 -26.61 1.61
N LEU A 32 29.19 -25.59 0.81
CA LEU A 32 28.36 -25.25 -0.36
C LEU A 32 28.25 -26.46 -1.28
N PHE A 33 29.38 -27.11 -1.57
CA PHE A 33 29.33 -28.29 -2.41
C PHE A 33 28.35 -29.35 -1.87
N GLN A 34 28.42 -29.72 -0.59
CA GLN A 34 27.56 -30.81 -0.09
C GLN A 34 26.07 -30.41 -0.10
N SER A 35 25.79 -29.13 0.16
CA SER A 35 24.42 -28.60 0.07
C SER A 35 23.89 -28.67 -1.36
N VAL A 36 24.65 -28.14 -2.32
CA VAL A 36 24.10 -28.09 -3.67
C VAL A 36 23.97 -29.53 -4.17
N ALA A 37 24.93 -30.37 -3.79
CA ALA A 37 24.80 -31.78 -4.19
C ALA A 37 23.53 -32.44 -3.67
N ALA A 38 23.16 -32.21 -2.41
CA ALA A 38 21.96 -32.84 -1.84
C ALA A 38 20.66 -32.27 -2.46
N SER A 39 20.67 -30.96 -2.81
CA SER A 39 19.54 -30.30 -3.49
C SER A 39 19.37 -30.90 -4.87
N TRP A 40 20.51 -31.09 -5.55
CA TRP A 40 20.46 -31.66 -6.90
C TRP A 40 19.79 -33.02 -6.82
N ALA A 41 20.25 -33.85 -5.88
CA ALA A 41 19.76 -35.22 -5.78
C ALA A 41 18.27 -35.24 -5.50
N HIS A 42 17.80 -34.23 -4.75
CA HIS A 42 16.39 -34.12 -4.44
C HIS A 42 15.58 -33.61 -5.64
N ASP A 43 16.05 -32.47 -6.20
CA ASP A 43 15.25 -31.84 -7.26
C ASP A 43 15.14 -32.67 -8.53
N THR A 44 16.12 -33.55 -8.76
CA THR A 44 16.03 -34.45 -9.89
C THR A 44 15.40 -35.78 -9.45
N ASN A 45 14.85 -35.87 -8.24
CA ASN A 45 14.35 -37.17 -7.79
C ASN A 45 13.72 -36.97 -6.44
N ILE A 46 12.45 -36.49 -6.47
CA ILE A 46 11.84 -36.02 -5.25
C ILE A 46 11.38 -37.26 -4.46
N THR A 47 12.00 -37.53 -3.29
CA THR A 47 11.56 -38.56 -2.37
C THR A 47 11.75 -38.01 -0.96
N ALA A 48 11.08 -38.69 -0.01
CA ALA A 48 11.26 -38.44 1.42
C ALA A 48 12.74 -38.58 1.81
N GLU A 49 13.39 -39.61 1.29
CA GLU A 49 14.78 -39.86 1.63
C GLU A 49 15.66 -38.71 1.12
N ASN A 50 15.39 -38.27 -0.10
CA ASN A 50 16.25 -37.21 -0.64
C ASN A 50 15.97 -35.90 0.08
N ALA A 51 14.71 -35.69 0.49
CA ALA A 51 14.34 -34.57 1.38
C ALA A 51 15.06 -34.57 2.73
N ARG A 52 15.12 -35.77 3.36
CA ARG A 52 15.87 -35.87 4.60
C ARG A 52 17.35 -35.52 4.39
N ARG A 53 17.92 -36.00 3.27
CA ARG A 53 19.33 -35.73 2.99
C ARG A 53 19.55 -34.24 2.77
N GLN A 54 18.58 -33.55 2.15
CA GLN A 54 18.91 -32.16 1.83
C GLN A 54 18.78 -31.36 3.12
N GLU A 55 17.89 -31.82 4.01
CA GLU A 55 17.71 -31.18 5.32
C GLU A 55 18.93 -31.34 6.22
N GLU A 56 19.63 -32.48 6.10
CA GLU A 56 20.85 -32.72 6.87
C GLU A 56 21.92 -31.80 6.35
N ALA A 57 21.97 -31.61 5.01
CA ALA A 57 23.03 -30.79 4.46
C ALA A 57 22.78 -29.35 4.89
N ALA A 58 21.50 -29.00 5.01
CA ALA A 58 21.12 -27.63 5.34
C ALA A 58 21.55 -27.35 6.78
N LEU A 59 21.40 -28.37 7.63
CA LEU A 59 21.76 -28.23 9.04
C LEU A 59 23.27 -28.01 9.15
N LEU A 60 24.04 -28.70 8.31
CA LEU A 60 25.48 -28.59 8.38
C LEU A 60 25.88 -27.19 7.94
N SER A 61 25.22 -26.69 6.87
N SER A 61 25.22 -26.71 6.87
CA SER A 61 25.44 -25.35 6.38
CA SER A 61 25.47 -25.37 6.39
C SER A 61 25.23 -24.36 7.51
C SER A 61 25.22 -24.36 7.50
N GLN A 62 24.13 -24.57 8.24
CA GLN A 62 23.78 -23.63 9.31
C GLN A 62 24.81 -23.70 10.45
N GLU A 63 25.28 -24.91 10.78
CA GLU A 63 26.30 -24.93 11.85
C GLU A 63 27.58 -24.19 11.40
N PHE A 64 27.97 -24.37 10.13
CA PHE A 64 29.10 -23.66 9.53
C PHE A 64 28.86 -22.15 9.64
N ALA A 65 27.64 -21.68 9.33
CA ALA A 65 27.43 -20.24 9.25
C ALA A 65 27.51 -19.63 10.65
N GLU A 66 27.02 -20.41 11.61
CA GLU A 66 27.04 -20.02 12.99
C GLU A 66 28.48 -19.90 13.52
N ALA A 67 29.27 -20.96 13.35
CA ALA A 67 30.66 -20.96 13.84
C ALA A 67 31.40 -19.73 13.29
N TRP A 68 31.29 -19.48 11.97
CA TRP A 68 32.12 -18.46 11.36
C TRP A 68 31.54 -17.07 11.60
N GLY A 69 30.19 -16.99 11.64
CA GLY A 69 29.60 -15.66 11.78
C GLY A 69 29.77 -15.15 13.22
N GLN A 70 29.70 -16.09 14.16
CA GLN A 70 30.06 -15.74 15.54
C GLN A 70 31.53 -15.35 15.73
N LYS A 71 32.45 -16.08 15.10
CA LYS A 71 33.85 -15.66 15.16
C LYS A 71 33.99 -14.25 14.56
N ALA A 72 33.34 -13.95 13.43
CA ALA A 72 33.51 -12.61 12.84
C ALA A 72 32.96 -11.55 13.77
N LYS A 73 31.92 -11.95 14.51
CA LYS A 73 31.23 -11.01 15.38
C LYS A 73 32.17 -10.65 16.51
N GLU A 74 32.72 -11.69 17.17
CA GLU A 74 33.81 -11.59 18.15
C GLU A 74 35.02 -10.78 17.67
N LEU A 75 35.49 -10.93 16.43
CA LEU A 75 36.76 -10.33 16.11
C LEU A 75 36.53 -8.96 15.49
N TYR A 76 35.46 -8.83 14.69
CA TYR A 76 35.43 -7.70 13.76
C TYR A 76 34.20 -6.80 13.89
N GLU A 77 33.25 -7.13 14.80
CA GLU A 77 31.97 -6.42 14.90
C GLU A 77 32.21 -4.92 15.15
N PRO A 78 33.04 -4.53 16.15
CA PRO A 78 33.58 -3.17 16.19
C PRO A 78 34.06 -2.51 14.89
N ILE A 79 35.06 -3.11 14.22
CA ILE A 79 36.02 -2.42 13.34
C ILE A 79 35.73 -2.60 11.86
N TRP A 80 34.94 -3.62 11.48
CA TRP A 80 34.87 -4.02 10.08
C TRP A 80 34.34 -2.91 9.18
N GLN A 81 33.62 -1.95 9.76
CA GLN A 81 33.13 -0.87 8.94
C GLN A 81 34.25 0.12 8.60
N GLN A 82 35.34 0.12 9.39
CA GLN A 82 36.52 0.96 9.22
C GLN A 82 37.56 0.37 8.25
N PHE A 83 37.47 -0.95 7.95
CA PHE A 83 38.45 -1.57 7.08
C PHE A 83 38.49 -0.77 5.79
N THR A 84 39.69 -0.52 5.28
CA THR A 84 39.88 0.38 4.14
C THR A 84 39.77 -0.35 2.80
N ASP A 85 40.08 -1.65 2.77
CA ASP A 85 39.76 -2.51 1.62
C ASP A 85 38.23 -2.69 1.51
N PRO A 86 37.58 -2.22 0.41
CA PRO A 86 36.12 -2.24 0.34
C PRO A 86 35.53 -3.67 0.20
N GLN A 87 36.27 -4.55 -0.47
CA GLN A 87 35.88 -5.92 -0.75
C GLN A 87 35.86 -6.77 0.51
N LEU A 88 36.84 -6.53 1.38
CA LEU A 88 36.96 -7.26 2.63
C LEU A 88 35.80 -6.87 3.52
N ARG A 89 35.50 -5.56 3.52
CA ARG A 89 34.36 -5.04 4.25
C ARG A 89 33.10 -5.83 3.87
N ARG A 90 32.87 -5.97 2.55
CA ARG A 90 31.76 -6.77 2.03
C ARG A 90 31.86 -8.24 2.45
N ILE A 91 33.02 -8.90 2.27
CA ILE A 91 33.07 -10.32 2.65
C ILE A 91 32.70 -10.43 4.13
N ILE A 92 33.32 -9.57 4.97
CA ILE A 92 33.14 -9.74 6.42
C ILE A 92 31.71 -9.39 6.87
N GLY A 93 31.15 -8.25 6.37
CA GLY A 93 29.73 -7.94 6.51
C GLY A 93 28.81 -9.16 6.28
N ALA A 94 29.01 -9.84 5.15
CA ALA A 94 28.22 -11.03 4.81
C ALA A 94 28.39 -12.13 5.86
N VAL A 95 29.62 -12.37 6.36
CA VAL A 95 29.85 -13.49 7.24
C VAL A 95 29.13 -13.26 8.56
N ARG A 96 29.11 -12.00 9.06
CA ARG A 96 28.47 -11.71 10.35
C ARG A 96 26.93 -11.65 10.29
N THR A 97 26.31 -11.80 9.11
CA THR A 97 24.87 -12.02 8.95
C THR A 97 24.63 -13.53 8.93
N LEU A 98 24.05 -14.12 9.97
CA LEU A 98 23.95 -15.58 9.99
C LEU A 98 22.64 -16.13 9.39
N GLY A 99 21.60 -15.30 9.16
CA GLY A 99 20.35 -15.79 8.53
C GLY A 99 19.71 -16.90 9.36
N SER A 100 19.37 -18.01 8.72
N SER A 100 19.27 -17.99 8.73
CA SER A 100 18.71 -19.13 9.38
CA SER A 100 18.63 -19.04 9.50
C SER A 100 19.62 -19.85 10.38
C SER A 100 19.54 -19.62 10.61
N ALA A 101 20.87 -19.38 10.55
CA ALA A 101 21.77 -19.90 11.58
C ALA A 101 21.55 -19.18 12.93
N ASN A 102 20.93 -18.00 12.90
CA ASN A 102 20.45 -17.34 14.12
C ASN A 102 19.36 -18.16 14.80
N LEU A 103 18.84 -19.23 14.15
CA LEU A 103 17.73 -19.96 14.77
C LEU A 103 18.26 -21.05 15.67
N PRO A 104 17.54 -21.48 16.75
CA PRO A 104 17.97 -22.62 17.56
C PRO A 104 17.73 -23.84 16.68
N LEU A 105 18.29 -24.99 17.07
CA LEU A 105 18.20 -26.25 16.37
C LEU A 105 16.76 -26.61 15.97
N ALA A 106 15.81 -26.63 16.92
CA ALA A 106 14.47 -27.13 16.62
C ALA A 106 13.80 -26.25 15.55
N LYS A 107 14.07 -24.94 15.61
CA LYS A 107 13.57 -24.02 14.59
C LYS A 107 14.27 -24.18 13.25
N ARG A 108 15.60 -24.45 13.28
CA ARG A 108 16.39 -24.71 12.09
C ARG A 108 15.78 -25.88 11.35
N GLN A 109 15.48 -26.93 12.12
CA GLN A 109 14.90 -28.14 11.54
C GLN A 109 13.51 -27.83 10.97
N GLN A 110 12.73 -26.98 11.64
CA GLN A 110 11.40 -26.70 11.12
C GLN A 110 11.51 -25.81 9.86
N TYR A 111 12.49 -24.88 9.81
CA TYR A 111 12.66 -24.04 8.64
C TYR A 111 13.05 -24.88 7.43
N ASN A 112 14.06 -25.76 7.61
CA ASN A 112 14.56 -26.65 6.58
C ASN A 112 13.42 -27.56 6.08
N ALA A 113 12.65 -28.13 6.98
CA ALA A 113 11.56 -29.00 6.50
C ALA A 113 10.45 -28.23 5.79
N LEU A 114 10.22 -26.98 6.22
CA LEU A 114 9.27 -26.14 5.52
C LEU A 114 9.67 -25.95 4.08
N LEU A 115 10.99 -25.75 3.86
CA LEU A 115 11.45 -25.49 2.50
C LEU A 115 11.27 -26.75 1.65
N SER A 116 11.61 -27.93 2.24
CA SER A 116 11.42 -29.20 1.54
C SER A 116 9.97 -29.39 1.17
N GLN A 117 9.11 -29.23 2.16
CA GLN A 117 7.71 -29.57 1.88
C GLN A 117 7.03 -28.57 0.94
N MET A 118 7.35 -27.28 1.07
CA MET A 118 6.78 -26.34 0.09
C MET A 118 7.20 -26.75 -1.32
N SER A 119 8.50 -27.05 -1.51
CA SER A 119 9.05 -27.49 -2.78
C SER A 119 8.29 -28.68 -3.36
N ARG A 120 8.10 -29.70 -2.49
CA ARG A 120 7.41 -30.91 -2.92
C ARG A 120 5.97 -30.59 -3.32
N ILE A 121 5.21 -29.84 -2.50
CA ILE A 121 3.82 -29.58 -2.90
C ILE A 121 3.77 -28.88 -4.26
N TYR A 122 4.67 -27.89 -4.50
CA TYR A 122 4.54 -27.12 -5.73
C TYR A 122 4.78 -28.09 -6.90
N SER A 123 5.92 -28.79 -6.86
CA SER A 123 6.40 -29.52 -8.00
C SER A 123 5.66 -30.84 -8.20
N THR A 124 4.86 -31.30 -7.22
CA THR A 124 4.18 -32.59 -7.37
C THR A 124 2.68 -32.36 -7.44
N ALA A 125 2.19 -31.11 -7.46
CA ALA A 125 0.76 -30.88 -7.55
C ALA A 125 0.23 -31.25 -8.92
N LYS A 126 -1.04 -31.70 -8.98
CA LYS A 126 -1.62 -32.14 -10.26
C LYS A 126 -3.10 -31.75 -10.29
N VAL A 127 -3.64 -31.57 -11.50
CA VAL A 127 -5.04 -31.25 -11.70
C VAL A 127 -5.72 -32.49 -12.28
N CYS A 128 -6.82 -32.96 -11.67
CA CYS A 128 -7.46 -34.24 -11.96
C CYS A 128 -8.86 -34.11 -12.58
N LEU A 129 -9.58 -35.25 -12.68
CA LEU A 129 -10.72 -35.47 -13.58
C LEU A 129 -10.20 -35.37 -15.03
N THR A 135 -6.72 -39.95 -15.08
CA THR A 135 -5.47 -39.26 -15.50
C THR A 135 -5.36 -37.87 -14.86
N CYS A 136 -4.11 -37.40 -14.72
CA CYS A 136 -3.81 -36.17 -13.99
C CYS A 136 -2.83 -35.31 -14.81
N TRP A 137 -3.08 -34.01 -14.86
CA TRP A 137 -2.27 -33.10 -15.64
C TRP A 137 -1.23 -32.47 -14.72
N SER A 138 0.01 -32.44 -15.16
CA SER A 138 0.95 -31.76 -14.32
C SER A 138 1.17 -30.35 -14.92
N LEU A 139 1.79 -29.47 -14.13
CA LEU A 139 2.07 -28.10 -14.60
C LEU A 139 2.86 -28.17 -15.90
N ASP A 140 3.92 -28.97 -15.91
CA ASP A 140 4.79 -28.99 -17.07
C ASP A 140 4.92 -30.44 -17.54
N PRO A 141 4.59 -30.83 -18.81
CA PRO A 141 4.16 -29.89 -19.85
C PRO A 141 2.64 -29.62 -19.97
N ASP A 142 1.76 -30.34 -19.23
CA ASP A 142 0.36 -30.40 -19.64
C ASP A 142 -0.38 -29.09 -19.45
N LEU A 143 -0.38 -28.55 -18.22
CA LEU A 143 -1.07 -27.28 -18.04
C LEU A 143 -0.34 -26.15 -18.80
N THR A 144 1.01 -26.19 -18.82
CA THR A 144 1.74 -25.18 -19.58
C THR A 144 1.23 -25.22 -21.02
N ASN A 145 1.08 -26.41 -21.60
CA ASN A 145 0.68 -26.49 -23.02
C ASN A 145 -0.77 -26.04 -23.23
N ILE A 146 -1.65 -26.36 -22.28
CA ILE A 146 -3.02 -25.86 -22.31
C ILE A 146 -3.04 -24.33 -22.28
N LEU A 147 -2.45 -23.70 -21.23
CA LEU A 147 -2.39 -22.23 -21.11
C LEU A 147 -1.87 -21.62 -22.42
N ALA A 148 -0.85 -22.27 -23.04
CA ALA A 148 -0.14 -21.68 -24.17
C ALA A 148 -0.98 -21.72 -25.44
N SER A 149 -1.74 -22.79 -25.62
CA SER A 149 -2.21 -23.08 -26.96
C SER A 149 -3.74 -23.29 -27.04
N SER A 150 -4.43 -23.55 -25.91
CA SER A 150 -5.87 -23.69 -25.95
C SER A 150 -6.53 -22.31 -26.13
N ARG A 151 -7.64 -22.27 -26.89
CA ARG A 151 -8.35 -21.02 -27.15
C ARG A 151 -9.80 -21.20 -26.73
N SER A 152 -10.03 -22.21 -25.92
CA SER A 152 -11.29 -22.55 -25.30
C SER A 152 -11.30 -21.92 -23.90
N TYR A 153 -12.23 -20.97 -23.70
CA TYR A 153 -12.34 -20.25 -22.45
C TYR A 153 -12.46 -21.24 -21.30
N ALA A 154 -13.39 -22.21 -21.43
CA ALA A 154 -13.67 -23.11 -20.31
C ALA A 154 -12.48 -24.02 -20.01
N MET A 155 -11.78 -24.48 -21.04
CA MET A 155 -10.63 -25.37 -20.86
C MET A 155 -9.46 -24.61 -20.20
N LEU A 156 -9.26 -23.32 -20.59
CA LEU A 156 -8.26 -22.44 -20.00
C LEU A 156 -8.59 -22.18 -18.53
N LEU A 157 -9.90 -22.00 -18.22
CA LEU A 157 -10.32 -21.68 -16.86
C LEU A 157 -10.08 -22.93 -16.03
N PHE A 158 -10.34 -24.07 -16.67
CA PHE A 158 -10.26 -25.29 -15.88
C PHE A 158 -8.81 -25.51 -15.43
N ALA A 159 -7.86 -25.24 -16.32
CA ALA A 159 -6.45 -25.46 -16.00
C ALA A 159 -5.99 -24.42 -14.96
N TRP A 160 -6.40 -23.17 -15.15
CA TRP A 160 -5.96 -22.05 -14.31
C TRP A 160 -6.48 -22.22 -12.91
N GLU A 161 -7.78 -22.53 -12.81
CA GLU A 161 -8.37 -22.67 -11.51
C GLU A 161 -7.82 -23.93 -10.87
N GLY A 162 -7.71 -25.02 -11.66
CA GLY A 162 -7.25 -26.26 -11.07
C GLY A 162 -5.82 -26.15 -10.59
N TRP A 163 -5.00 -25.34 -11.32
CA TRP A 163 -3.62 -25.24 -10.84
C TRP A 163 -3.57 -24.38 -9.55
N HIS A 164 -4.21 -23.21 -9.59
CA HIS A 164 -4.16 -22.33 -8.42
C HIS A 164 -4.68 -23.02 -7.17
N ASN A 165 -5.84 -23.69 -7.24
CA ASN A 165 -6.33 -24.46 -6.10
C ASN A 165 -5.35 -25.55 -5.64
N ALA A 166 -4.76 -26.31 -6.57
CA ALA A 166 -4.01 -27.51 -6.22
C ALA A 166 -2.69 -27.12 -5.57
N ALA A 167 -2.06 -26.07 -6.14
CA ALA A 167 -0.79 -25.66 -5.56
C ALA A 167 -0.99 -24.72 -4.35
N GLY A 168 -1.84 -23.67 -4.50
CA GLY A 168 -1.89 -22.58 -3.51
C GLY A 168 -2.50 -23.00 -2.17
N ILE A 169 -3.71 -23.61 -2.21
CA ILE A 169 -4.39 -23.94 -0.96
C ILE A 169 -3.51 -24.64 0.08
N PRO A 170 -2.89 -25.80 -0.18
CA PRO A 170 -2.10 -26.47 0.85
C PRO A 170 -0.80 -25.77 1.22
N LEU A 171 -0.36 -24.81 0.37
CA LEU A 171 0.90 -24.15 0.69
C LEU A 171 0.68 -23.14 1.82
N LYS A 172 -0.55 -22.67 1.97
CA LYS A 172 -0.69 -21.44 2.72
C LYS A 172 -0.25 -21.61 4.19
N PRO A 173 -0.71 -22.67 4.93
CA PRO A 173 -0.24 -22.84 6.33
C PRO A 173 1.27 -22.92 6.46
N LEU A 174 1.93 -23.49 5.47
CA LEU A 174 3.36 -23.68 5.55
C LEU A 174 4.07 -22.34 5.33
N TYR A 175 3.60 -21.61 4.30
CA TYR A 175 4.17 -20.30 3.97
C TYR A 175 4.08 -19.36 5.18
N GLU A 176 2.98 -19.37 5.93
N GLU A 176 2.98 -19.39 5.94
CA GLU A 176 2.90 -18.54 7.12
CA GLU A 176 2.84 -18.57 7.14
C GLU A 176 4.00 -18.89 8.14
C GLU A 176 3.89 -18.90 8.21
N ASP A 177 4.20 -20.19 8.41
CA ASP A 177 5.24 -20.59 9.37
C ASP A 177 6.61 -20.23 8.85
N PHE A 178 6.85 -20.40 7.53
CA PHE A 178 8.13 -20.08 6.93
C PHE A 178 8.44 -18.60 7.18
N THR A 179 7.44 -17.73 6.91
CA THR A 179 7.59 -16.27 6.99
C THR A 179 8.01 -15.85 8.41
N ALA A 180 7.36 -16.44 9.40
CA ALA A 180 7.63 -16.05 10.80
C ALA A 180 9.06 -16.48 11.17
N LEU A 181 9.52 -17.68 10.70
CA LEU A 181 10.84 -18.19 11.07
C LEU A 181 11.90 -17.38 10.33
N SER A 182 11.66 -17.14 9.03
CA SER A 182 12.60 -16.36 8.28
C SER A 182 12.81 -15.00 8.96
N ASN A 183 11.70 -14.34 9.34
CA ASN A 183 11.79 -13.02 9.96
C ASN A 183 12.50 -13.07 11.32
N GLU A 184 12.20 -14.09 12.12
CA GLU A 184 12.91 -14.20 13.40
C GLU A 184 14.44 -14.30 13.19
N ALA A 185 14.87 -15.05 12.15
CA ALA A 185 16.28 -15.27 11.81
C ALA A 185 16.97 -13.97 11.42
N TYR A 186 16.41 -13.23 10.44
CA TYR A 186 17.05 -12.03 9.89
C TYR A 186 16.99 -10.88 10.88
N LYS A 187 15.99 -10.90 11.75
CA LYS A 187 15.91 -9.83 12.76
C LYS A 187 17.10 -9.87 13.72
N GLN A 188 17.59 -11.06 14.09
CA GLN A 188 18.80 -11.11 14.90
C GLN A 188 20.08 -10.65 14.19
N ASP A 189 20.07 -10.47 12.87
CA ASP A 189 21.20 -9.85 12.20
C ASP A 189 21.03 -8.34 12.12
N GLY A 190 19.91 -7.83 12.68
CA GLY A 190 19.77 -6.39 12.67
C GLY A 190 18.88 -5.84 11.54
N PHE A 191 18.26 -6.73 10.75
CA PHE A 191 17.37 -6.25 9.69
C PHE A 191 15.96 -6.12 10.26
N THR A 192 15.21 -5.12 9.77
CA THR A 192 13.80 -4.99 10.16
C THR A 192 12.98 -6.25 9.85
N ASP A 193 13.25 -6.91 8.69
CA ASP A 193 12.62 -8.17 8.28
C ASP A 193 13.42 -8.74 7.08
N THR A 194 13.03 -9.95 6.66
CA THR A 194 13.64 -10.64 5.53
C THR A 194 13.76 -9.77 4.29
N GLY A 195 12.66 -9.09 3.97
CA GLY A 195 12.62 -8.25 2.78
C GLY A 195 13.74 -7.22 2.83
N ALA A 196 14.03 -6.66 4.02
CA ALA A 196 15.08 -5.63 4.11
C ALA A 196 16.47 -6.25 3.84
N TYR A 197 16.62 -7.50 4.25
CA TYR A 197 17.84 -8.22 3.94
C TYR A 197 17.95 -8.44 2.43
N TRP A 198 16.85 -8.83 1.79
CA TRP A 198 16.92 -9.07 0.33
C TRP A 198 17.23 -7.77 -0.38
N ARG A 199 16.61 -6.65 0.06
CA ARG A 199 16.85 -5.40 -0.65
C ARG A 199 18.30 -4.93 -0.42
N SER A 200 18.94 -5.29 0.70
CA SER A 200 20.30 -4.82 0.95
C SER A 200 21.26 -5.27 -0.15
N TRP A 201 20.96 -6.35 -0.88
CA TRP A 201 21.87 -6.80 -1.93
C TRP A 201 22.12 -5.76 -3.01
N TYR A 202 21.32 -4.72 -3.09
CA TYR A 202 21.49 -3.81 -4.19
C TYR A 202 22.36 -2.64 -3.77
N ASN A 203 22.77 -2.61 -2.49
N ASN A 203 22.70 -2.60 -2.47
CA ASN A 203 23.68 -1.60 -1.91
CA ASN A 203 23.60 -1.64 -1.82
C ASN A 203 23.28 -0.20 -2.38
C ASN A 203 23.29 -0.24 -2.32
N SER A 204 22.03 0.17 -2.09
CA SER A 204 21.44 1.30 -2.76
C SER A 204 20.39 1.93 -1.86
N PRO A 205 20.72 3.13 -1.32
CA PRO A 205 19.86 3.74 -0.31
C PRO A 205 18.53 4.13 -0.93
N THR A 206 18.48 4.47 -2.22
CA THR A 206 17.19 4.85 -2.80
C THR A 206 16.59 3.73 -3.70
N PHE A 207 16.85 2.45 -3.38
CA PHE A 207 16.39 1.34 -4.20
C PHE A 207 14.91 1.47 -4.59
N GLU A 208 14.00 1.55 -3.61
CA GLU A 208 12.56 1.46 -3.82
C GLU A 208 12.09 2.61 -4.69
N ASP A 209 12.57 3.82 -4.36
CA ASP A 209 12.31 5.01 -5.15
C ASP A 209 12.79 4.88 -6.59
N ASP A 210 14.03 4.40 -6.82
CA ASP A 210 14.54 4.28 -8.19
C ASP A 210 13.66 3.34 -9.00
N LEU A 211 13.27 2.18 -8.42
CA LEU A 211 12.40 1.22 -9.09
C LEU A 211 11.10 1.92 -9.48
N GLU A 212 10.48 2.63 -8.51
CA GLU A 212 9.20 3.31 -8.73
C GLU A 212 9.35 4.27 -9.90
N HIS A 213 10.51 4.92 -9.94
CA HIS A 213 10.77 5.91 -10.98
C HIS A 213 10.90 5.19 -12.30
N LEU A 214 11.54 4.01 -12.34
CA LEU A 214 11.71 3.34 -13.63
C LEU A 214 10.32 2.88 -14.08
N TYR A 215 9.54 2.32 -13.12
CA TYR A 215 8.22 1.83 -13.47
C TYR A 215 7.35 2.92 -14.14
N GLN A 216 7.31 4.10 -13.52
CA GLN A 216 6.60 5.24 -14.10
C GLN A 216 6.98 5.55 -15.55
N GLN A 217 8.25 5.42 -15.95
CA GLN A 217 8.60 5.59 -17.36
C GLN A 217 8.11 4.46 -18.26
N LEU A 218 7.94 3.25 -17.72
CA LEU A 218 7.64 2.04 -18.48
C LEU A 218 6.14 1.88 -18.59
N GLU A 219 5.37 2.42 -17.62
CA GLU A 219 3.94 2.08 -17.54
C GLU A 219 3.16 2.39 -18.83
N PRO A 220 3.36 3.55 -19.49
CA PRO A 220 2.62 3.84 -20.73
C PRO A 220 2.77 2.77 -21.83
N LEU A 221 3.98 2.20 -21.98
CA LEU A 221 4.22 1.09 -22.91
C LEU A 221 3.35 -0.12 -22.55
N TYR A 222 3.26 -0.44 -21.23
CA TYR A 222 2.48 -1.61 -20.85
C TYR A 222 1.01 -1.30 -21.13
N LEU A 223 0.55 -0.07 -20.81
CA LEU A 223 -0.88 0.24 -20.91
C LEU A 223 -1.39 0.17 -22.36
N ASN A 224 -0.53 0.60 -23.28
CA ASN A 224 -0.87 0.51 -24.72
C ASN A 224 -0.92 -0.92 -25.22
N LEU A 225 0.05 -1.71 -24.74
CA LEU A 225 0.11 -3.11 -25.09
C LEU A 225 -1.12 -3.84 -24.56
N HIS A 226 -1.45 -3.61 -23.28
CA HIS A 226 -2.58 -4.20 -22.59
C HIS A 226 -3.89 -3.95 -23.36
N ALA A 227 -4.13 -2.70 -23.74
CA ALA A 227 -5.41 -2.30 -24.35
C ALA A 227 -5.49 -2.91 -25.78
N PHE A 228 -4.34 -3.01 -26.44
CA PHE A 228 -4.34 -3.61 -27.81
C PHE A 228 -4.65 -5.10 -27.70
N VAL A 229 -4.10 -5.71 -26.66
CA VAL A 229 -4.32 -7.15 -26.53
C VAL A 229 -5.76 -7.41 -26.11
N ARG A 230 -6.25 -6.57 -25.18
CA ARG A 230 -7.61 -6.68 -24.68
C ARG A 230 -8.58 -6.62 -25.87
N ARG A 231 -8.30 -5.73 -26.80
CA ARG A 231 -9.15 -5.61 -28.00
C ARG A 231 -9.21 -6.93 -28.79
N ALA A 232 -8.08 -7.61 -28.94
CA ALA A 232 -8.06 -8.87 -29.68
C ALA A 232 -8.76 -9.97 -28.90
N LEU A 233 -8.64 -9.93 -27.53
CA LEU A 233 -9.31 -10.98 -26.80
C LEU A 233 -10.82 -10.74 -26.93
N HIS A 234 -11.22 -9.46 -27.09
CA HIS A 234 -12.65 -9.12 -27.10
C HIS A 234 -13.24 -9.75 -28.38
N ARG A 235 -12.55 -9.59 -29.49
CA ARG A 235 -13.01 -10.20 -30.72
CA ARG A 235 -12.92 -10.20 -30.76
C ARG A 235 -13.03 -11.71 -30.61
N ARG A 236 -12.19 -12.30 -29.74
N ARG A 236 -12.18 -12.31 -29.76
CA ARG A 236 -12.11 -13.76 -29.73
CA ARG A 236 -12.19 -13.77 -29.74
C ARG A 236 -13.00 -14.42 -28.68
C ARG A 236 -13.30 -14.27 -28.82
N TYR A 237 -13.41 -13.68 -27.63
CA TYR A 237 -14.20 -14.28 -26.57
C TYR A 237 -15.58 -13.60 -26.38
N GLY A 238 -15.72 -12.39 -26.88
CA GLY A 238 -17.02 -11.76 -26.80
C GLY A 238 -17.14 -10.83 -25.59
N ASP A 239 -18.20 -10.03 -25.61
CA ASP A 239 -18.44 -8.96 -24.66
C ASP A 239 -18.72 -9.52 -23.27
N ARG A 240 -19.16 -10.79 -23.17
CA ARG A 240 -19.51 -11.33 -21.87
C ARG A 240 -18.25 -11.64 -21.04
N TYR A 241 -17.14 -11.98 -21.71
CA TYR A 241 -15.97 -12.49 -20.98
C TYR A 241 -14.86 -11.46 -20.95
N ILE A 242 -15.02 -10.41 -21.76
CA ILE A 242 -14.01 -9.39 -21.92
C ILE A 242 -14.69 -8.05 -21.79
N ASN A 243 -14.13 -7.20 -20.89
CA ASN A 243 -14.60 -5.83 -20.66
C ASN A 243 -13.53 -4.87 -21.17
N LEU A 244 -13.85 -4.12 -22.21
CA LEU A 244 -12.87 -3.25 -22.83
C LEU A 244 -12.48 -2.12 -21.92
N ARG A 245 -13.12 -2.00 -20.76
CA ARG A 245 -12.70 -0.93 -19.85
C ARG A 245 -12.30 -1.54 -18.52
N GLY A 246 -12.28 -2.88 -18.40
CA GLY A 246 -11.86 -3.48 -17.14
C GLY A 246 -10.57 -4.31 -17.27
N PRO A 247 -10.15 -5.00 -16.18
CA PRO A 247 -9.01 -5.91 -16.25
C PRO A 247 -9.31 -7.10 -17.15
N ILE A 248 -8.22 -7.65 -17.69
CA ILE A 248 -8.31 -8.85 -18.53
C ILE A 248 -8.38 -10.10 -17.65
N PRO A 249 -9.28 -11.08 -17.91
CA PRO A 249 -9.24 -12.34 -17.15
C PRO A 249 -7.86 -12.97 -17.19
N ALA A 250 -7.39 -13.52 -16.04
CA ALA A 250 -5.96 -13.81 -15.85
C ALA A 250 -5.54 -15.08 -16.61
N HIS A 251 -6.49 -15.84 -17.20
CA HIS A 251 -6.17 -17.15 -17.79
C HIS A 251 -6.07 -17.06 -19.31
N LEU A 252 -6.13 -15.86 -19.89
CA LEU A 252 -6.31 -15.73 -21.34
C LEU A 252 -5.05 -15.23 -22.05
N LEU A 253 -3.91 -15.11 -21.36
CA LEU A 253 -2.76 -14.41 -21.93
C LEU A 253 -1.60 -15.33 -22.28
N GLY A 254 -1.80 -16.65 -22.16
CA GLY A 254 -0.95 -17.65 -22.80
C GLY A 254 0.02 -18.29 -21.83
N ASP A 255 -0.16 -17.95 -20.55
CA ASP A 255 0.78 -18.29 -19.50
C ASP A 255 -0.01 -18.35 -18.19
N MET A 256 0.24 -19.35 -17.35
CA MET A 256 -0.44 -19.57 -16.11
C MET A 256 -0.46 -18.30 -15.22
N TRP A 257 0.56 -17.45 -15.27
CA TRP A 257 0.71 -16.28 -14.38
C TRP A 257 0.40 -14.98 -15.15
N ALA A 258 0.10 -15.09 -16.44
CA ALA A 258 -0.09 -13.94 -17.33
C ALA A 258 1.19 -13.12 -17.34
N GLN A 259 2.34 -13.80 -17.16
CA GLN A 259 3.53 -12.98 -16.94
C GLN A 259 4.28 -12.64 -18.21
N SER A 260 4.05 -13.39 -19.28
CA SER A 260 4.44 -12.86 -20.57
C SER A 260 3.52 -13.51 -21.60
N TRP A 261 3.35 -12.77 -22.71
CA TRP A 261 2.14 -12.98 -23.51
C TRP A 261 2.53 -13.52 -24.89
N GLU A 262 3.81 -13.89 -25.07
CA GLU A 262 4.23 -14.36 -26.40
C GLU A 262 3.38 -15.51 -26.93
N ASN A 263 2.87 -16.35 -26.05
CA ASN A 263 2.11 -17.48 -26.56
C ASN A 263 0.80 -17.08 -27.26
N ILE A 264 0.34 -15.83 -27.12
CA ILE A 264 -0.90 -15.54 -27.83
C ILE A 264 -0.58 -14.64 -29.00
N TYR A 265 0.71 -14.54 -29.39
CA TYR A 265 1.11 -13.87 -30.62
C TYR A 265 0.23 -14.25 -31.82
N ASP A 266 -0.12 -15.52 -31.95
CA ASP A 266 -0.87 -15.90 -33.13
C ASP A 266 -2.31 -15.35 -33.06
N MET A 267 -2.71 -14.80 -31.91
CA MET A 267 -4.03 -14.17 -31.84
C MET A 267 -3.95 -12.68 -32.11
N VAL A 268 -2.75 -12.06 -32.05
CA VAL A 268 -2.68 -10.60 -32.07
C VAL A 268 -1.75 -10.07 -33.15
N VAL A 269 -0.98 -10.97 -33.79
CA VAL A 269 -0.05 -10.53 -34.81
C VAL A 269 -0.89 -9.76 -35.81
N PRO A 270 -0.54 -8.48 -36.11
CA PRO A 270 -1.26 -7.71 -37.13
C PRO A 270 -1.15 -8.14 -38.60
N PHE A 271 -0.04 -8.78 -38.99
CA PHE A 271 0.13 -9.14 -40.39
C PHE A 271 0.42 -10.62 -40.47
N PRO A 272 -0.61 -11.47 -40.30
CA PRO A 272 -0.36 -12.92 -40.11
C PRO A 272 -0.04 -13.65 -41.41
N ASP A 273 -0.03 -12.88 -42.52
CA ASP A 273 0.39 -13.41 -43.81
C ASP A 273 1.91 -13.32 -43.99
N LYS A 274 2.62 -12.48 -43.19
CA LYS A 274 4.08 -12.41 -43.25
C LYS A 274 4.66 -13.68 -42.63
N PRO A 275 5.98 -13.97 -42.76
CA PRO A 275 6.50 -15.27 -42.29
C PRO A 275 6.31 -15.32 -40.77
N ASN A 276 5.90 -16.48 -40.25
CA ASN A 276 5.65 -16.66 -38.82
C ASN A 276 6.97 -16.53 -38.05
N LEU A 277 7.01 -15.57 -37.10
CA LEU A 277 8.21 -15.27 -36.33
C LEU A 277 8.32 -16.18 -35.13
N ASP A 278 7.30 -17.00 -34.90
CA ASP A 278 7.42 -18.11 -33.96
C ASP A 278 7.90 -19.35 -34.74
N VAL A 279 9.16 -19.77 -34.53
CA VAL A 279 9.77 -20.80 -35.35
C VAL A 279 9.48 -22.18 -34.76
N THR A 280 8.64 -22.24 -33.73
CA THR A 280 8.40 -23.55 -33.10
C THR A 280 8.17 -24.66 -34.14
N SER A 281 7.20 -24.44 -35.05
CA SER A 281 6.79 -25.54 -35.93
C SER A 281 7.91 -25.91 -36.92
N THR A 282 8.77 -24.96 -37.33
CA THR A 282 10.03 -25.23 -38.04
C THR A 282 10.96 -26.11 -37.18
N MET A 283 11.11 -25.79 -35.88
CA MET A 283 12.04 -26.57 -35.07
C MET A 283 11.49 -28.00 -35.02
N LEU A 284 10.16 -28.16 -34.98
CA LEU A 284 9.63 -29.52 -34.90
C LEU A 284 9.79 -30.23 -36.26
N GLN A 285 9.59 -29.50 -37.36
CA GLN A 285 9.71 -30.12 -38.67
C GLN A 285 11.16 -30.51 -38.93
N GLN A 286 12.13 -29.70 -38.49
CA GLN A 286 13.53 -30.09 -38.68
C GLN A 286 14.01 -31.12 -37.66
N GLY A 287 13.21 -31.47 -36.64
CA GLY A 287 13.66 -32.53 -35.77
C GLY A 287 14.53 -32.03 -34.61
N TRP A 288 14.47 -30.74 -34.27
CA TRP A 288 15.19 -30.24 -33.09
C TRP A 288 14.88 -31.07 -31.85
N GLN A 289 15.90 -31.27 -31.02
CA GLN A 289 15.73 -31.89 -29.72
C GLN A 289 16.38 -30.97 -28.70
N ALA A 290 16.18 -31.31 -27.42
CA ALA A 290 16.72 -30.55 -26.32
C ALA A 290 18.22 -30.37 -26.50
N THR A 291 18.93 -31.41 -26.95
N THR A 291 18.89 -31.45 -26.94
CA THR A 291 20.38 -31.31 -26.97
CA THR A 291 20.34 -31.46 -27.07
C THR A 291 20.81 -30.30 -28.04
C THR A 291 20.80 -30.37 -28.04
N HIS A 292 20.07 -30.22 -29.15
CA HIS A 292 20.46 -29.27 -30.19
C HIS A 292 20.22 -27.82 -29.76
N MET A 293 19.17 -27.62 -28.94
CA MET A 293 18.88 -26.33 -28.30
C MET A 293 20.07 -25.87 -27.50
N PHE A 294 20.56 -26.76 -26.62
CA PHE A 294 21.66 -26.35 -25.75
C PHE A 294 22.95 -26.13 -26.56
N ARG A 295 23.18 -26.94 -27.63
CA ARG A 295 24.42 -26.84 -28.41
C ARG A 295 24.33 -25.55 -29.22
N VAL A 296 23.12 -25.20 -29.68
CA VAL A 296 23.02 -23.92 -30.41
C VAL A 296 23.23 -22.72 -29.47
N ALA A 297 22.70 -22.80 -28.23
CA ALA A 297 22.99 -21.71 -27.29
C ALA A 297 24.50 -21.64 -27.00
N GLU A 298 25.10 -22.80 -26.70
CA GLU A 298 26.53 -22.81 -26.41
C GLU A 298 27.37 -22.15 -27.52
N GLU A 299 27.11 -22.48 -28.79
CA GLU A 299 27.89 -21.96 -29.89
C GLU A 299 27.77 -20.44 -29.96
N PHE A 300 26.60 -19.87 -29.62
CA PHE A 300 26.49 -18.42 -29.54
C PHE A 300 27.54 -17.91 -28.56
N PHE A 301 27.60 -18.54 -27.38
CA PHE A 301 28.48 -18.02 -26.35
C PHE A 301 29.93 -18.14 -26.88
N THR A 302 30.27 -19.27 -27.54
CA THR A 302 31.68 -19.49 -27.95
C THR A 302 32.04 -18.56 -29.12
N SER A 303 31.04 -18.18 -29.94
CA SER A 303 31.24 -17.22 -31.04
C SER A 303 31.73 -15.87 -30.52
N LEU A 304 31.44 -15.58 -29.24
CA LEU A 304 31.78 -14.37 -28.51
C LEU A 304 33.14 -14.54 -27.84
N GLU A 305 33.75 -15.72 -27.98
CA GLU A 305 34.96 -16.10 -27.24
C GLU A 305 34.70 -16.13 -25.73
N LEU A 306 33.50 -16.55 -25.33
CA LEU A 306 33.28 -16.95 -23.94
C LEU A 306 33.46 -18.47 -23.86
N SER A 307 33.30 -19.09 -22.69
CA SER A 307 33.64 -20.49 -22.57
C SER A 307 32.56 -21.41 -23.11
N PRO A 308 33.00 -22.56 -23.67
CA PRO A 308 32.10 -23.71 -23.93
C PRO A 308 31.59 -24.32 -22.64
N MET A 309 30.47 -25.05 -22.73
CA MET A 309 30.08 -25.87 -21.59
C MET A 309 31.13 -26.97 -21.36
N PRO A 310 31.65 -27.19 -20.12
CA PRO A 310 32.57 -28.31 -19.88
C PRO A 310 31.93 -29.69 -20.01
N PRO A 311 32.77 -30.75 -20.13
CA PRO A 311 32.26 -32.14 -20.10
C PRO A 311 31.33 -32.48 -18.96
N GLU A 312 31.74 -32.04 -17.77
CA GLU A 312 30.91 -32.27 -16.59
C GLU A 312 29.48 -31.72 -16.77
N PHE A 313 29.32 -30.63 -17.54
CA PHE A 313 27.99 -30.05 -17.82
C PHE A 313 27.18 -31.04 -18.65
N TRP A 314 27.75 -31.54 -19.77
CA TRP A 314 27.02 -32.49 -20.62
C TRP A 314 26.78 -33.84 -19.92
N GLU A 315 27.76 -34.31 -19.18
CA GLU A 315 27.58 -35.61 -18.52
C GLU A 315 26.55 -35.52 -17.37
N GLY A 316 26.42 -34.35 -16.73
CA GLY A 316 25.69 -34.26 -15.47
C GLY A 316 24.28 -33.66 -15.61
N SER A 317 24.07 -32.84 -16.62
CA SER A 317 22.84 -32.06 -16.66
C SER A 317 21.65 -32.99 -16.93
N MET A 318 20.46 -32.54 -16.53
CA MET A 318 19.21 -33.17 -16.91
C MET A 318 18.48 -32.24 -17.87
N LEU A 319 18.45 -32.64 -19.16
CA LEU A 319 18.01 -31.73 -20.21
C LEU A 319 16.61 -32.06 -20.69
N GLU A 320 16.03 -33.12 -20.16
CA GLU A 320 14.71 -33.49 -20.63
C GLU A 320 13.99 -34.08 -19.44
N LYS A 321 12.65 -34.13 -19.45
CA LYS A 321 11.96 -34.75 -18.34
C LYS A 321 12.20 -36.26 -18.35
N PRO A 322 12.67 -36.89 -17.24
CA PRO A 322 12.89 -38.35 -17.22
C PRO A 322 11.60 -39.12 -17.53
N ALA A 323 11.72 -40.15 -18.35
CA ALA A 323 10.57 -40.94 -18.76
C ALA A 323 10.28 -42.06 -17.74
N ASP A 324 11.18 -42.27 -16.79
CA ASP A 324 11.25 -43.51 -16.01
C ASP A 324 10.36 -43.48 -14.78
N GLY A 325 9.21 -42.78 -14.79
CA GLY A 325 8.30 -42.64 -13.64
C GLY A 325 8.92 -42.11 -12.33
N ARG A 326 9.58 -40.94 -12.37
CA ARG A 326 10.26 -40.33 -11.23
C ARG A 326 9.72 -38.89 -11.11
N GLU A 327 9.61 -38.36 -9.89
CA GLU A 327 9.16 -36.99 -9.75
C GLU A 327 10.38 -36.08 -9.74
N VAL A 328 10.30 -35.02 -10.55
CA VAL A 328 11.36 -34.03 -10.66
C VAL A 328 10.77 -32.62 -10.46
N VAL A 329 11.64 -31.68 -10.10
CA VAL A 329 11.28 -30.27 -10.20
C VAL A 329 11.47 -29.89 -11.66
N CYS A 330 10.38 -29.67 -12.39
N CYS A 330 10.34 -29.65 -12.31
CA CYS A 330 10.55 -29.39 -13.81
CA CYS A 330 10.30 -29.35 -13.73
C CYS A 330 10.94 -27.93 -14.12
C CYS A 330 10.96 -27.99 -14.04
N HIS A 331 10.75 -26.99 -13.18
CA HIS A 331 11.08 -25.59 -13.45
C HIS A 331 12.60 -25.53 -13.73
N ALA A 332 12.98 -24.89 -14.84
CA ALA A 332 14.36 -24.84 -15.34
C ALA A 332 15.28 -24.16 -14.33
N SER A 333 16.47 -24.69 -14.13
CA SER A 333 17.37 -24.01 -13.22
C SER A 333 18.84 -24.33 -13.52
N ALA A 334 19.72 -23.46 -13.03
CA ALA A 334 21.16 -23.59 -13.30
C ALA A 334 21.81 -23.85 -11.97
N TRP A 335 22.97 -24.55 -12.00
CA TRP A 335 23.54 -25.07 -10.76
C TRP A 335 25.06 -24.93 -10.74
N ASP A 336 25.60 -24.30 -9.69
CA ASP A 336 27.06 -24.19 -9.51
C ASP A 336 27.33 -25.00 -8.25
N PHE A 337 28.15 -26.04 -8.37
CA PHE A 337 28.46 -26.88 -7.22
C PHE A 337 29.56 -26.28 -6.38
N TYR A 338 30.07 -25.08 -6.71
CA TYR A 338 31.11 -24.49 -5.87
C TYR A 338 32.40 -25.35 -5.77
N ASN A 339 32.69 -26.25 -6.73
CA ASN A 339 33.96 -27.00 -6.70
C ASN A 339 34.83 -26.59 -7.90
N ARG A 340 34.42 -25.55 -8.65
CA ARG A 340 35.14 -25.03 -9.80
C ARG A 340 35.14 -26.00 -11.00
N LYS A 341 34.39 -27.13 -10.91
CA LYS A 341 34.36 -28.18 -11.91
C LYS A 341 32.95 -28.48 -12.42
N ASP A 342 32.02 -28.77 -11.51
CA ASP A 342 30.67 -29.17 -11.86
C ASP A 342 29.72 -27.98 -11.93
N PHE A 343 29.07 -27.89 -13.09
CA PHE A 343 28.04 -26.90 -13.38
C PHE A 343 27.02 -27.63 -14.21
N ARG A 344 25.72 -27.47 -13.88
CA ARG A 344 24.72 -28.19 -14.64
C ARG A 344 23.45 -27.36 -14.84
N ILE A 345 22.62 -27.79 -15.80
CA ILE A 345 21.24 -27.29 -15.92
C ILE A 345 20.30 -28.48 -15.73
N LYS A 346 19.15 -28.21 -15.08
CA LYS A 346 18.06 -29.15 -14.89
C LYS A 346 16.86 -28.48 -15.55
N GLN A 347 16.48 -28.96 -16.75
CA GLN A 347 15.34 -28.36 -17.43
C GLN A 347 14.53 -29.47 -18.09
N CYS A 348 13.19 -29.46 -17.91
CA CYS A 348 12.33 -30.36 -18.67
C CYS A 348 12.04 -29.76 -20.06
N THR A 349 13.06 -29.72 -20.89
CA THR A 349 13.08 -28.96 -22.13
C THR A 349 12.04 -29.49 -23.10
N ARG A 350 11.29 -28.59 -23.67
CA ARG A 350 10.32 -28.91 -24.71
C ARG A 350 10.83 -28.14 -25.94
N VAL A 351 10.60 -28.70 -27.14
CA VAL A 351 11.02 -28.04 -28.34
C VAL A 351 10.02 -26.96 -28.75
N THR A 352 10.31 -25.70 -28.34
CA THR A 352 9.52 -24.53 -28.72
C THR A 352 10.49 -23.37 -28.72
N MET A 353 10.09 -22.29 -29.40
CA MET A 353 10.92 -21.11 -29.47
C MET A 353 11.03 -20.47 -28.06
N ASP A 354 9.97 -20.47 -27.24
CA ASP A 354 10.19 -19.78 -25.95
C ASP A 354 11.07 -20.58 -24.96
N GLN A 355 11.07 -21.91 -25.07
CA GLN A 355 12.02 -22.81 -24.45
C GLN A 355 13.46 -22.57 -24.91
N LEU A 356 13.67 -22.22 -26.19
CA LEU A 356 15.00 -21.88 -26.69
C LEU A 356 15.52 -20.63 -25.96
N SER A 357 14.61 -19.66 -25.74
N SER A 357 14.61 -19.65 -25.79
CA SER A 357 14.91 -18.49 -24.91
CA SER A 357 14.86 -18.51 -24.91
C SER A 357 15.20 -18.83 -23.43
C SER A 357 15.27 -18.93 -23.49
N THR A 358 14.47 -19.75 -22.84
CA THR A 358 14.80 -20.21 -21.47
C THR A 358 16.17 -20.91 -21.47
N VAL A 359 16.47 -21.73 -22.49
CA VAL A 359 17.76 -22.38 -22.56
C VAL A 359 18.91 -21.35 -22.52
N HIS A 360 18.76 -20.22 -23.27
CA HIS A 360 19.82 -19.22 -23.24
C HIS A 360 19.84 -18.57 -21.85
N HIS A 361 18.67 -18.39 -21.26
CA HIS A 361 18.58 -17.73 -19.95
C HIS A 361 19.39 -18.58 -18.96
N GLU A 362 19.11 -19.88 -18.85
CA GLU A 362 19.82 -20.72 -17.88
C GLU A 362 21.33 -20.80 -18.21
N MET A 363 21.66 -20.86 -19.51
CA MET A 363 23.06 -20.95 -19.85
C MET A 363 23.84 -19.68 -19.50
N GLY A 364 23.19 -18.49 -19.55
CA GLY A 364 23.78 -17.25 -19.05
C GLY A 364 24.21 -17.36 -17.58
N HIS A 365 23.45 -18.09 -16.78
CA HIS A 365 23.81 -18.33 -15.38
C HIS A 365 25.09 -19.18 -15.39
N ILE A 366 25.11 -20.26 -16.21
CA ILE A 366 26.28 -21.13 -16.23
C ILE A 366 27.51 -20.35 -16.69
N GLN A 367 27.38 -19.54 -17.75
CA GLN A 367 28.53 -18.82 -18.24
C GLN A 367 29.12 -17.94 -17.14
N TYR A 368 28.26 -17.21 -16.41
CA TYR A 368 28.71 -16.43 -15.25
C TYR A 368 29.55 -17.31 -14.32
N TYR A 369 28.98 -18.46 -13.93
CA TYR A 369 29.72 -19.37 -13.06
C TYR A 369 31.09 -19.74 -13.67
N LEU A 370 31.17 -20.01 -14.98
CA LEU A 370 32.40 -20.43 -15.60
C LEU A 370 33.41 -19.28 -15.53
N GLN A 371 32.92 -18.04 -15.68
CA GLN A 371 33.76 -16.85 -15.78
C GLN A 371 34.38 -16.45 -14.46
N TYR A 372 33.75 -16.76 -13.33
CA TYR A 372 34.23 -16.26 -12.06
C TYR A 372 34.67 -17.39 -11.16
N LYS A 373 34.76 -18.63 -11.71
CA LYS A 373 35.01 -19.79 -10.86
C LYS A 373 36.39 -19.68 -10.17
N ASP A 374 37.25 -18.76 -10.63
CA ASP A 374 38.55 -18.61 -9.98
C ASP A 374 38.47 -17.67 -8.78
N LEU A 375 37.42 -16.86 -8.65
CA LEU A 375 37.30 -15.97 -7.51
C LEU A 375 37.10 -16.73 -6.19
N PRO A 376 37.59 -16.21 -5.02
CA PRO A 376 37.13 -16.71 -3.70
C PRO A 376 35.60 -16.74 -3.63
N VAL A 377 35.03 -17.76 -2.96
CA VAL A 377 33.61 -18.11 -3.05
C VAL A 377 32.69 -16.91 -2.86
N SER A 378 32.98 -16.06 -1.89
CA SER A 378 32.01 -15.01 -1.55
C SER A 378 31.90 -13.99 -2.69
N LEU A 379 32.83 -14.01 -3.65
CA LEU A 379 32.72 -13.08 -4.75
C LEU A 379 32.07 -13.77 -5.97
N ARG A 380 31.68 -15.04 -5.78
CA ARG A 380 31.07 -15.81 -6.86
C ARG A 380 29.57 -15.52 -6.89
N ARG A 381 29.23 -14.27 -7.22
CA ARG A 381 27.84 -13.87 -7.32
C ARG A 381 27.85 -12.86 -8.44
N GLY A 382 26.66 -12.54 -9.00
CA GLY A 382 26.62 -11.46 -9.96
C GLY A 382 26.89 -10.11 -9.30
N ALA A 383 27.18 -9.07 -10.08
CA ALA A 383 27.46 -7.77 -9.47
C ALA A 383 26.28 -7.29 -8.60
N ASN A 384 25.04 -7.54 -9.04
CA ASN A 384 23.88 -7.72 -8.18
C ASN A 384 23.01 -8.86 -8.75
N PRO A 385 22.01 -9.40 -8.06
CA PRO A 385 21.26 -10.54 -8.64
C PRO A 385 20.63 -10.29 -10.03
N GLY A 386 20.26 -9.03 -10.29
CA GLY A 386 19.74 -8.62 -11.60
C GLY A 386 20.75 -8.90 -12.73
N PHE A 387 22.05 -8.76 -12.46
CA PHE A 387 23.07 -9.01 -13.49
C PHE A 387 23.08 -10.49 -13.89
N HIS A 388 22.94 -11.36 -12.89
CA HIS A 388 22.97 -12.78 -13.18
C HIS A 388 21.78 -13.12 -14.06
N GLU A 389 20.63 -12.46 -13.81
CA GLU A 389 19.45 -12.82 -14.60
C GLU A 389 19.55 -12.19 -15.98
N ALA A 390 20.45 -11.20 -16.20
CA ALA A 390 20.34 -10.47 -17.48
C ALA A 390 21.16 -11.18 -18.60
N ILE A 391 22.13 -12.06 -18.22
CA ILE A 391 23.25 -12.43 -19.12
C ILE A 391 22.74 -13.20 -20.34
N GLY A 392 21.97 -14.27 -20.11
CA GLY A 392 21.49 -15.04 -21.24
C GLY A 392 20.38 -14.33 -22.00
N ASP A 393 19.58 -13.51 -21.30
CA ASP A 393 18.57 -12.66 -21.92
C ASP A 393 19.22 -11.74 -22.97
N VAL A 394 20.43 -11.26 -22.72
CA VAL A 394 21.03 -10.36 -23.70
C VAL A 394 21.31 -11.13 -25.00
N LEU A 395 21.94 -12.32 -24.91
CA LEU A 395 22.23 -13.13 -26.08
C LEU A 395 20.90 -13.49 -26.74
N ALA A 396 19.85 -13.82 -25.93
CA ALA A 396 18.57 -14.12 -26.60
C ALA A 396 17.97 -12.95 -27.38
N LEU A 397 18.28 -11.71 -27.01
CA LEU A 397 17.86 -10.57 -27.82
C LEU A 397 18.37 -10.62 -29.28
N SER A 398 19.66 -10.93 -29.46
CA SER A 398 20.28 -11.23 -30.76
C SER A 398 19.71 -12.45 -31.43
N VAL A 399 19.61 -13.55 -30.70
CA VAL A 399 19.14 -14.81 -31.28
C VAL A 399 17.74 -14.66 -31.89
N SER A 400 16.86 -13.87 -31.27
N SER A 400 16.88 -13.85 -31.26
CA SER A 400 15.46 -13.80 -31.69
CA SER A 400 15.47 -13.76 -31.64
C SER A 400 15.26 -13.03 -32.99
C SER A 400 15.27 -13.02 -32.98
N THR A 401 16.29 -12.26 -33.40
CA THR A 401 16.13 -11.29 -34.49
C THR A 401 15.88 -12.12 -35.73
N PRO A 402 14.99 -11.70 -36.66
CA PRO A 402 14.74 -12.48 -37.87
C PRO A 402 15.98 -12.83 -38.70
N GLU A 403 16.94 -11.90 -38.73
CA GLU A 403 18.20 -12.09 -39.45
C GLU A 403 18.96 -13.28 -38.85
N HIS A 404 19.10 -13.25 -37.53
CA HIS A 404 19.80 -14.34 -36.87
C HIS A 404 19.07 -15.67 -37.03
N LEU A 405 17.73 -15.72 -36.90
CA LEU A 405 16.98 -16.95 -37.11
C LEU A 405 17.23 -17.47 -38.52
N HIS A 406 17.29 -16.54 -39.49
CA HIS A 406 17.68 -16.93 -40.85
C HIS A 406 19.08 -17.53 -40.89
N LYS A 407 20.04 -16.95 -40.18
CA LYS A 407 21.39 -17.53 -40.20
C LYS A 407 21.40 -18.96 -39.67
N ILE A 408 20.50 -19.29 -38.73
CA ILE A 408 20.53 -20.60 -38.10
C ILE A 408 19.49 -21.50 -38.74
N GLY A 409 19.05 -21.15 -39.95
CA GLY A 409 18.19 -22.05 -40.69
C GLY A 409 16.74 -22.15 -40.17
N LEU A 410 16.26 -21.23 -39.33
CA LEU A 410 14.92 -21.39 -38.73
C LEU A 410 13.85 -20.52 -39.42
N LEU A 411 14.27 -19.55 -40.25
CA LEU A 411 13.38 -18.67 -41.03
C LEU A 411 14.00 -18.43 -42.42
N ASP A 412 13.19 -18.50 -43.51
CA ASP A 412 13.61 -18.07 -44.84
C ASP A 412 13.55 -16.56 -44.87
N ARG A 413 14.69 -15.91 -45.19
CA ARG A 413 14.95 -14.47 -45.01
C ARG A 413 13.66 -13.66 -45.11
N VAL A 414 13.56 -12.61 -44.30
CA VAL A 414 12.34 -11.81 -44.32
C VAL A 414 12.70 -10.56 -45.10
N THR A 415 11.76 -10.10 -45.93
CA THR A 415 11.94 -8.78 -46.52
C THR A 415 11.95 -7.80 -45.36
N ASN A 416 12.78 -6.77 -45.47
CA ASN A 416 13.03 -5.86 -44.39
C ASN A 416 12.03 -4.71 -44.52
N ASP A 417 10.73 -5.04 -44.38
CA ASP A 417 9.64 -4.06 -44.41
C ASP A 417 9.07 -3.79 -43.02
N THR A 418 8.32 -2.67 -42.92
CA THR A 418 7.76 -2.14 -41.68
C THR A 418 6.79 -3.17 -41.08
N GLU A 419 6.04 -3.89 -41.92
CA GLU A 419 5.12 -4.92 -41.45
C GLU A 419 5.86 -6.03 -40.68
N SER A 420 7.01 -6.47 -41.21
CA SER A 420 7.86 -7.47 -40.58
C SER A 420 8.43 -6.93 -39.26
N ASP A 421 8.89 -5.67 -39.31
CA ASP A 421 9.39 -4.96 -38.15
C ASP A 421 8.39 -4.89 -36.99
N ILE A 422 7.12 -4.54 -37.29
CA ILE A 422 6.09 -4.35 -36.28
C ILE A 422 5.72 -5.75 -35.76
N ASN A 423 5.71 -6.71 -36.66
CA ASN A 423 5.40 -8.06 -36.24
C ASN A 423 6.40 -8.49 -35.17
N TYR A 424 7.69 -8.18 -35.40
CA TYR A 424 8.78 -8.65 -34.56
C TYR A 424 8.78 -7.89 -33.22
N LEU A 425 8.73 -6.56 -33.28
CA LEU A 425 8.67 -5.75 -32.08
C LEU A 425 7.46 -6.06 -31.19
N LEU A 426 6.29 -6.30 -31.79
CA LEU A 426 5.13 -6.71 -31.04
C LEU A 426 5.39 -8.05 -30.35
N LYS A 427 5.97 -9.03 -31.06
CA LYS A 427 6.21 -10.28 -30.40
C LYS A 427 7.18 -10.06 -29.23
N MET A 428 8.16 -9.14 -29.39
CA MET A 428 9.15 -8.90 -28.38
C MET A 428 8.50 -8.16 -27.20
N ALA A 429 7.51 -7.31 -27.54
CA ALA A 429 6.75 -6.62 -26.51
C ALA A 429 5.95 -7.62 -25.68
N LEU A 430 5.34 -8.60 -26.34
CA LEU A 430 4.56 -9.59 -25.58
C LEU A 430 5.44 -10.34 -24.56
N GLU A 431 6.72 -10.55 -24.94
CA GLU A 431 7.65 -11.26 -24.09
C GLU A 431 8.20 -10.36 -22.96
N LYS A 432 8.58 -9.13 -23.28
CA LYS A 432 9.40 -8.33 -22.38
C LYS A 432 8.52 -7.27 -21.68
N ILE A 433 7.77 -6.48 -22.46
N ILE A 433 7.76 -6.49 -22.45
CA ILE A 433 6.96 -5.42 -21.90
CA ILE A 433 6.95 -5.42 -21.84
C ILE A 433 5.85 -6.00 -21.01
C ILE A 433 5.86 -6.03 -20.96
N ALA A 434 5.20 -7.09 -21.43
CA ALA A 434 4.09 -7.61 -20.63
C ALA A 434 4.58 -8.13 -19.27
N PHE A 435 5.86 -8.49 -19.18
CA PHE A 435 6.49 -8.99 -17.96
C PHE A 435 6.69 -7.90 -16.92
N LEU A 436 7.01 -6.67 -17.36
CA LEU A 436 7.44 -5.63 -16.45
C LEU A 436 6.56 -5.46 -15.21
N PRO A 437 5.19 -5.34 -15.28
CA PRO A 437 4.43 -5.21 -14.06
C PRO A 437 4.53 -6.42 -13.15
N PHE A 438 4.59 -7.62 -13.70
CA PHE A 438 4.59 -8.79 -12.82
C PHE A 438 5.97 -8.88 -12.15
N GLY A 439 7.02 -8.55 -12.92
CA GLY A 439 8.34 -8.51 -12.31
C GLY A 439 8.43 -7.57 -11.13
N TYR A 440 7.76 -6.40 -11.26
CA TYR A 440 7.75 -5.42 -10.18
C TYR A 440 6.88 -5.87 -9.00
N LEU A 441 5.68 -6.40 -9.28
CA LEU A 441 4.69 -6.60 -8.24
C LEU A 441 4.97 -7.80 -7.29
N VAL A 442 5.66 -8.83 -7.77
CA VAL A 442 5.78 -10.03 -6.94
C VAL A 442 6.50 -9.75 -5.62
N ASP A 443 7.64 -9.05 -5.69
CA ASP A 443 8.32 -8.72 -4.44
C ASP A 443 7.60 -7.60 -3.67
N GLN A 444 6.88 -6.67 -4.35
CA GLN A 444 6.05 -5.75 -3.55
C GLN A 444 5.09 -6.56 -2.66
N TRP A 445 4.54 -7.64 -3.20
CA TRP A 445 3.71 -8.49 -2.34
C TRP A 445 4.49 -9.12 -1.18
N ARG A 446 5.64 -9.71 -1.51
CA ARG A 446 6.40 -10.45 -0.50
C ARG A 446 7.06 -9.52 0.51
N TRP A 447 7.46 -8.31 0.08
CA TRP A 447 8.01 -7.36 1.04
C TRP A 447 6.94 -6.95 2.06
N GLY A 448 5.69 -6.78 1.59
CA GLY A 448 4.55 -6.53 2.47
C GLY A 448 4.27 -7.69 3.45
N VAL A 449 4.39 -8.92 2.98
CA VAL A 449 4.21 -10.05 3.90
C VAL A 449 5.36 -10.07 4.92
N PHE A 450 6.62 -9.92 4.47
CA PHE A 450 7.71 -9.97 5.45
C PHE A 450 7.57 -8.83 6.47
N SER A 451 7.21 -7.63 6.02
CA SER A 451 7.10 -6.48 6.90
C SER A 451 5.90 -6.62 7.83
N GLY A 452 4.97 -7.55 7.60
CA GLY A 452 3.81 -7.62 8.48
C GLY A 452 2.65 -6.78 7.95
N ARG A 453 2.85 -5.94 6.93
CA ARG A 453 1.76 -5.12 6.42
C ARG A 453 0.68 -6.01 5.80
N THR A 454 1.11 -7.19 5.31
CA THR A 454 0.24 -8.19 4.75
C THR A 454 0.22 -9.45 5.61
N PRO A 455 -0.72 -9.54 6.60
CA PRO A 455 -0.86 -10.74 7.43
C PRO A 455 -1.52 -11.82 6.60
N PRO A 456 -1.48 -13.10 7.09
CA PRO A 456 -2.13 -14.21 6.39
C PRO A 456 -3.59 -13.95 6.03
N SER A 457 -4.31 -13.21 6.87
CA SER A 457 -5.72 -12.96 6.58
C SER A 457 -5.86 -12.00 5.39
N ARG A 458 -4.74 -11.45 4.91
CA ARG A 458 -4.85 -10.65 3.69
C ARG A 458 -3.93 -11.11 2.56
N TYR A 459 -3.35 -12.33 2.58
CA TYR A 459 -2.41 -12.73 1.52
C TYR A 459 -3.03 -12.62 0.14
N ASN A 460 -4.29 -13.09 -0.03
CA ASN A 460 -4.88 -13.19 -1.40
C ASN A 460 -5.44 -11.84 -1.78
N PHE A 461 -6.04 -11.14 -0.80
CA PHE A 461 -6.57 -9.80 -1.01
C PHE A 461 -5.46 -8.85 -1.53
N ASP A 462 -4.30 -8.85 -0.87
CA ASP A 462 -3.16 -8.02 -1.25
C ASP A 462 -2.52 -8.46 -2.55
N TRP A 463 -2.49 -9.77 -2.76
CA TRP A 463 -2.04 -10.31 -4.06
C TRP A 463 -2.86 -9.83 -5.25
N TRP A 464 -4.20 -9.98 -5.17
CA TRP A 464 -4.97 -9.55 -6.31
C TRP A 464 -5.07 -8.02 -6.42
N TYR A 465 -4.98 -7.26 -5.30
CA TYR A 465 -4.82 -5.80 -5.35
C TYR A 465 -3.67 -5.47 -6.32
N LEU A 466 -2.50 -6.11 -6.09
CA LEU A 466 -1.28 -5.71 -6.82
C LEU A 466 -1.37 -6.26 -8.27
N ARG A 467 -1.95 -7.44 -8.42
CA ARG A 467 -2.17 -8.01 -9.76
C ARG A 467 -3.04 -7.06 -10.58
N THR A 468 -4.16 -6.62 -10.02
CA THR A 468 -5.00 -5.66 -10.75
C THR A 468 -4.31 -4.31 -10.89
N LYS A 469 -3.73 -3.78 -9.82
CA LYS A 469 -3.07 -2.48 -9.94
C LYS A 469 -2.04 -2.43 -11.06
N TYR A 470 -1.14 -3.41 -11.10
CA TYR A 470 0.03 -3.38 -11.97
C TYR A 470 -0.28 -4.04 -13.31
N GLN A 471 -0.75 -5.31 -13.35
CA GLN A 471 -0.99 -6.02 -14.60
C GLN A 471 -2.37 -5.69 -15.19
N GLY A 472 -3.34 -5.20 -14.40
CA GLY A 472 -4.69 -5.01 -14.98
C GLY A 472 -5.33 -6.33 -15.43
N ILE A 473 -5.23 -7.33 -14.57
CA ILE A 473 -5.91 -8.61 -14.74
C ILE A 473 -6.82 -8.87 -13.55
N CYS A 474 -7.75 -9.80 -13.74
CA CYS A 474 -8.59 -10.21 -12.62
C CYS A 474 -8.71 -11.73 -12.66
N PRO A 475 -9.02 -12.33 -11.50
CA PRO A 475 -9.17 -13.77 -11.40
C PRO A 475 -10.49 -14.12 -12.09
N PRO A 476 -10.48 -15.17 -12.93
CA PRO A 476 -11.67 -15.45 -13.73
C PRO A 476 -12.73 -16.20 -12.92
N VAL A 477 -12.38 -16.61 -11.69
CA VAL A 477 -13.36 -17.16 -10.77
C VAL A 477 -13.17 -16.40 -9.46
N THR A 478 -14.18 -16.42 -8.58
CA THR A 478 -14.16 -15.80 -7.25
C THR A 478 -13.04 -16.41 -6.42
N ARG A 479 -12.23 -15.57 -5.74
CA ARG A 479 -11.20 -16.11 -4.87
C ARG A 479 -11.51 -15.60 -3.44
N ASN A 480 -11.07 -16.31 -2.39
CA ASN A 480 -11.16 -15.82 -1.02
C ASN A 480 -9.83 -16.11 -0.33
N GLU A 481 -9.77 -15.97 1.00
CA GLU A 481 -8.51 -16.10 1.73
C GLU A 481 -8.14 -17.56 2.02
N THR A 482 -9.01 -18.52 1.69
CA THR A 482 -8.59 -19.93 1.68
C THR A 482 -7.64 -20.19 0.51
N HIS A 483 -7.93 -19.55 -0.64
CA HIS A 483 -6.98 -19.53 -1.76
C HIS A 483 -5.70 -18.78 -1.39
N PHE A 484 -4.57 -19.22 -1.98
CA PHE A 484 -3.27 -18.57 -1.81
C PHE A 484 -2.61 -18.58 -3.20
N ASP A 485 -3.06 -17.63 -4.01
CA ASP A 485 -2.71 -17.59 -5.42
C ASP A 485 -1.24 -17.24 -5.62
N ALA A 486 -0.67 -16.46 -4.73
CA ALA A 486 0.79 -16.23 -4.83
C ALA A 486 1.57 -17.54 -4.76
N GLY A 487 1.09 -18.49 -3.94
CA GLY A 487 1.85 -19.73 -3.75
C GLY A 487 1.84 -20.65 -4.98
N ALA A 488 0.94 -20.44 -5.93
CA ALA A 488 0.97 -21.16 -7.21
C ALA A 488 1.98 -20.56 -8.20
N LYS A 489 2.86 -19.66 -7.71
CA LYS A 489 3.95 -19.22 -8.60
C LYS A 489 5.25 -19.82 -8.04
N PHE A 490 6.03 -20.55 -8.82
CA PHE A 490 7.27 -21.25 -8.38
C PHE A 490 8.08 -20.52 -7.30
N HIS A 491 8.43 -19.23 -7.54
CA HIS A 491 9.42 -18.56 -6.73
C HIS A 491 8.93 -18.28 -5.32
N VAL A 492 7.61 -18.43 -5.06
CA VAL A 492 7.10 -18.12 -3.72
C VAL A 492 7.38 -19.31 -2.79
N PRO A 493 6.79 -20.52 -2.99
CA PRO A 493 7.20 -21.69 -2.17
C PRO A 493 8.70 -21.99 -2.28
N ASN A 494 9.35 -21.67 -3.41
CA ASN A 494 10.79 -21.95 -3.56
C ASN A 494 11.63 -20.87 -2.92
N VAL A 495 11.02 -19.83 -2.33
CA VAL A 495 11.68 -18.69 -1.74
C VAL A 495 12.80 -18.14 -2.61
N THR A 496 12.49 -17.85 -3.87
CA THR A 496 13.51 -17.18 -4.65
C THR A 496 13.01 -15.74 -4.82
N PRO A 497 13.84 -14.72 -4.54
CA PRO A 497 13.44 -13.31 -4.67
C PRO A 497 13.14 -13.04 -6.14
N TYR A 498 12.42 -11.94 -6.40
CA TYR A 498 11.85 -11.78 -7.72
C TYR A 498 12.29 -10.44 -8.32
N ILE A 499 12.55 -9.41 -7.47
CA ILE A 499 12.84 -8.07 -8.02
C ILE A 499 14.03 -8.07 -9.04
N ARG A 500 14.92 -9.05 -8.89
CA ARG A 500 16.03 -9.32 -9.84
C ARG A 500 15.53 -9.36 -11.29
N TYR A 501 14.28 -9.79 -11.52
CA TYR A 501 13.79 -10.05 -12.88
C TYR A 501 13.30 -8.72 -13.42
N PHE A 502 12.68 -7.91 -12.58
CA PHE A 502 12.36 -6.55 -13.05
C PHE A 502 13.66 -5.78 -13.38
N VAL A 503 14.62 -5.84 -12.45
CA VAL A 503 15.93 -5.24 -12.68
C VAL A 503 16.51 -5.75 -14.01
N SER A 504 16.57 -7.10 -14.14
N SER A 504 16.53 -7.08 -14.18
CA SER A 504 17.10 -7.69 -15.36
CA SER A 504 17.15 -7.66 -15.37
C SER A 504 16.44 -7.16 -16.63
C SER A 504 16.43 -7.33 -16.67
N PHE A 505 15.11 -7.10 -16.64
CA PHE A 505 14.39 -6.87 -17.89
C PHE A 505 14.65 -5.44 -18.35
N VAL A 506 15.03 -4.56 -17.40
CA VAL A 506 15.50 -3.24 -17.78
C VAL A 506 16.99 -3.29 -18.14
N LEU A 507 17.82 -3.93 -17.32
CA LEU A 507 19.28 -3.95 -17.53
C LEU A 507 19.70 -4.59 -18.86
N GLN A 508 18.97 -5.62 -19.24
CA GLN A 508 19.32 -6.34 -20.48
C GLN A 508 19.37 -5.39 -21.70
N PHE A 509 18.54 -4.34 -21.69
CA PHE A 509 18.45 -3.46 -22.83
C PHE A 509 19.64 -2.52 -22.78
N GLN A 510 20.08 -2.19 -21.56
CA GLN A 510 21.25 -1.35 -21.43
C GLN A 510 22.51 -2.08 -21.88
N PHE A 511 22.60 -3.38 -21.56
CA PHE A 511 23.69 -4.25 -21.97
C PHE A 511 23.67 -4.38 -23.48
N HIS A 512 22.50 -4.69 -24.00
CA HIS A 512 22.39 -4.89 -25.45
C HIS A 512 22.88 -3.66 -26.22
N GLU A 513 22.41 -2.50 -25.80
CA GLU A 513 22.76 -1.26 -26.47
C GLU A 513 24.29 -1.10 -26.46
N ALA A 514 24.93 -1.32 -25.31
CA ALA A 514 26.34 -1.11 -25.14
C ALA A 514 27.11 -2.14 -25.96
N LEU A 515 26.57 -3.36 -26.06
CA LEU A 515 27.27 -4.43 -26.77
C LEU A 515 27.22 -4.23 -28.28
N CYS A 516 26.07 -3.83 -28.77
CA CYS A 516 25.88 -3.45 -30.16
C CYS A 516 26.78 -2.30 -30.56
N LYS A 517 26.96 -1.33 -29.68
CA LYS A 517 27.84 -0.20 -29.99
C LYS A 517 29.24 -0.78 -30.13
N GLU A 518 29.66 -1.58 -29.15
CA GLU A 518 30.99 -2.13 -29.07
C GLU A 518 31.30 -3.09 -30.24
N ALA A 519 30.29 -3.77 -30.78
CA ALA A 519 30.45 -4.56 -31.99
C ALA A 519 30.49 -3.70 -33.28
N GLY A 520 30.39 -2.36 -33.18
CA GLY A 520 30.39 -1.44 -34.31
C GLY A 520 29.07 -1.50 -35.10
N TYR A 521 28.00 -2.12 -34.57
CA TYR A 521 26.71 -2.17 -35.26
C TYR A 521 26.13 -0.75 -35.30
N GLU A 522 25.41 -0.39 -36.38
CA GLU A 522 24.94 0.98 -36.51
C GLU A 522 23.50 1.08 -37.03
N GLY A 523 22.80 -0.05 -37.11
CA GLY A 523 21.39 -0.07 -37.51
C GLY A 523 20.45 0.26 -36.34
N PRO A 524 19.13 0.05 -36.54
CA PRO A 524 18.17 0.14 -35.44
C PRO A 524 18.58 -0.91 -34.37
N LEU A 525 18.58 -0.50 -33.09
CA LEU A 525 18.97 -1.32 -31.95
C LEU A 525 18.20 -2.65 -31.96
N HIS A 526 16.93 -2.67 -32.41
CA HIS A 526 16.22 -3.94 -32.32
C HIS A 526 16.59 -4.90 -33.43
N GLN A 527 17.48 -4.47 -34.33
CA GLN A 527 17.89 -5.35 -35.41
C GLN A 527 19.35 -5.76 -35.22
N CYS A 528 19.98 -5.33 -34.13
CA CYS A 528 21.34 -5.75 -33.84
C CYS A 528 21.42 -7.27 -33.57
N ASP A 529 22.54 -7.87 -34.01
CA ASP A 529 22.91 -9.23 -33.63
C ASP A 529 24.39 -9.20 -33.32
N ILE A 530 24.79 -9.45 -32.05
CA ILE A 530 26.19 -9.47 -31.65
C ILE A 530 26.89 -10.82 -31.95
N TYR A 531 26.21 -11.82 -32.55
CA TYR A 531 26.86 -13.10 -32.86
C TYR A 531 28.27 -12.87 -33.44
N ARG A 532 29.29 -13.60 -32.94
CA ARG A 532 30.62 -13.59 -33.60
C ARG A 532 31.36 -12.29 -33.34
N SER A 533 30.79 -11.35 -32.59
CA SER A 533 31.55 -10.18 -32.22
C SER A 533 32.46 -10.44 -31.00
N THR A 534 33.79 -10.57 -31.24
CA THR A 534 34.78 -10.79 -30.19
C THR A 534 34.99 -9.56 -29.29
N LYS A 535 34.80 -8.33 -29.83
CA LYS A 535 34.86 -7.16 -28.98
C LYS A 535 33.61 -7.04 -28.08
N ALA A 536 32.43 -7.34 -28.60
CA ALA A 536 31.30 -7.40 -27.67
C ALA A 536 31.53 -8.44 -26.57
N GLY A 537 32.07 -9.60 -26.95
CA GLY A 537 32.31 -10.68 -26.03
C GLY A 537 33.36 -10.31 -24.99
N ALA A 538 34.36 -9.48 -25.34
CA ALA A 538 35.39 -9.09 -24.35
C ALA A 538 34.80 -8.12 -23.34
N LYS A 539 33.93 -7.20 -23.81
CA LYS A 539 33.30 -6.29 -22.87
C LYS A 539 32.36 -7.08 -21.93
N LEU A 540 31.63 -8.09 -22.46
CA LEU A 540 30.77 -8.92 -21.60
C LEU A 540 31.62 -9.70 -20.60
N ARG A 541 32.72 -10.29 -21.09
CA ARG A 541 33.60 -11.11 -20.26
C ARG A 541 34.10 -10.35 -19.04
N LYS A 542 34.38 -9.04 -19.21
CA LYS A 542 34.91 -8.25 -18.11
C LYS A 542 33.88 -8.20 -16.99
N VAL A 543 32.61 -8.03 -17.36
CA VAL A 543 31.57 -8.07 -16.35
C VAL A 543 31.57 -9.43 -15.68
N LEU A 544 31.51 -10.52 -16.45
CA LEU A 544 31.28 -11.80 -15.80
C LEU A 544 32.42 -12.17 -14.86
N ARG A 545 33.67 -11.83 -15.25
CA ARG A 545 34.85 -12.24 -14.47
C ARG A 545 34.96 -11.43 -13.19
N ALA A 546 34.36 -10.21 -13.14
CA ALA A 546 34.32 -9.41 -11.92
C ALA A 546 33.58 -10.11 -10.76
N GLY A 547 32.60 -11.00 -11.05
CA GLY A 547 31.67 -11.44 -10.00
C GLY A 547 31.05 -10.28 -9.20
N SER A 548 31.09 -10.39 -7.88
CA SER A 548 30.68 -9.27 -7.03
C SER A 548 31.92 -8.64 -6.40
N SER A 549 33.05 -8.66 -7.11
CA SER A 549 34.24 -8.12 -6.47
C SER A 549 34.20 -6.58 -6.44
N ARG A 550 33.40 -5.92 -7.30
CA ARG A 550 33.25 -4.47 -7.26
C ARG A 550 31.76 -4.12 -7.19
N PRO A 551 31.39 -2.92 -6.65
CA PRO A 551 29.98 -2.48 -6.63
C PRO A 551 29.37 -2.45 -8.02
N TRP A 552 28.05 -2.73 -8.13
CA TRP A 552 27.48 -2.97 -9.43
C TRP A 552 27.48 -1.63 -10.15
N GLN A 553 27.46 -0.57 -9.33
CA GLN A 553 27.31 0.76 -9.92
C GLN A 553 28.60 1.11 -10.66
N GLU A 554 29.76 0.64 -10.14
CA GLU A 554 31.00 0.84 -10.89
C GLU A 554 31.10 -0.12 -12.08
N VAL A 555 30.79 -1.42 -11.88
CA VAL A 555 30.80 -2.34 -13.00
C VAL A 555 29.97 -1.85 -14.17
N LEU A 556 28.80 -1.30 -13.89
CA LEU A 556 27.89 -0.86 -14.92
C LEU A 556 28.46 0.36 -15.66
N LYS A 557 29.06 1.28 -14.90
CA LYS A 557 29.72 2.49 -15.43
C LYS A 557 30.73 2.09 -16.51
N ASP A 558 31.61 1.13 -16.18
CA ASP A 558 32.62 0.62 -17.10
C ASP A 558 31.99 0.02 -18.32
N MET A 559 30.83 -0.65 -18.16
CA MET A 559 30.29 -1.36 -19.29
C MET A 559 29.45 -0.45 -20.18
N VAL A 560 28.60 0.39 -19.55
CA VAL A 560 27.55 1.01 -20.33
C VAL A 560 27.74 2.52 -20.33
N GLY A 561 28.62 3.03 -19.48
CA GLY A 561 28.84 4.47 -19.43
C GLY A 561 27.96 5.17 -18.38
N LEU A 562 27.26 4.41 -17.54
CA LEU A 562 26.34 5.02 -16.60
C LEU A 562 26.33 4.14 -15.34
N ASP A 563 26.16 4.77 -14.19
CA ASP A 563 26.23 4.05 -12.91
C ASP A 563 24.81 3.83 -12.37
N ALA A 564 23.78 3.81 -13.23
CA ALA A 564 22.47 3.47 -12.71
C ALA A 564 21.62 2.77 -13.77
N LEU A 565 20.64 1.98 -13.28
CA LEU A 565 19.58 1.48 -14.15
C LEU A 565 18.94 2.64 -14.85
N ASP A 566 18.59 2.38 -16.10
CA ASP A 566 18.01 3.39 -16.95
C ASP A 566 17.10 2.69 -17.94
N ALA A 567 15.88 3.22 -18.06
CA ALA A 567 14.90 2.69 -18.97
C ALA A 567 15.12 3.18 -20.41
N GLN A 568 16.05 4.08 -20.70
CA GLN A 568 16.10 4.69 -22.04
C GLN A 568 16.37 3.65 -23.11
N PRO A 569 17.37 2.77 -22.93
CA PRO A 569 17.66 1.74 -23.96
C PRO A 569 16.46 0.86 -24.25
N LEU A 570 15.73 0.46 -23.19
CA LEU A 570 14.46 -0.22 -23.42
C LEU A 570 13.52 0.59 -24.31
N LEU A 571 13.26 1.85 -23.93
CA LEU A 571 12.34 2.70 -24.69
C LEU A 571 12.80 2.91 -26.14
N LYS A 572 14.14 3.02 -26.37
CA LYS A 572 14.70 3.16 -27.70
C LYS A 572 14.48 1.88 -28.53
N TYR A 573 14.58 0.69 -27.87
CA TYR A 573 14.44 -0.56 -28.62
C TYR A 573 13.02 -0.68 -29.16
N PHE A 574 12.00 -0.29 -28.34
CA PHE A 574 10.61 -0.53 -28.73
C PHE A 574 9.96 0.70 -29.39
N GLN A 575 10.69 1.81 -29.55
CA GLN A 575 10.11 3.07 -30.04
C GLN A 575 9.13 2.89 -31.20
N LEU A 576 9.43 2.07 -32.19
CA LEU A 576 8.52 2.01 -33.32
C LEU A 576 7.20 1.34 -32.90
N VAL A 577 7.24 0.33 -32.02
CA VAL A 577 6.00 -0.38 -31.75
C VAL A 577 5.21 0.47 -30.73
N THR A 578 5.93 1.25 -29.92
CA THR A 578 5.27 2.08 -28.93
C THR A 578 4.38 3.06 -29.70
N GLN A 579 4.90 3.62 -30.81
CA GLN A 579 4.15 4.61 -31.56
C GLN A 579 2.99 3.93 -32.29
N TRP A 580 3.29 2.78 -32.84
CA TRP A 580 2.26 2.11 -33.64
C TRP A 580 1.10 1.72 -32.74
N LEU A 581 1.43 1.36 -31.47
CA LEU A 581 0.42 0.82 -30.58
C LEU A 581 -0.50 1.95 -30.13
N GLN A 582 0.08 3.11 -29.78
CA GLN A 582 -0.66 4.32 -29.48
C GLN A 582 -1.62 4.60 -30.63
N GLU A 583 -1.11 4.55 -31.86
CA GLU A 583 -1.94 4.90 -33.01
C GLU A 583 -3.07 3.91 -33.13
N GLN A 584 -2.78 2.58 -33.08
CA GLN A 584 -3.86 1.59 -33.12
C GLN A 584 -4.96 1.87 -32.08
N ASN A 585 -4.52 2.11 -30.84
CA ASN A 585 -5.46 2.22 -29.74
C ASN A 585 -6.35 3.48 -29.90
N GLN A 586 -5.74 4.65 -30.23
CA GLN A 586 -6.40 5.90 -30.63
C GLN A 586 -7.43 5.69 -31.75
N GLN A 587 -7.01 5.08 -32.87
CA GLN A 587 -7.91 4.70 -33.95
C GLN A 587 -9.09 3.88 -33.46
N ASN A 588 -8.84 2.93 -32.55
CA ASN A 588 -9.94 2.13 -32.06
C ASN A 588 -10.68 2.81 -30.89
N GLY A 589 -10.23 3.98 -30.44
CA GLY A 589 -10.92 4.64 -29.32
C GLY A 589 -10.86 3.82 -28.02
N GLU A 590 -9.72 3.18 -27.78
CA GLU A 590 -9.53 2.37 -26.58
C GLU A 590 -9.46 3.29 -25.35
N VAL A 591 -9.92 2.77 -24.20
CA VAL A 591 -9.50 3.44 -22.98
C VAL A 591 -8.23 2.75 -22.49
N LEU A 592 -7.17 3.52 -22.22
CA LEU A 592 -5.98 2.95 -21.62
C LEU A 592 -6.27 2.66 -20.14
N GLY A 593 -5.89 1.48 -19.65
CA GLY A 593 -6.06 1.16 -18.24
C GLY A 593 -7.41 0.46 -18.05
N TRP A 594 -7.81 0.33 -16.80
CA TRP A 594 -8.98 -0.49 -16.52
C TRP A 594 -9.85 0.21 -15.45
N PRO A 595 -10.50 1.34 -15.78
CA PRO A 595 -11.29 2.12 -14.82
C PRO A 595 -12.41 1.27 -14.22
N GLU A 596 -12.82 0.22 -14.93
CA GLU A 596 -13.73 -0.74 -14.32
C GLU A 596 -13.00 -1.77 -13.47
N TYR A 597 -12.48 -1.33 -12.29
CA TYR A 597 -11.51 -2.10 -11.57
C TYR A 597 -12.22 -3.23 -10.87
N GLN A 598 -13.54 -3.14 -10.71
CA GLN A 598 -14.20 -4.15 -9.88
C GLN A 598 -14.73 -5.31 -10.74
N TRP A 599 -14.61 -5.19 -12.06
CA TRP A 599 -15.25 -6.15 -12.94
C TRP A 599 -14.56 -7.51 -12.90
N HIS A 600 -15.37 -8.56 -12.86
CA HIS A 600 -14.91 -9.93 -13.07
C HIS A 600 -15.78 -10.59 -14.14
N PRO A 601 -15.27 -11.55 -14.96
CA PRO A 601 -16.11 -12.27 -15.92
C PRO A 601 -17.06 -13.21 -15.18
N PRO A 602 -18.22 -13.51 -15.79
CA PRO A 602 -19.12 -14.54 -15.24
C PRO A 602 -18.51 -15.90 -15.56
N LEU A 603 -18.95 -16.94 -14.83
CA LEU A 603 -18.59 -18.31 -15.18
C LEU A 603 -19.21 -18.72 -16.51
N PRO A 604 -18.58 -19.64 -17.26
CA PRO A 604 -19.24 -20.25 -18.43
C PRO A 604 -20.36 -21.20 -18.00
N ASP A 605 -21.33 -21.42 -18.89
CA ASP A 605 -22.50 -22.24 -18.61
C ASP A 605 -22.05 -23.67 -18.34
N ASN A 606 -22.56 -24.24 -17.24
CA ASN A 606 -22.35 -25.66 -16.89
C ASN A 606 -20.89 -25.92 -16.55
N TYR A 607 -20.29 -24.98 -15.79
CA TYR A 607 -18.90 -25.10 -15.37
C TYR A 607 -18.81 -25.84 -14.01
N PRO A 608 -18.01 -26.93 -13.86
CA PRO A 608 -17.22 -27.50 -14.96
C PRO A 608 -17.90 -28.61 -15.75
N LEU B 1 -1.81 44.84 -0.49
CA LEU B 1 -1.95 44.64 0.99
C LEU B 1 -1.87 46.01 1.67
N ASP B 2 -2.80 46.27 2.57
CA ASP B 2 -2.94 47.57 3.22
C ASP B 2 -1.63 47.92 3.92
N PRO B 3 -1.16 49.18 3.84
CA PRO B 3 0.12 49.55 4.46
C PRO B 3 0.15 49.23 5.96
N GLY B 4 -1.00 49.38 6.61
CA GLY B 4 -1.10 48.99 8.01
C GLY B 4 -0.76 47.51 8.26
N LEU B 5 -0.87 46.64 7.23
CA LEU B 5 -0.71 45.19 7.43
C LEU B 5 0.65 44.70 7.00
N GLN B 6 1.53 45.62 6.55
CA GLN B 6 2.75 45.18 5.91
C GLN B 6 3.81 45.16 6.98
N PRO B 7 4.86 44.30 6.92
CA PRO B 7 5.92 44.36 7.92
C PRO B 7 6.93 45.52 7.73
N GLY B 8 7.44 46.02 8.86
CA GLY B 8 8.54 46.97 8.84
C GLY B 8 9.87 46.26 8.91
N GLN B 9 10.82 46.89 9.57
CA GLN B 9 12.16 46.35 9.53
C GLN B 9 12.55 45.84 10.93
N PHE B 10 13.49 44.87 11.01
CA PHE B 10 13.86 44.25 12.28
C PHE B 10 15.26 43.75 12.13
N SER B 11 15.98 43.70 13.24
CA SER B 11 17.36 43.22 13.07
C SER B 11 17.41 41.72 12.75
N ALA B 12 18.47 41.32 12.03
CA ALA B 12 18.65 39.98 11.49
C ALA B 12 19.31 39.08 12.55
N ASP B 13 18.77 39.14 13.77
CA ASP B 13 19.28 38.23 14.80
C ASP B 13 18.09 37.80 15.64
N GLU B 14 18.38 36.97 16.67
CA GLU B 14 17.33 36.44 17.54
C GLU B 14 16.48 37.55 18.18
N ALA B 15 17.11 38.61 18.65
CA ALA B 15 16.36 39.62 19.41
C ALA B 15 15.48 40.41 18.43
N GLY B 16 15.92 40.45 17.15
CA GLY B 16 15.12 41.07 16.08
C GLY B 16 13.89 40.19 15.74
N ALA B 17 14.16 38.87 15.69
CA ALA B 17 13.14 37.82 15.52
C ALA B 17 12.05 37.94 16.56
N GLN B 18 12.46 38.20 17.83
CA GLN B 18 11.46 38.39 18.90
C GLN B 18 10.49 39.51 18.47
N LEU B 19 11.05 40.65 18.01
CA LEU B 19 10.23 41.84 17.72
C LEU B 19 9.35 41.62 16.47
N PHE B 20 10.00 40.96 15.48
CA PHE B 20 9.30 40.54 14.27
C PHE B 20 8.07 39.71 14.66
N ALA B 21 8.27 38.71 15.58
CA ALA B 21 7.20 37.75 15.90
C ALA B 21 6.06 38.47 16.60
N GLN B 22 6.43 39.47 17.37
CA GLN B 22 5.42 40.16 18.15
C GLN B 22 4.55 41.02 17.25
N SER B 23 5.21 41.74 16.30
CA SER B 23 4.50 42.55 15.30
C SER B 23 3.69 41.69 14.33
N TYR B 24 4.31 40.61 13.87
CA TYR B 24 3.50 39.74 12.99
C TYR B 24 2.16 39.37 13.64
N GLN B 25 2.23 39.01 14.96
CA GLN B 25 1.07 38.45 15.66
C GLN B 25 -0.05 39.49 15.69
N SER B 26 0.35 40.72 15.80
CA SER B 26 -0.61 41.79 16.03
C SER B 26 -1.41 42.06 14.75
N SER B 27 -0.73 41.97 13.61
CA SER B 27 -1.34 42.20 12.31
C SER B 27 -2.17 40.97 11.90
N ALA B 28 -1.62 39.78 12.19
CA ALA B 28 -2.25 38.56 11.67
C ALA B 28 -3.68 38.51 12.16
N GLU B 29 -3.86 39.03 13.38
CA GLU B 29 -5.17 38.96 14.01
C GLU B 29 -6.25 39.55 13.13
N GLN B 30 -5.93 40.64 12.45
CA GLN B 30 -6.94 41.33 11.67
C GLN B 30 -7.13 40.62 10.32
N VAL B 31 -6.06 40.01 9.82
CA VAL B 31 -6.25 39.24 8.58
C VAL B 31 -7.13 37.98 8.84
N LEU B 32 -6.94 37.29 9.97
CA LEU B 32 -7.82 36.15 10.29
C LEU B 32 -9.26 36.62 10.40
N PHE B 33 -9.49 37.73 11.12
CA PHE B 33 -10.85 38.19 11.32
C PHE B 33 -11.57 38.29 9.97
N GLN B 34 -10.96 38.97 8.96
CA GLN B 34 -11.68 39.25 7.71
C GLN B 34 -11.90 37.96 6.89
N SER B 35 -10.90 37.09 6.91
CA SER B 35 -11.06 35.76 6.32
C SER B 35 -12.21 34.95 6.98
N VAL B 36 -12.27 34.84 8.35
CA VAL B 36 -13.31 34.00 8.93
C VAL B 36 -14.70 34.59 8.70
N ALA B 37 -14.74 35.93 8.83
CA ALA B 37 -15.99 36.65 8.62
C ALA B 37 -16.56 36.37 7.22
N ALA B 38 -15.70 36.46 6.20
CA ALA B 38 -16.17 36.18 4.83
C ALA B 38 -16.57 34.71 4.74
N SER B 39 -15.84 33.82 5.42
CA SER B 39 -16.29 32.42 5.30
C SER B 39 -17.65 32.24 5.94
N TRP B 40 -17.83 32.88 7.14
CA TRP B 40 -19.10 32.73 7.84
C TRP B 40 -20.26 33.15 6.91
N ALA B 41 -20.13 34.36 6.32
CA ALA B 41 -21.17 34.92 5.46
C ALA B 41 -21.50 33.95 4.33
N HIS B 42 -20.50 33.25 3.81
CA HIS B 42 -20.74 32.30 2.71
C HIS B 42 -21.41 31.02 3.21
N ASP B 43 -20.90 30.44 4.29
CA ASP B 43 -21.41 29.11 4.68
C ASP B 43 -22.79 29.17 5.36
N THR B 44 -23.17 30.33 5.91
CA THR B 44 -24.54 30.52 6.35
C THR B 44 -25.43 31.07 5.23
N ASN B 45 -24.93 31.18 3.99
CA ASN B 45 -25.75 31.83 2.94
C ASN B 45 -24.98 31.75 1.64
N ILE B 46 -25.09 30.57 1.02
CA ILE B 46 -24.21 30.14 -0.05
C ILE B 46 -24.72 30.84 -1.31
N THR B 47 -24.00 31.84 -1.78
CA THR B 47 -24.37 32.57 -2.99
C THR B 47 -23.09 32.88 -3.73
N ALA B 48 -23.25 33.29 -5.00
CA ALA B 48 -22.10 33.56 -5.83
C ALA B 48 -21.38 34.76 -5.30
N GLU B 49 -22.14 35.74 -4.81
CA GLU B 49 -21.46 36.93 -4.34
C GLU B 49 -20.70 36.68 -3.03
N ASN B 50 -21.24 35.81 -2.18
CA ASN B 50 -20.55 35.50 -0.93
C ASN B 50 -19.29 34.66 -1.24
N ALA B 51 -19.34 33.80 -2.25
CA ALA B 51 -18.15 33.07 -2.67
C ALA B 51 -17.08 34.02 -3.21
N ARG B 52 -17.48 35.04 -4.04
CA ARG B 52 -16.47 36.02 -4.45
C ARG B 52 -15.82 36.72 -3.26
N ARG B 53 -16.65 37.16 -2.31
CA ARG B 53 -16.06 37.85 -1.17
C ARG B 53 -15.11 36.90 -0.43
N GLN B 54 -15.48 35.62 -0.37
CA GLN B 54 -14.67 34.66 0.38
C GLN B 54 -13.32 34.52 -0.34
N GLU B 55 -13.39 34.49 -1.67
CA GLU B 55 -12.17 34.35 -2.45
C GLU B 55 -11.27 35.55 -2.35
N GLU B 56 -11.86 36.76 -2.32
CA GLU B 56 -11.02 37.94 -2.20
C GLU B 56 -10.43 38.00 -0.80
N ALA B 57 -11.17 37.52 0.21
CA ALA B 57 -10.54 37.43 1.53
C ALA B 57 -9.36 36.47 1.52
N ALA B 58 -9.46 35.36 0.77
CA ALA B 58 -8.40 34.37 0.78
C ALA B 58 -7.19 34.98 0.09
N LEU B 59 -7.41 35.80 -0.96
CA LEU B 59 -6.29 36.44 -1.62
C LEU B 59 -5.57 37.38 -0.70
N LEU B 60 -6.33 38.17 0.03
CA LEU B 60 -5.72 39.08 1.01
C LEU B 60 -4.87 38.34 2.02
N SER B 61 -5.40 37.24 2.59
N SER B 61 -5.45 37.27 2.59
CA SER B 61 -4.60 36.38 3.48
CA SER B 61 -4.70 36.40 3.47
C SER B 61 -3.31 35.88 2.83
C SER B 61 -3.40 35.87 2.85
N GLN B 62 -3.40 35.53 1.54
CA GLN B 62 -2.21 35.08 0.83
C GLN B 62 -1.20 36.21 0.69
N GLU B 63 -1.67 37.43 0.33
CA GLU B 63 -0.69 38.51 0.26
C GLU B 63 -0.07 38.81 1.64
N PHE B 64 -0.88 38.86 2.68
CA PHE B 64 -0.30 39.01 4.02
C PHE B 64 0.77 37.93 4.29
N ALA B 65 0.46 36.65 4.02
CA ALA B 65 1.36 35.56 4.35
C ALA B 65 2.62 35.65 3.52
N GLU B 66 2.42 36.10 2.28
CA GLU B 66 3.60 36.22 1.48
C GLU B 66 4.50 37.35 2.04
N ALA B 67 3.92 38.52 2.39
CA ALA B 67 4.79 39.64 2.77
C ALA B 67 5.59 39.35 4.07
N TRP B 68 4.94 38.77 5.06
CA TRP B 68 5.64 38.43 6.30
C TRP B 68 6.52 37.18 6.18
N GLY B 69 6.08 36.21 5.36
CA GLY B 69 6.93 35.09 5.03
C GLY B 69 8.24 35.50 4.39
N GLN B 70 8.19 36.39 3.38
CA GLN B 70 9.43 36.76 2.73
C GLN B 70 10.34 37.49 3.70
N LYS B 71 9.71 38.23 4.61
CA LYS B 71 10.41 39.03 5.59
C LYS B 71 11.25 38.05 6.46
N ALA B 72 10.59 37.02 7.04
CA ALA B 72 11.20 35.93 7.84
C ALA B 72 12.34 35.27 7.07
N LYS B 73 12.08 34.96 5.80
CA LYS B 73 13.15 34.34 5.03
C LYS B 73 14.34 35.29 4.78
N GLU B 74 14.04 36.57 4.53
CA GLU B 74 15.13 37.50 4.25
C GLU B 74 16.02 37.65 5.50
N LEU B 75 15.38 37.84 6.65
CA LEU B 75 16.13 38.08 7.88
C LEU B 75 16.62 36.76 8.55
N TYR B 76 15.86 35.62 8.53
CA TYR B 76 16.07 34.53 9.51
C TYR B 76 16.27 33.13 8.89
N GLU B 77 16.08 33.01 7.55
CA GLU B 77 16.15 31.73 6.84
C GLU B 77 17.42 30.99 7.27
N PRO B 78 18.65 31.60 7.14
CA PRO B 78 19.85 30.92 7.64
C PRO B 78 20.01 30.63 9.15
N ILE B 79 19.15 31.17 10.03
CA ILE B 79 19.56 31.15 11.44
C ILE B 79 18.46 30.74 12.40
N TRP B 80 17.17 30.74 11.99
CA TRP B 80 16.03 30.57 12.92
C TRP B 80 16.03 29.17 13.59
N GLN B 81 16.58 28.20 12.84
CA GLN B 81 16.65 26.85 13.36
C GLN B 81 17.69 26.77 14.49
N GLN B 82 18.64 27.72 14.62
CA GLN B 82 19.50 27.64 15.81
C GLN B 82 19.09 28.64 16.88
N PHE B 83 17.84 29.18 16.82
CA PHE B 83 17.37 30.14 17.80
C PHE B 83 17.31 29.46 19.16
N THR B 84 17.56 30.21 20.26
CA THR B 84 17.62 29.58 21.57
C THR B 84 16.21 29.33 22.11
N ASP B 85 15.23 30.18 21.69
CA ASP B 85 13.87 30.13 22.25
C ASP B 85 13.08 29.14 21.38
N PRO B 86 12.77 27.90 21.87
CA PRO B 86 11.98 26.98 21.06
C PRO B 86 10.59 27.53 20.60
N GLN B 87 9.87 28.33 21.45
CA GLN B 87 8.55 28.86 21.08
C GLN B 87 8.70 29.78 19.81
N LEU B 88 9.73 30.63 19.81
CA LEU B 88 10.14 31.47 18.69
C LEU B 88 10.54 30.62 17.49
N ARG B 89 11.25 29.49 17.72
CA ARG B 89 11.63 28.67 16.56
C ARG B 89 10.35 28.24 15.80
N ARG B 90 9.25 28.05 16.57
CA ARG B 90 7.96 27.50 16.15
C ARG B 90 7.29 28.53 15.26
N ILE B 91 7.16 29.75 15.83
CA ILE B 91 6.53 30.86 15.09
C ILE B 91 7.34 31.28 13.86
N ILE B 92 8.63 31.50 14.01
CA ILE B 92 9.33 31.89 12.81
C ILE B 92 9.22 30.73 11.81
N GLY B 93 9.30 29.47 12.32
CA GLY B 93 9.21 28.30 11.46
C GLY B 93 7.93 28.28 10.63
N ALA B 94 6.79 28.59 11.31
CA ALA B 94 5.48 28.73 10.71
C ALA B 94 5.47 29.86 9.66
N VAL B 95 6.01 31.04 10.03
CA VAL B 95 5.84 32.20 9.18
C VAL B 95 6.67 31.98 7.93
N ARG B 96 7.83 31.30 8.05
CA ARG B 96 8.63 30.97 6.86
C ARG B 96 7.92 29.96 5.93
N THR B 97 6.69 29.52 6.29
CA THR B 97 6.05 28.39 5.60
C THR B 97 4.85 28.98 4.88
N LEU B 98 5.02 29.26 3.59
CA LEU B 98 4.04 30.17 2.99
C LEU B 98 2.74 29.48 2.55
N GLY B 99 2.69 28.12 2.50
CA GLY B 99 1.62 27.35 1.88
C GLY B 99 1.24 27.91 0.49
N SER B 100 -0.09 28.09 0.27
CA SER B 100 -0.67 28.57 -0.98
C SER B 100 -0.11 29.94 -1.39
N ALA B 101 0.34 30.72 -0.41
CA ALA B 101 1.02 32.00 -0.70
C ALA B 101 2.29 31.82 -1.52
N ASN B 102 2.79 30.57 -1.67
CA ASN B 102 3.93 30.41 -2.54
C ASN B 102 3.48 30.37 -4.00
N LEU B 103 2.19 30.13 -4.26
CA LEU B 103 1.71 30.04 -5.65
C LEU B 103 1.80 31.42 -6.31
N PRO B 104 2.10 31.52 -7.62
CA PRO B 104 1.91 32.83 -8.27
C PRO B 104 0.41 33.18 -8.25
N LEU B 105 0.09 34.48 -8.48
CA LEU B 105 -1.25 35.01 -8.40
C LEU B 105 -2.27 34.19 -9.19
N ALA B 106 -2.05 33.86 -10.49
CA ALA B 106 -3.10 33.16 -11.23
C ALA B 106 -3.41 31.80 -10.58
N LYS B 107 -2.39 31.16 -10.01
CA LYS B 107 -2.59 29.86 -9.36
C LYS B 107 -3.22 29.98 -8.00
N ARG B 108 -2.96 31.10 -7.31
CA ARG B 108 -3.64 31.39 -6.04
C ARG B 108 -5.12 31.51 -6.31
N GLN B 109 -5.48 32.26 -7.37
CA GLN B 109 -6.89 32.38 -7.75
C GLN B 109 -7.57 31.05 -8.04
N GLN B 110 -6.90 30.22 -8.82
CA GLN B 110 -7.36 28.90 -9.20
C GLN B 110 -7.56 28.07 -7.92
N TYR B 111 -6.55 28.11 -7.05
CA TYR B 111 -6.66 27.36 -5.78
C TYR B 111 -7.85 27.81 -4.94
N ASN B 112 -7.98 29.14 -4.74
CA ASN B 112 -9.06 29.67 -3.94
C ASN B 112 -10.38 29.33 -4.61
N ALA B 113 -10.46 29.40 -5.96
CA ALA B 113 -11.72 29.09 -6.62
C ALA B 113 -12.09 27.61 -6.45
N LEU B 114 -11.11 26.71 -6.58
CA LEU B 114 -11.34 25.29 -6.37
C LEU B 114 -11.92 25.00 -4.99
N LEU B 115 -11.35 25.63 -3.96
CA LEU B 115 -11.83 25.33 -2.61
C LEU B 115 -13.31 25.74 -2.49
N SER B 116 -13.63 26.93 -3.00
CA SER B 116 -14.98 27.45 -3.02
C SER B 116 -15.96 26.55 -3.79
N GLN B 117 -15.56 26.10 -5.01
CA GLN B 117 -16.47 25.33 -5.80
C GLN B 117 -16.58 23.88 -5.28
N MET B 118 -15.51 23.35 -4.69
CA MET B 118 -15.66 22.02 -4.08
C MET B 118 -16.62 22.05 -2.88
N SER B 119 -16.49 23.08 -2.08
CA SER B 119 -17.35 23.25 -0.90
C SER B 119 -18.82 23.40 -1.32
N ARG B 120 -19.03 24.21 -2.37
CA ARG B 120 -20.37 24.48 -2.85
C ARG B 120 -20.98 23.21 -3.42
N ILE B 121 -20.22 22.44 -4.17
CA ILE B 121 -20.76 21.21 -4.73
C ILE B 121 -21.18 20.25 -3.62
N TYR B 122 -20.33 20.02 -2.62
CA TYR B 122 -20.70 19.10 -1.56
C TYR B 122 -21.98 19.58 -0.89
N SER B 123 -22.04 20.86 -0.53
CA SER B 123 -23.10 21.34 0.34
C SER B 123 -24.41 21.60 -0.41
N THR B 124 -24.44 21.51 -1.75
CA THR B 124 -25.70 21.78 -2.44
C THR B 124 -26.09 20.59 -3.27
N ALA B 125 -25.27 19.53 -3.28
CA ALA B 125 -25.70 18.29 -3.91
C ALA B 125 -27.04 17.81 -3.36
N LYS B 126 -27.84 17.18 -4.22
CA LYS B 126 -29.19 16.71 -3.85
C LYS B 126 -29.41 15.41 -4.61
N VAL B 127 -30.18 14.48 -4.05
CA VAL B 127 -30.57 13.32 -4.82
C VAL B 127 -32.05 13.52 -5.20
N CYS B 128 -32.38 13.40 -6.48
CA CYS B 128 -33.75 13.65 -6.93
C CYS B 128 -34.48 12.33 -7.18
N LEU B 129 -35.82 12.31 -7.14
CA LEU B 129 -36.52 11.26 -7.88
C LEU B 129 -37.39 11.89 -8.99
N THR B 135 -38.44 17.57 -6.92
CA THR B 135 -38.53 17.03 -5.54
C THR B 135 -37.22 16.29 -5.15
N CYS B 136 -36.45 16.93 -4.26
CA CYS B 136 -35.04 16.56 -4.08
C CYS B 136 -34.69 16.41 -2.60
N TRP B 137 -33.97 15.33 -2.25
CA TRP B 137 -33.54 15.20 -0.86
C TRP B 137 -32.14 15.80 -0.68
N SER B 138 -31.92 16.53 0.43
CA SER B 138 -30.59 16.99 0.77
C SER B 138 -29.94 16.00 1.74
N LEU B 139 -28.61 16.15 1.95
CA LEU B 139 -27.91 15.19 2.78
C LEU B 139 -28.47 15.34 4.20
N ASP B 140 -28.57 16.60 4.62
CA ASP B 140 -29.05 16.91 5.96
C ASP B 140 -30.28 17.82 5.86
N PRO B 141 -31.49 17.47 6.36
CA PRO B 141 -31.74 16.23 7.13
C PRO B 141 -32.15 14.94 6.41
N ASP B 142 -32.51 15.06 5.13
CA ASP B 142 -33.21 13.99 4.43
C ASP B 142 -32.45 12.68 4.32
N LEU B 143 -31.27 12.70 3.67
CA LEU B 143 -30.58 11.44 3.47
C LEU B 143 -30.07 10.90 4.80
N THR B 144 -29.65 11.83 5.69
CA THR B 144 -29.28 11.42 7.05
C THR B 144 -30.38 10.59 7.73
N ASN B 145 -31.62 11.12 7.68
CA ASN B 145 -32.76 10.46 8.29
C ASN B 145 -32.99 9.09 7.65
N ILE B 146 -32.89 8.98 6.32
CA ILE B 146 -33.06 7.68 5.68
C ILE B 146 -32.02 6.67 6.14
N LEU B 147 -30.71 7.06 6.10
CA LEU B 147 -29.68 6.08 6.45
C LEU B 147 -29.85 5.67 7.91
N ALA B 148 -30.31 6.63 8.76
CA ALA B 148 -30.46 6.33 10.20
C ALA B 148 -31.69 5.44 10.50
N SER B 149 -32.81 5.59 9.76
CA SER B 149 -34.05 5.03 10.32
C SER B 149 -34.81 4.20 9.29
N SER B 150 -34.46 4.28 8.01
CA SER B 150 -35.00 3.26 7.10
C SER B 150 -34.26 1.94 7.37
N ARG B 151 -35.02 0.85 7.26
N ARG B 151 -35.02 0.86 7.24
N ARG B 151 -35.02 0.85 7.28
CA ARG B 151 -34.48 -0.50 7.36
CA ARG B 151 -34.50 -0.49 7.37
CA ARG B 151 -34.49 -0.50 7.37
C ARG B 151 -34.83 -1.27 6.08
C ARG B 151 -34.91 -1.28 6.12
C ARG B 151 -34.88 -1.27 6.10
N SER B 152 -35.25 -0.52 5.06
CA SER B 152 -35.51 -1.11 3.75
C SER B 152 -34.20 -1.09 2.93
N TYR B 153 -33.72 -2.29 2.58
CA TYR B 153 -32.47 -2.41 1.89
C TYR B 153 -32.46 -1.52 0.64
N ALA B 154 -33.59 -1.40 -0.08
CA ALA B 154 -33.57 -0.81 -1.41
C ALA B 154 -33.58 0.70 -1.26
N MET B 155 -34.25 1.16 -0.19
CA MET B 155 -34.39 2.58 0.09
C MET B 155 -33.03 3.11 0.55
N LEU B 156 -32.37 2.36 1.43
CA LEU B 156 -31.01 2.68 1.92
C LEU B 156 -30.02 2.70 0.74
N LEU B 157 -30.17 1.70 -0.14
CA LEU B 157 -29.36 1.65 -1.35
C LEU B 157 -29.55 2.89 -2.22
N PHE B 158 -30.79 3.28 -2.42
CA PHE B 158 -31.10 4.41 -3.27
C PHE B 158 -30.46 5.66 -2.68
N ALA B 159 -30.57 5.83 -1.35
CA ALA B 159 -30.01 7.04 -0.75
C ALA B 159 -28.46 7.00 -0.81
N TRP B 160 -27.87 5.83 -0.52
CA TRP B 160 -26.40 5.67 -0.47
C TRP B 160 -25.81 5.94 -1.84
N GLU B 161 -26.34 5.24 -2.84
CA GLU B 161 -25.88 5.42 -4.22
C GLU B 161 -26.13 6.83 -4.74
N GLY B 162 -27.34 7.36 -4.52
CA GLY B 162 -27.65 8.68 -5.02
C GLY B 162 -26.64 9.71 -4.47
N TRP B 163 -26.37 9.65 -3.15
CA TRP B 163 -25.54 10.63 -2.50
C TRP B 163 -24.12 10.51 -3.06
N HIS B 164 -23.57 9.26 -3.09
CA HIS B 164 -22.18 9.09 -3.52
C HIS B 164 -22.02 9.57 -4.97
N ASN B 165 -23.06 9.30 -5.77
CA ASN B 165 -22.99 9.72 -7.19
C ASN B 165 -23.13 11.23 -7.33
N ALA B 166 -24.06 11.82 -6.56
CA ALA B 166 -24.30 13.23 -6.74
C ALA B 166 -23.14 14.05 -6.20
N ALA B 167 -22.54 13.68 -5.02
CA ALA B 167 -21.50 14.58 -4.51
C ALA B 167 -20.17 14.23 -5.17
N GLY B 168 -19.87 12.93 -5.32
CA GLY B 168 -18.51 12.50 -5.67
C GLY B 168 -18.17 12.75 -7.16
N ILE B 169 -19.06 12.32 -8.08
CA ILE B 169 -18.72 12.39 -9.52
C ILE B 169 -18.25 13.76 -9.99
N PRO B 170 -18.98 14.86 -9.73
CA PRO B 170 -18.53 16.18 -10.16
C PRO B 170 -17.33 16.74 -9.41
N LEU B 171 -17.07 16.22 -8.22
CA LEU B 171 -15.88 16.67 -7.50
C LEU B 171 -14.57 16.20 -8.10
N LYS B 172 -14.54 15.03 -8.77
CA LYS B 172 -13.26 14.42 -9.11
C LYS B 172 -12.29 15.38 -9.84
N PRO B 173 -12.69 15.97 -10.99
CA PRO B 173 -11.76 16.82 -11.74
C PRO B 173 -11.21 17.92 -10.86
N LEU B 174 -12.03 18.48 -10.01
CA LEU B 174 -11.62 19.61 -9.18
C LEU B 174 -10.57 19.14 -8.16
N TYR B 175 -10.85 17.98 -7.56
CA TYR B 175 -9.97 17.52 -6.48
C TYR B 175 -8.60 17.21 -7.08
N GLU B 176 -8.56 16.70 -8.33
CA GLU B 176 -7.26 16.42 -8.92
C GLU B 176 -6.45 17.69 -9.13
N ASP B 177 -7.08 18.75 -9.62
CA ASP B 177 -6.33 19.99 -9.79
C ASP B 177 -5.97 20.66 -8.46
N PHE B 178 -6.88 20.56 -7.47
CA PHE B 178 -6.60 21.01 -6.09
C PHE B 178 -5.31 20.37 -5.54
N THR B 179 -5.21 19.03 -5.71
CA THR B 179 -4.13 18.23 -5.16
C THR B 179 -2.81 18.72 -5.77
N ALA B 180 -2.77 18.92 -7.11
CA ALA B 180 -1.58 19.38 -7.81
C ALA B 180 -1.11 20.75 -7.30
N LEU B 181 -2.04 21.70 -7.19
CA LEU B 181 -1.73 23.05 -6.70
C LEU B 181 -1.30 23.03 -5.21
N SER B 182 -1.96 22.24 -4.39
CA SER B 182 -1.60 22.18 -2.97
C SER B 182 -0.15 21.69 -2.80
N ASN B 183 0.19 20.62 -3.54
CA ASN B 183 1.52 20.03 -3.57
C ASN B 183 2.53 21.03 -4.09
N GLU B 184 2.20 21.71 -5.18
CA GLU B 184 3.14 22.68 -5.71
C GLU B 184 3.45 23.74 -4.63
N ALA B 185 2.41 24.25 -3.98
CA ALA B 185 2.51 25.19 -2.86
C ALA B 185 3.45 24.70 -1.74
N TYR B 186 3.22 23.49 -1.20
CA TYR B 186 3.91 23.02 0.00
C TYR B 186 5.32 22.60 -0.32
N LYS B 187 5.54 22.14 -1.57
CA LYS B 187 6.86 21.71 -1.97
C LYS B 187 7.84 22.88 -1.93
N GLN B 188 7.35 24.11 -2.14
CA GLN B 188 8.29 25.24 -2.12
C GLN B 188 8.60 25.65 -0.68
N ASP B 189 7.85 25.14 0.29
CA ASP B 189 8.24 25.28 1.69
C ASP B 189 9.12 24.14 2.16
N GLY B 190 9.53 23.25 1.24
CA GLY B 190 10.51 22.21 1.54
C GLY B 190 9.84 20.89 1.99
N PHE B 191 8.51 20.75 1.95
CA PHE B 191 7.86 19.49 2.29
C PHE B 191 7.85 18.65 1.02
N THR B 192 7.87 17.32 1.17
CA THR B 192 7.78 16.46 0.00
C THR B 192 6.37 16.52 -0.63
N ASP B 193 5.31 16.80 0.15
CA ASP B 193 3.95 16.93 -0.34
C ASP B 193 3.10 17.49 0.78
N THR B 194 1.81 17.77 0.50
CA THR B 194 0.99 18.43 1.49
C THR B 194 0.77 17.53 2.69
N GLY B 195 0.66 16.20 2.46
CA GLY B 195 0.45 15.22 3.53
C GLY B 195 1.64 15.25 4.51
N ALA B 196 2.86 15.46 3.98
CA ALA B 196 3.98 15.64 4.89
C ALA B 196 3.83 16.86 5.78
N TYR B 197 3.37 17.99 5.21
CA TYR B 197 3.10 19.18 5.98
C TYR B 197 2.01 18.87 7.02
N TRP B 198 0.90 18.22 6.61
CA TRP B 198 -0.11 17.99 7.67
C TRP B 198 0.48 17.11 8.78
N ARG B 199 1.24 16.07 8.42
CA ARG B 199 1.76 15.21 9.50
C ARG B 199 2.72 15.95 10.46
N SER B 200 3.33 17.06 9.97
CA SER B 200 4.39 17.74 10.71
C SER B 200 3.79 18.41 11.96
N TRP B 201 2.45 18.58 12.00
CA TRP B 201 1.84 19.26 13.15
C TRP B 201 1.92 18.39 14.40
N TYR B 202 2.16 17.09 14.24
CA TYR B 202 2.24 16.29 15.45
C TYR B 202 3.67 16.26 15.98
N ASN B 203 4.64 16.81 15.22
CA ASN B 203 6.03 16.92 15.70
C ASN B 203 6.50 15.59 16.32
N SER B 204 6.49 14.54 15.50
CA SER B 204 6.70 13.20 16.02
C SER B 204 7.34 12.41 14.90
N PRO B 205 8.66 12.11 14.96
CA PRO B 205 9.28 11.46 13.81
C PRO B 205 8.72 10.06 13.60
N THR B 206 8.14 9.43 14.62
CA THR B 206 7.62 8.10 14.33
C THR B 206 6.07 8.13 14.32
N PHE B 207 5.50 9.26 13.90
CA PHE B 207 4.06 9.43 13.86
C PHE B 207 3.38 8.23 13.24
N GLU B 208 3.69 7.86 11.99
CA GLU B 208 2.92 6.83 11.31
C GLU B 208 3.08 5.42 11.91
N ASP B 209 4.29 5.05 12.33
CA ASP B 209 4.52 3.81 13.06
C ASP B 209 3.78 3.79 14.39
N ASP B 210 3.73 4.92 15.09
CA ASP B 210 3.02 4.99 16.34
C ASP B 210 1.50 4.78 16.14
N LEU B 211 0.93 5.34 15.05
CA LEU B 211 -0.49 5.14 14.74
C LEU B 211 -0.74 3.67 14.46
N GLU B 212 0.16 3.07 13.65
CA GLU B 212 0.00 1.68 13.23
C GLU B 212 0.00 0.75 14.46
N HIS B 213 0.89 1.02 15.41
CA HIS B 213 1.00 0.22 16.63
C HIS B 213 -0.28 0.32 17.43
N LEU B 214 -0.80 1.56 17.56
CA LEU B 214 -2.06 1.80 18.23
C LEU B 214 -3.11 0.96 17.54
N TYR B 215 -3.20 1.10 16.21
CA TYR B 215 -4.29 0.46 15.50
C TYR B 215 -4.25 -1.06 15.73
N GLN B 216 -3.06 -1.63 15.78
CA GLN B 216 -2.99 -3.08 15.97
C GLN B 216 -3.56 -3.51 17.32
N GLN B 217 -3.42 -2.68 18.37
CA GLN B 217 -4.01 -3.05 19.65
C GLN B 217 -5.53 -2.93 19.65
N LEU B 218 -6.07 -2.09 18.77
CA LEU B 218 -7.52 -1.86 18.78
C LEU B 218 -8.25 -2.79 17.83
N GLU B 219 -7.55 -3.22 16.78
CA GLU B 219 -8.25 -3.95 15.72
C GLU B 219 -9.05 -5.16 16.22
N PRO B 220 -8.54 -5.97 17.19
CA PRO B 220 -9.36 -7.10 17.67
C PRO B 220 -10.75 -6.67 18.19
N LEU B 221 -10.81 -5.51 18.91
CA LEU B 221 -12.08 -5.02 19.40
C LEU B 221 -12.97 -4.77 18.20
N TYR B 222 -12.40 -4.07 17.20
CA TYR B 222 -13.24 -3.81 16.03
C TYR B 222 -13.72 -5.10 15.39
N LEU B 223 -12.79 -6.07 15.26
CA LEU B 223 -13.19 -7.30 14.56
C LEU B 223 -14.33 -8.02 15.29
N ASN B 224 -14.27 -8.07 16.62
CA ASN B 224 -15.32 -8.70 17.39
C ASN B 224 -16.64 -7.96 17.30
N LEU B 225 -16.62 -6.59 17.31
CA LEU B 225 -17.83 -5.80 17.17
C LEU B 225 -18.45 -6.06 15.80
N HIS B 226 -17.61 -5.99 14.77
CA HIS B 226 -18.04 -6.23 13.38
C HIS B 226 -18.75 -7.57 13.23
N ALA B 227 -18.13 -8.65 13.75
CA ALA B 227 -18.72 -9.99 13.63
C ALA B 227 -20.12 -10.12 14.26
N PHE B 228 -20.27 -9.50 15.44
CA PHE B 228 -21.53 -9.53 16.16
C PHE B 228 -22.58 -8.75 15.42
N VAL B 229 -22.23 -7.51 14.96
CA VAL B 229 -23.12 -6.69 14.20
C VAL B 229 -23.51 -7.38 12.90
N ARG B 230 -22.54 -8.02 12.22
CA ARG B 230 -22.86 -8.63 10.94
C ARG B 230 -23.89 -9.76 11.15
N ARG B 231 -23.72 -10.56 12.23
CA ARG B 231 -24.69 -11.60 12.60
C ARG B 231 -26.07 -10.97 12.86
N ALA B 232 -26.10 -9.81 13.55
CA ALA B 232 -27.34 -9.11 13.85
C ALA B 232 -28.01 -8.65 12.56
N LEU B 233 -27.23 -8.08 11.63
CA LEU B 233 -27.78 -7.74 10.30
C LEU B 233 -28.23 -8.98 9.50
N HIS B 234 -27.49 -10.08 9.61
CA HIS B 234 -27.91 -11.25 8.85
C HIS B 234 -29.32 -11.72 9.32
N ARG B 235 -29.60 -11.60 10.65
CA ARG B 235 -30.92 -11.95 11.20
C ARG B 235 -32.03 -11.10 10.60
N ARG B 236 -31.76 -9.84 10.18
CA ARG B 236 -32.79 -8.99 9.62
C ARG B 236 -32.88 -9.03 8.09
N TYR B 237 -31.75 -9.19 7.42
CA TYR B 237 -31.72 -8.95 5.98
C TYR B 237 -31.52 -10.27 5.26
N GLY B 238 -31.13 -11.32 6.00
CA GLY B 238 -31.05 -12.63 5.36
C GLY B 238 -29.73 -12.88 4.61
N ASP B 239 -29.53 -14.16 4.29
CA ASP B 239 -28.39 -14.77 3.63
C ASP B 239 -28.11 -14.17 2.25
N ARG B 240 -29.09 -13.55 1.63
CA ARG B 240 -28.82 -13.03 0.29
C ARG B 240 -28.07 -11.70 0.36
N TYR B 241 -28.33 -10.86 1.37
CA TYR B 241 -27.73 -9.55 1.36
C TYR B 241 -26.62 -9.44 2.41
N ILE B 242 -26.54 -10.43 3.32
CA ILE B 242 -25.48 -10.49 4.32
C ILE B 242 -24.70 -11.78 4.14
N ASN B 243 -23.38 -11.64 3.94
CA ASN B 243 -22.51 -12.80 4.00
C ASN B 243 -21.77 -12.85 5.34
N LEU B 244 -21.98 -13.90 6.14
CA LEU B 244 -21.34 -14.02 7.43
C LEU B 244 -19.82 -14.21 7.33
N ARG B 245 -19.27 -14.36 6.12
CA ARG B 245 -17.81 -14.48 6.02
C ARG B 245 -17.20 -13.38 5.14
N GLY B 246 -18.01 -12.38 4.80
CA GLY B 246 -17.63 -11.35 3.83
C GLY B 246 -17.80 -9.95 4.43
N PRO B 247 -17.47 -8.87 3.70
CA PRO B 247 -17.66 -7.52 4.22
C PRO B 247 -19.16 -7.18 4.30
N ILE B 248 -19.47 -6.28 5.24
CA ILE B 248 -20.87 -5.86 5.42
C ILE B 248 -21.15 -4.86 4.32
N PRO B 249 -22.32 -4.91 3.62
CA PRO B 249 -22.69 -3.79 2.75
C PRO B 249 -22.78 -2.39 3.38
N ALA B 250 -22.19 -1.37 2.68
CA ALA B 250 -21.75 -0.13 3.34
C ALA B 250 -22.93 0.76 3.70
N HIS B 251 -24.15 0.45 3.23
CA HIS B 251 -25.31 1.30 3.49
C HIS B 251 -26.18 0.77 4.66
N LEU B 252 -25.79 -0.29 5.38
CA LEU B 252 -26.70 -0.93 6.34
C LEU B 252 -26.34 -0.59 7.79
N LEU B 253 -25.38 0.32 8.03
CA LEU B 253 -24.86 0.55 9.36
C LEU B 253 -25.38 1.84 9.99
N GLY B 254 -26.35 2.56 9.39
CA GLY B 254 -27.01 3.61 10.15
C GLY B 254 -26.55 5.03 9.78
N ASP B 255 -25.48 5.11 8.96
CA ASP B 255 -24.72 6.32 8.69
C ASP B 255 -24.24 6.24 7.21
N MET B 256 -24.21 7.38 6.54
CA MET B 256 -23.90 7.38 5.10
C MET B 256 -22.44 6.88 4.87
N TRP B 257 -21.53 7.06 5.85
CA TRP B 257 -20.12 6.64 5.73
C TRP B 257 -19.83 5.39 6.56
N ALA B 258 -20.88 4.73 7.07
CA ALA B 258 -20.70 3.58 7.97
C ALA B 258 -19.65 3.92 9.06
N GLN B 259 -19.61 5.16 9.53
CA GLN B 259 -18.52 5.59 10.39
C GLN B 259 -18.91 5.53 11.86
N SER B 260 -20.20 5.59 12.13
CA SER B 260 -20.70 5.43 13.47
C SER B 260 -21.87 4.48 13.31
N TRP B 261 -21.96 3.48 14.20
CA TRP B 261 -23.05 2.52 14.02
C TRP B 261 -24.18 2.72 15.04
N GLU B 262 -24.22 3.86 15.73
CA GLU B 262 -25.13 4.00 16.87
C GLU B 262 -26.60 3.90 16.42
N ASN B 263 -26.92 4.23 15.15
CA ASN B 263 -28.30 4.16 14.68
C ASN B 263 -28.81 2.75 14.56
N ILE B 264 -27.97 1.73 14.55
CA ILE B 264 -28.57 0.42 14.55
C ILE B 264 -28.50 -0.26 15.89
N TYR B 265 -28.40 0.53 16.96
CA TYR B 265 -28.41 -0.04 18.31
C TYR B 265 -29.63 -0.95 18.55
N ASP B 266 -30.82 -0.52 18.10
CA ASP B 266 -32.01 -1.30 18.38
C ASP B 266 -31.91 -2.72 17.81
N MET B 267 -31.13 -2.97 16.73
CA MET B 267 -30.96 -4.33 16.19
C MET B 267 -29.91 -5.15 16.92
N VAL B 268 -29.03 -4.49 17.70
CA VAL B 268 -27.94 -5.25 18.27
C VAL B 268 -28.03 -5.32 19.81
N VAL B 269 -28.91 -4.55 20.42
CA VAL B 269 -28.86 -4.42 21.89
C VAL B 269 -29.14 -5.81 22.51
N PRO B 270 -28.24 -6.40 23.31
CA PRO B 270 -28.57 -7.71 23.90
C PRO B 270 -29.64 -7.86 24.98
N PHE B 271 -29.81 -6.87 25.86
CA PHE B 271 -30.78 -6.95 26.94
C PHE B 271 -31.83 -5.86 26.79
N PRO B 272 -32.77 -5.98 25.83
CA PRO B 272 -33.84 -4.98 25.67
C PRO B 272 -34.87 -4.76 26.80
N ASP B 273 -34.82 -5.56 27.88
CA ASP B 273 -35.67 -5.28 29.04
C ASP B 273 -35.12 -4.21 29.99
N LYS B 274 -33.85 -3.83 29.81
CA LYS B 274 -33.20 -2.84 30.66
C LYS B 274 -33.60 -1.46 30.14
N PRO B 275 -33.27 -0.36 30.85
CA PRO B 275 -33.62 0.98 30.37
C PRO B 275 -33.16 1.23 28.92
N ASN B 276 -34.03 1.83 28.10
CA ASN B 276 -33.68 2.07 26.72
C ASN B 276 -32.69 3.24 26.65
N LEU B 277 -31.42 2.97 26.31
CA LEU B 277 -30.36 3.98 26.37
C LEU B 277 -30.32 4.92 25.16
N ASP B 278 -31.15 4.69 24.16
CA ASP B 278 -31.31 5.71 23.13
C ASP B 278 -32.47 6.62 23.53
N VAL B 279 -32.14 7.82 24.01
CA VAL B 279 -33.13 8.69 24.60
C VAL B 279 -33.74 9.59 23.55
N THR B 280 -33.45 9.34 22.26
CA THR B 280 -34.04 10.19 21.23
C THR B 280 -35.55 10.34 21.38
N SER B 281 -36.28 9.23 21.56
CA SER B 281 -37.75 9.34 21.58
C SER B 281 -38.24 10.11 22.83
N THR B 282 -37.46 10.13 23.94
CA THR B 282 -37.85 10.92 25.09
C THR B 282 -37.58 12.40 24.83
N MET B 283 -36.49 12.65 24.12
CA MET B 283 -36.24 14.05 23.77
C MET B 283 -37.44 14.61 22.99
N LEU B 284 -37.87 13.87 21.96
CA LEU B 284 -39.03 14.26 21.13
C LEU B 284 -40.34 14.31 21.93
N GLN B 285 -40.62 13.28 22.73
CA GLN B 285 -41.73 13.35 23.71
C GLN B 285 -41.73 14.60 24.59
N GLN B 286 -40.59 15.03 25.14
CA GLN B 286 -40.52 16.18 26.06
C GLN B 286 -40.50 17.51 25.32
N GLY B 287 -40.41 17.49 23.99
CA GLY B 287 -40.40 18.79 23.33
C GLY B 287 -39.04 19.48 23.26
N TRP B 288 -37.91 18.73 23.41
CA TRP B 288 -36.60 19.39 23.25
C TRP B 288 -36.49 20.09 21.89
N GLN B 289 -35.82 21.23 21.88
CA GLN B 289 -35.47 21.93 20.66
C GLN B 289 -33.94 22.17 20.63
N ALA B 290 -33.44 22.69 19.49
CA ALA B 290 -32.00 22.98 19.38
C ALA B 290 -31.49 23.81 20.55
N THR B 291 -32.16 24.93 20.82
CA THR B 291 -31.62 25.81 21.84
C THR B 291 -31.49 25.09 23.20
N HIS B 292 -32.38 24.13 23.48
CA HIS B 292 -32.28 23.44 24.77
C HIS B 292 -30.99 22.63 24.80
N MET B 293 -30.70 22.01 23.64
CA MET B 293 -29.57 21.10 23.51
C MET B 293 -28.29 21.89 23.80
N PHE B 294 -28.14 23.12 23.21
CA PHE B 294 -27.00 23.96 23.43
C PHE B 294 -26.96 24.47 24.87
N ARG B 295 -28.14 24.73 25.45
CA ARG B 295 -28.09 25.20 26.84
C ARG B 295 -27.76 24.04 27.77
N VAL B 296 -28.17 22.81 27.42
CA VAL B 296 -27.85 21.75 28.39
C VAL B 296 -26.32 21.50 28.36
N ALA B 297 -25.76 21.63 27.16
CA ALA B 297 -24.33 21.39 26.92
C ALA B 297 -23.57 22.48 27.64
N GLU B 298 -23.98 23.75 27.40
CA GLU B 298 -23.35 24.84 28.13
C GLU B 298 -23.32 24.61 29.66
N GLU B 299 -24.44 24.14 30.22
CA GLU B 299 -24.54 24.00 31.67
C GLU B 299 -23.57 22.94 32.20
N PHE B 300 -23.25 21.92 31.37
CA PHE B 300 -22.24 20.94 31.78
C PHE B 300 -20.90 21.69 31.90
N PHE B 301 -20.55 22.49 30.89
CA PHE B 301 -19.30 23.26 30.94
C PHE B 301 -19.21 24.18 32.16
N THR B 302 -20.30 24.91 32.49
CA THR B 302 -20.27 25.81 33.65
C THR B 302 -20.21 25.01 34.95
N SER B 303 -20.77 23.79 34.97
CA SER B 303 -20.78 23.00 36.19
C SER B 303 -19.34 22.71 36.59
N LEU B 304 -18.43 22.69 35.61
CA LEU B 304 -16.99 22.43 35.81
C LEU B 304 -16.23 23.72 36.06
N GLU B 305 -16.95 24.86 36.05
CA GLU B 305 -16.27 26.13 36.21
C GLU B 305 -15.43 26.48 34.99
N LEU B 306 -15.86 25.98 33.83
CA LEU B 306 -15.40 26.57 32.57
C LEU B 306 -16.34 27.74 32.16
N SER B 307 -16.08 28.37 31.01
CA SER B 307 -16.84 29.57 30.70
C SER B 307 -18.18 29.23 30.08
N PRO B 308 -19.19 30.07 30.33
CA PRO B 308 -20.47 30.02 29.64
C PRO B 308 -20.24 30.51 28.22
N MET B 309 -21.17 30.21 27.33
CA MET B 309 -21.09 30.79 26.00
C MET B 309 -21.34 32.30 26.13
N PRO B 310 -20.58 33.22 25.49
CA PRO B 310 -20.86 34.66 25.59
C PRO B 310 -22.14 35.07 24.85
N PRO B 311 -22.69 36.26 25.18
CA PRO B 311 -23.84 36.77 24.44
C PRO B 311 -23.61 36.77 22.95
N GLU B 312 -22.39 37.07 22.50
CA GLU B 312 -22.24 37.13 21.05
C GLU B 312 -22.35 35.76 20.38
N PHE B 313 -22.14 34.67 21.13
CA PHE B 313 -22.39 33.31 20.64
C PHE B 313 -23.88 33.09 20.46
N TRP B 314 -24.70 33.53 21.44
CA TRP B 314 -26.14 33.26 21.28
C TRP B 314 -26.75 34.17 20.19
N GLU B 315 -26.19 35.36 20.04
CA GLU B 315 -26.78 36.27 19.05
C GLU B 315 -26.32 35.92 17.64
N GLY B 316 -25.06 35.49 17.50
CA GLY B 316 -24.59 35.24 16.13
C GLY B 316 -24.66 33.81 15.63
N SER B 317 -24.83 32.78 16.48
CA SER B 317 -24.77 31.39 16.00
C SER B 317 -25.95 31.05 15.14
N MET B 318 -25.76 30.04 14.27
CA MET B 318 -26.88 29.51 13.54
C MET B 318 -27.16 28.10 14.08
N LEU B 319 -28.29 27.88 14.80
CA LEU B 319 -28.45 26.62 15.58
C LEU B 319 -29.49 25.70 14.97
N GLU B 320 -30.14 26.16 13.89
CA GLU B 320 -31.00 25.29 13.14
C GLU B 320 -30.95 25.68 11.67
N LYS B 321 -31.27 24.71 10.80
CA LYS B 321 -31.29 24.99 9.38
C LYS B 321 -32.33 26.07 9.06
N PRO B 322 -31.95 27.19 8.40
CA PRO B 322 -32.92 28.25 8.07
C PRO B 322 -34.09 27.73 7.24
N ALA B 323 -35.29 28.24 7.50
CA ALA B 323 -36.45 27.78 6.74
C ALA B 323 -36.81 28.79 5.65
N ASP B 324 -36.12 29.93 5.63
CA ASP B 324 -36.27 30.98 4.62
C ASP B 324 -35.72 30.51 3.27
N GLY B 325 -35.35 29.23 3.16
CA GLY B 325 -34.80 28.71 1.92
C GLY B 325 -33.39 29.19 1.53
N ARG B 326 -32.71 30.04 2.34
CA ARG B 326 -31.28 30.27 2.14
C ARG B 326 -30.62 28.90 2.00
N GLU B 327 -29.55 28.80 1.21
CA GLU B 327 -28.79 27.56 1.15
C GLU B 327 -27.62 27.72 2.12
N VAL B 328 -27.28 26.66 2.86
CA VAL B 328 -26.26 26.76 3.89
C VAL B 328 -25.39 25.50 3.91
N VAL B 329 -24.23 25.58 4.53
CA VAL B 329 -23.47 24.36 4.76
C VAL B 329 -24.09 23.77 6.03
N CYS B 330 -24.60 22.54 5.92
CA CYS B 330 -25.27 21.96 7.09
C CYS B 330 -24.34 21.27 8.06
N HIS B 331 -23.20 20.79 7.57
CA HIS B 331 -22.25 20.09 8.43
C HIS B 331 -21.94 20.97 9.64
N ALA B 332 -22.07 20.45 10.89
CA ALA B 332 -21.86 21.28 12.08
C ALA B 332 -20.40 21.81 12.16
N SER B 333 -20.15 23.04 12.63
CA SER B 333 -18.79 23.60 12.71
C SER B 333 -18.73 24.65 13.79
N ALA B 334 -17.51 24.81 14.32
CA ALA B 334 -17.23 25.83 15.31
C ALA B 334 -16.41 26.96 14.65
N TRP B 335 -16.49 28.18 15.18
CA TRP B 335 -15.93 29.38 14.54
C TRP B 335 -15.29 30.30 15.56
N ASP B 336 -13.97 30.47 15.44
CA ASP B 336 -13.21 31.50 16.12
C ASP B 336 -12.98 32.67 15.13
N PHE B 337 -13.49 33.88 15.42
CA PHE B 337 -13.28 35.04 14.54
C PHE B 337 -11.96 35.77 14.77
N TYR B 338 -11.19 35.36 15.78
CA TYR B 338 -9.87 35.93 16.02
C TYR B 338 -9.96 37.41 16.46
N ASN B 339 -11.09 37.81 17.08
CA ASN B 339 -11.20 39.19 17.59
C ASN B 339 -11.38 39.10 19.11
N ARG B 340 -11.20 37.88 19.68
CA ARG B 340 -11.32 37.66 21.12
C ARG B 340 -12.73 37.94 21.66
N LYS B 341 -13.77 37.90 20.82
CA LYS B 341 -15.05 38.42 21.22
C LYS B 341 -16.15 37.59 20.56
N ASP B 342 -16.07 37.39 19.24
CA ASP B 342 -17.04 36.59 18.52
C ASP B 342 -16.58 35.13 18.37
N PHE B 343 -17.52 34.21 18.65
CA PHE B 343 -17.28 32.76 18.62
C PHE B 343 -18.65 32.19 18.34
N ARG B 344 -18.78 31.31 17.33
CA ARG B 344 -20.12 30.85 17.00
C ARG B 344 -20.09 29.38 16.61
N ILE B 345 -21.28 28.75 16.60
CA ILE B 345 -21.45 27.44 16.02
C ILE B 345 -22.44 27.62 14.88
N LYS B 346 -22.25 26.87 13.80
CA LYS B 346 -23.22 26.73 12.72
C LYS B 346 -23.55 25.24 12.66
N GLN B 347 -24.78 24.85 13.00
CA GLN B 347 -25.18 23.45 12.97
C GLN B 347 -26.68 23.41 12.59
N CYS B 348 -27.07 22.53 11.66
CA CYS B 348 -28.49 22.32 11.34
C CYS B 348 -29.00 21.27 12.32
N THR B 349 -29.16 21.66 13.59
CA THR B 349 -29.39 20.76 14.68
C THR B 349 -30.71 20.01 14.49
N ARG B 350 -30.65 18.71 14.72
CA ARG B 350 -31.86 17.89 14.75
C ARG B 350 -31.95 17.29 16.17
N VAL B 351 -33.18 17.00 16.60
CA VAL B 351 -33.40 16.59 17.98
C VAL B 351 -33.18 15.08 18.05
N THR B 352 -31.93 14.67 18.35
CA THR B 352 -31.57 13.26 18.47
C THR B 352 -30.45 13.22 19.51
N MET B 353 -30.29 12.04 20.12
CA MET B 353 -29.30 11.83 21.15
C MET B 353 -27.90 12.02 20.51
N ASP B 354 -27.70 11.56 19.26
CA ASP B 354 -26.37 11.69 18.69
C ASP B 354 -26.10 13.15 18.28
N GLN B 355 -27.13 13.92 17.88
CA GLN B 355 -26.96 15.36 17.74
C GLN B 355 -26.65 16.06 19.07
N LEU B 356 -27.17 15.54 20.19
CA LEU B 356 -26.76 16.15 21.47
C LEU B 356 -25.23 15.95 21.65
N SER B 357 -24.70 14.77 21.26
N SER B 357 -24.77 14.74 21.28
CA SER B 357 -23.26 14.53 21.30
CA SER B 357 -23.36 14.39 21.18
C SER B 357 -22.49 15.44 20.33
C SER B 357 -22.61 15.45 20.36
N THR B 358 -22.96 15.62 19.08
CA THR B 358 -22.37 16.64 18.23
C THR B 358 -22.37 18.07 18.81
N VAL B 359 -23.47 18.49 19.41
CA VAL B 359 -23.50 19.76 20.14
C VAL B 359 -22.34 19.88 21.13
N HIS B 360 -22.10 18.84 21.95
CA HIS B 360 -21.00 18.89 22.89
C HIS B 360 -19.66 18.94 22.14
N HIS B 361 -19.54 18.19 21.02
CA HIS B 361 -18.31 18.13 20.26
C HIS B 361 -17.99 19.57 19.81
N GLU B 362 -18.96 20.22 19.16
CA GLU B 362 -18.74 21.58 18.67
C GLU B 362 -18.54 22.59 19.81
N MET B 363 -19.25 22.40 20.91
CA MET B 363 -19.00 23.33 22.04
C MET B 363 -17.62 23.15 22.66
N GLY B 364 -17.02 21.93 22.57
CA GLY B 364 -15.65 21.75 23.04
C GLY B 364 -14.70 22.69 22.27
N HIS B 365 -14.86 22.84 20.94
CA HIS B 365 -14.00 23.75 20.17
C HIS B 365 -14.19 25.16 20.67
N ILE B 366 -15.44 25.57 20.86
CA ILE B 366 -15.71 26.93 21.37
C ILE B 366 -15.06 27.15 22.73
N GLN B 367 -15.15 26.12 23.60
CA GLN B 367 -14.58 26.35 24.92
C GLN B 367 -13.04 26.53 24.82
N TYR B 368 -12.34 25.79 23.95
CA TYR B 368 -10.91 26.00 23.77
C TYR B 368 -10.66 27.45 23.33
N TYR B 369 -11.44 27.92 22.36
CA TYR B 369 -11.26 29.28 21.87
C TYR B 369 -11.44 30.28 23.01
N LEU B 370 -12.46 30.08 23.88
CA LEU B 370 -12.69 30.96 25.03
C LEU B 370 -11.50 31.00 25.97
N GLN B 371 -10.85 29.85 26.16
CA GLN B 371 -9.82 29.75 27.18
C GLN B 371 -8.47 30.30 26.70
N TYR B 372 -8.18 30.27 25.40
CA TYR B 372 -6.87 30.69 24.93
C TYR B 372 -6.92 32.03 24.17
N LYS B 373 -8.04 32.76 24.26
CA LYS B 373 -8.28 33.92 23.40
C LYS B 373 -7.30 35.06 23.73
N ASP B 374 -6.68 35.01 24.90
CA ASP B 374 -5.72 36.01 25.30
C ASP B 374 -4.30 35.63 24.86
N LEU B 375 -4.06 34.48 24.24
CA LEU B 375 -2.70 34.22 23.80
C LEU B 375 -2.41 35.01 22.51
N PRO B 376 -1.12 35.20 22.15
CA PRO B 376 -0.73 35.60 20.79
C PRO B 376 -1.43 34.72 19.77
N VAL B 377 -1.90 35.25 18.62
CA VAL B 377 -2.71 34.47 17.71
C VAL B 377 -2.01 33.16 17.29
N SER B 378 -0.67 33.12 17.09
CA SER B 378 -0.07 31.90 16.57
C SER B 378 -0.23 30.76 17.59
N LEU B 379 -0.44 31.07 18.87
CA LEU B 379 -0.60 30.02 19.85
C LEU B 379 -2.08 29.65 20.10
N ARG B 380 -2.99 30.18 19.28
CA ARG B 380 -4.43 29.96 19.50
C ARG B 380 -4.78 28.73 18.69
N ARG B 381 -4.26 27.58 19.13
CA ARG B 381 -4.53 26.34 18.45
C ARG B 381 -4.53 25.27 19.52
N GLY B 382 -4.97 24.04 19.19
CA GLY B 382 -4.85 22.99 20.20
C GLY B 382 -3.37 22.63 20.38
N ALA B 383 -3.04 21.88 21.45
CA ALA B 383 -1.65 21.43 21.57
C ALA B 383 -1.26 20.56 20.36
N ASN B 384 -2.18 19.77 19.81
CA ASN B 384 -2.10 19.25 18.45
C ASN B 384 -3.56 19.20 18.01
N PRO B 385 -3.89 18.98 16.73
CA PRO B 385 -5.30 19.07 16.38
C PRO B 385 -6.19 17.98 16.99
N GLY B 386 -5.61 16.80 17.32
CA GLY B 386 -6.37 15.80 18.07
C GLY B 386 -6.89 16.30 19.42
N PHE B 387 -6.15 17.16 20.11
CA PHE B 387 -6.61 17.78 21.36
C PHE B 387 -7.86 18.64 21.13
N HIS B 388 -7.92 19.42 20.03
CA HIS B 388 -9.09 20.26 19.82
C HIS B 388 -10.28 19.33 19.59
N GLU B 389 -10.02 18.18 18.90
CA GLU B 389 -11.12 17.25 18.59
C GLU B 389 -11.67 16.53 19.84
N ALA B 390 -10.90 16.45 20.90
CA ALA B 390 -11.21 15.53 22.02
C ALA B 390 -11.99 16.23 23.15
N ILE B 391 -12.01 17.60 23.19
CA ILE B 391 -12.48 18.32 24.41
C ILE B 391 -13.96 17.96 24.61
N GLY B 392 -14.77 18.15 23.56
CA GLY B 392 -16.22 18.04 23.71
C GLY B 392 -16.61 16.57 23.89
N ASP B 393 -15.91 15.67 23.18
CA ASP B 393 -16.09 14.21 23.27
C ASP B 393 -15.85 13.74 24.70
N VAL B 394 -14.81 14.26 25.32
CA VAL B 394 -14.57 13.89 26.71
C VAL B 394 -15.82 14.15 27.55
N LEU B 395 -16.34 15.38 27.50
CA LEU B 395 -17.57 15.68 28.23
C LEU B 395 -18.74 14.78 27.86
N ALA B 396 -18.98 14.60 26.53
CA ALA B 396 -20.11 13.77 26.08
C ALA B 396 -19.97 12.38 26.72
N LEU B 397 -18.74 11.89 27.02
CA LEU B 397 -18.60 10.56 27.65
C LEU B 397 -19.33 10.56 29.01
N SER B 398 -19.16 11.61 29.84
CA SER B 398 -19.95 11.75 31.07
C SER B 398 -21.46 11.88 30.78
N VAL B 399 -21.85 12.66 29.76
CA VAL B 399 -23.25 12.96 29.56
C VAL B 399 -24.03 11.71 29.19
N SER B 400 -23.42 10.83 28.40
CA SER B 400 -24.16 9.70 27.89
C SER B 400 -24.35 8.61 28.98
N THR B 401 -23.68 8.69 30.14
CA THR B 401 -23.84 7.65 31.13
C THR B 401 -25.31 7.55 31.55
N PRO B 402 -25.87 6.34 31.75
CA PRO B 402 -27.26 6.20 32.21
C PRO B 402 -27.55 7.11 33.43
N GLU B 403 -26.58 7.21 34.34
CA GLU B 403 -26.77 8.00 35.56
C GLU B 403 -26.90 9.50 35.25
N HIS B 404 -26.08 9.99 34.32
CA HIS B 404 -26.21 11.39 33.97
C HIS B 404 -27.55 11.63 33.25
N LEU B 405 -27.90 10.76 32.33
CA LEU B 405 -29.13 10.93 31.60
C LEU B 405 -30.32 10.93 32.57
N HIS B 406 -30.26 10.11 33.62
CA HIS B 406 -31.30 10.14 34.64
C HIS B 406 -31.39 11.54 35.25
N LYS B 407 -30.23 12.08 35.60
CA LYS B 407 -30.15 13.39 36.21
C LYS B 407 -30.67 14.48 35.27
N ILE B 408 -30.65 14.33 33.97
CA ILE B 408 -31.14 15.48 33.20
C ILE B 408 -32.55 15.19 32.73
N GLY B 409 -33.13 14.12 33.29
CA GLY B 409 -34.53 13.77 33.07
C GLY B 409 -34.80 12.98 31.79
N LEU B 410 -33.79 12.31 31.23
CA LEU B 410 -33.96 11.63 29.94
C LEU B 410 -34.08 10.11 30.12
N LEU B 411 -33.93 9.64 31.36
CA LEU B 411 -34.02 8.21 31.58
C LEU B 411 -34.67 8.09 32.96
N ASP B 412 -35.85 7.46 33.03
CA ASP B 412 -36.67 7.39 34.24
C ASP B 412 -36.11 6.38 35.23
N ARG B 413 -35.47 5.33 34.77
CA ARG B 413 -34.97 4.37 35.74
C ARG B 413 -33.45 4.32 35.60
N VAL B 414 -32.73 4.13 36.69
CA VAL B 414 -31.32 3.78 36.64
C VAL B 414 -31.22 2.33 37.09
N THR B 415 -30.30 1.55 36.54
CA THR B 415 -29.97 0.22 37.04
C THR B 415 -28.45 0.15 37.17
N ASN B 416 -27.94 -0.66 38.08
CA ASN B 416 -26.51 -0.85 38.11
C ASN B 416 -26.22 -2.35 38.13
N ASP B 417 -26.31 -3.00 36.97
CA ASP B 417 -26.10 -4.44 36.86
C ASP B 417 -25.37 -4.75 35.57
N THR B 418 -24.90 -5.97 35.40
CA THR B 418 -23.94 -6.20 34.31
C THR B 418 -24.68 -6.14 32.98
N GLU B 419 -25.98 -6.47 32.93
CA GLU B 419 -26.69 -6.45 31.67
C GLU B 419 -26.78 -5.03 31.15
N SER B 420 -27.09 -4.07 32.05
CA SER B 420 -27.21 -2.65 31.71
C SER B 420 -25.84 -2.15 31.28
N ASP B 421 -24.79 -2.67 31.94
CA ASP B 421 -23.44 -2.28 31.55
C ASP B 421 -23.09 -2.74 30.13
N ILE B 422 -23.42 -3.99 29.79
CA ILE B 422 -23.08 -4.49 28.45
C ILE B 422 -23.87 -3.68 27.41
N ASN B 423 -25.18 -3.42 27.65
CA ASN B 423 -25.94 -2.63 26.68
C ASN B 423 -25.25 -1.28 26.50
N TYR B 424 -24.85 -0.63 27.62
CA TYR B 424 -24.28 0.68 27.55
C TYR B 424 -22.95 0.61 26.78
N LEU B 425 -22.10 -0.36 27.14
CA LEU B 425 -20.78 -0.45 26.53
C LEU B 425 -20.89 -0.85 25.03
N LEU B 426 -21.99 -1.54 24.68
CA LEU B 426 -22.13 -1.93 23.28
C LEU B 426 -22.57 -0.70 22.50
N LYS B 427 -23.43 0.10 23.13
CA LYS B 427 -23.91 1.30 22.46
C LYS B 427 -22.70 2.25 22.22
N MET B 428 -21.90 2.53 23.25
CA MET B 428 -20.65 3.27 23.14
C MET B 428 -19.67 2.70 22.10
N ALA B 429 -19.53 1.38 22.06
CA ALA B 429 -18.69 0.74 21.05
C ALA B 429 -19.20 1.01 19.62
N LEU B 430 -20.52 1.02 19.39
CA LEU B 430 -21.04 1.27 18.05
C LEU B 430 -20.67 2.71 17.66
N GLU B 431 -20.48 3.60 18.63
CA GLU B 431 -20.19 5.00 18.33
C GLU B 431 -18.67 5.15 18.19
N LYS B 432 -17.88 4.56 19.08
CA LYS B 432 -16.47 4.88 19.30
C LYS B 432 -15.57 3.81 18.65
N ILE B 433 -15.85 2.51 18.86
N ILE B 433 -15.88 2.52 18.85
CA ILE B 433 -15.00 1.46 18.29
CA ILE B 433 -15.06 1.45 18.29
C ILE B 433 -15.23 1.31 16.78
C ILE B 433 -15.24 1.34 16.78
N ALA B 434 -16.48 1.35 16.30
CA ALA B 434 -16.72 1.25 14.85
C ALA B 434 -16.06 2.38 14.05
N PHE B 435 -15.90 3.55 14.64
CA PHE B 435 -15.31 4.72 13.97
C PHE B 435 -13.80 4.58 13.80
N LEU B 436 -13.15 3.84 14.70
CA LEU B 436 -11.67 3.77 14.67
C LEU B 436 -11.07 3.44 13.28
N PRO B 437 -11.46 2.35 12.60
CA PRO B 437 -10.96 2.07 11.26
C PRO B 437 -11.14 3.24 10.28
N PHE B 438 -12.28 3.88 10.33
CA PHE B 438 -12.57 4.93 9.36
C PHE B 438 -11.69 6.12 9.69
N GLY B 439 -11.65 6.51 10.98
CA GLY B 439 -10.76 7.57 11.39
C GLY B 439 -9.31 7.37 10.93
N TYR B 440 -8.85 6.11 10.95
CA TYR B 440 -7.46 5.84 10.58
C TYR B 440 -7.35 5.82 9.05
N LEU B 441 -8.37 5.36 8.34
CA LEU B 441 -8.12 5.13 6.91
C LEU B 441 -8.20 6.37 6.01
N VAL B 442 -8.97 7.38 6.41
CA VAL B 442 -9.26 8.50 5.51
C VAL B 442 -7.98 9.22 5.11
N ASP B 443 -7.13 9.48 6.10
CA ASP B 443 -5.86 10.13 5.77
C ASP B 443 -4.82 9.18 5.14
N GLN B 444 -4.92 7.86 5.35
N GLN B 444 -4.92 7.88 5.42
CA GLN B 444 -4.04 6.98 4.59
CA GLN B 444 -4.10 6.96 4.64
C GLN B 444 -4.35 7.08 3.10
C GLN B 444 -4.35 7.27 3.17
N TRP B 445 -5.63 7.25 2.78
CA TRP B 445 -6.03 7.43 1.40
C TRP B 445 -5.47 8.78 0.93
N ARG B 446 -5.68 9.82 1.70
CA ARG B 446 -5.32 11.13 1.15
C ARG B 446 -3.81 11.37 1.20
N TRP B 447 -3.13 10.73 2.19
CA TRP B 447 -1.66 10.81 2.17
C TRP B 447 -1.11 10.17 0.90
N GLY B 448 -1.81 9.15 0.45
CA GLY B 448 -1.33 8.39 -0.70
C GLY B 448 -1.61 9.23 -1.95
N VAL B 449 -2.73 9.96 -1.93
CA VAL B 449 -3.01 10.84 -3.06
C VAL B 449 -2.01 12.01 -3.11
N PHE B 450 -1.69 12.65 -2.00
CA PHE B 450 -0.76 13.77 -2.04
C PHE B 450 0.65 13.32 -2.45
N SER B 451 1.06 12.14 -1.99
CA SER B 451 2.36 11.55 -2.33
C SER B 451 2.42 11.09 -3.80
N GLY B 452 1.29 10.91 -4.48
CA GLY B 452 1.29 10.36 -5.84
C GLY B 452 1.24 8.83 -5.91
N ARG B 453 1.28 8.13 -4.76
CA ARG B 453 1.08 6.68 -4.79
C ARG B 453 -0.29 6.38 -5.40
N THR B 454 -1.28 7.24 -5.14
CA THR B 454 -2.64 7.04 -5.67
C THR B 454 -2.90 8.19 -6.65
N PRO B 455 -2.74 7.93 -7.97
CA PRO B 455 -3.03 8.94 -8.98
C PRO B 455 -4.54 8.95 -9.21
N PRO B 456 -5.06 9.96 -9.96
CA PRO B 456 -6.50 9.98 -10.26
C PRO B 456 -7.11 8.71 -10.81
N SER B 457 -6.32 7.96 -11.56
CA SER B 457 -6.84 6.74 -12.17
C SER B 457 -7.02 5.62 -11.12
N ARG B 458 -6.61 5.82 -9.85
CA ARG B 458 -6.88 4.84 -8.80
C ARG B 458 -7.55 5.48 -7.55
N TYR B 459 -8.12 6.70 -7.68
CA TYR B 459 -8.78 7.30 -6.52
C TYR B 459 -9.78 6.32 -5.86
N ASN B 460 -10.66 5.68 -6.68
CA ASN B 460 -11.75 4.93 -6.05
C ASN B 460 -11.29 3.52 -5.75
N PHE B 461 -10.44 3.01 -6.61
CA PHE B 461 -9.84 1.69 -6.36
C PHE B 461 -9.12 1.70 -5.02
N ASP B 462 -8.31 2.73 -4.77
CA ASP B 462 -7.57 2.75 -3.51
C ASP B 462 -8.43 3.06 -2.29
N TRP B 463 -9.46 3.88 -2.50
CA TRP B 463 -10.46 4.13 -1.48
C TRP B 463 -11.12 2.84 -1.00
N TRP B 464 -11.61 2.03 -1.95
CA TRP B 464 -12.37 0.85 -1.55
C TRP B 464 -11.47 -0.27 -1.04
N TYR B 465 -10.20 -0.28 -1.51
CA TYR B 465 -9.20 -1.15 -0.94
C TYR B 465 -9.15 -0.91 0.59
N LEU B 466 -9.01 0.37 0.95
CA LEU B 466 -8.85 0.78 2.36
C LEU B 466 -10.16 0.58 3.17
N ARG B 467 -11.30 0.93 2.58
CA ARG B 467 -12.61 0.65 3.17
C ARG B 467 -12.73 -0.81 3.53
N THR B 468 -12.44 -1.71 2.58
CA THR B 468 -12.61 -3.11 2.90
C THR B 468 -11.52 -3.55 3.87
N LYS B 469 -10.26 -3.13 3.65
CA LYS B 469 -9.14 -3.55 4.48
C LYS B 469 -9.41 -3.23 5.96
N TYR B 470 -9.72 -1.96 6.27
CA TYR B 470 -9.91 -1.62 7.69
C TYR B 470 -11.35 -1.81 8.19
N GLN B 471 -12.32 -1.28 7.47
CA GLN B 471 -13.70 -1.33 8.00
C GLN B 471 -14.37 -2.68 7.72
N GLY B 472 -14.00 -3.38 6.63
CA GLY B 472 -14.65 -4.67 6.39
C GLY B 472 -16.07 -4.46 5.87
N ILE B 473 -16.21 -3.45 5.01
CA ILE B 473 -17.46 -3.11 4.30
C ILE B 473 -17.16 -3.16 2.79
N CYS B 474 -18.24 -3.25 2.02
CA CYS B 474 -18.12 -3.29 0.55
C CYS B 474 -19.21 -2.40 -0.01
N PRO B 475 -19.03 -1.81 -1.21
CA PRO B 475 -20.04 -0.92 -1.77
C PRO B 475 -21.23 -1.81 -2.15
N PRO B 476 -22.49 -1.37 -1.95
CA PRO B 476 -23.65 -2.21 -2.29
C PRO B 476 -24.00 -2.24 -3.79
N VAL B 477 -23.42 -1.32 -4.59
CA VAL B 477 -23.49 -1.39 -6.07
C VAL B 477 -22.04 -1.31 -6.60
N THR B 478 -21.82 -1.73 -7.85
CA THR B 478 -20.50 -1.73 -8.46
C THR B 478 -20.03 -0.31 -8.60
N ARG B 479 -18.74 -0.05 -8.30
CA ARG B 479 -18.24 1.30 -8.54
C ARG B 479 -17.05 1.19 -9.49
N ASN B 480 -16.69 2.29 -10.15
CA ASN B 480 -15.58 2.31 -11.07
C ASN B 480 -14.91 3.67 -10.89
N GLU B 481 -13.89 3.98 -11.74
CA GLU B 481 -13.12 5.19 -11.59
C GLU B 481 -13.84 6.45 -12.11
N THR B 482 -15.06 6.34 -12.60
CA THR B 482 -15.84 7.59 -12.77
C THR B 482 -16.36 8.10 -11.41
N HIS B 483 -16.65 7.17 -10.51
CA HIS B 483 -17.09 7.46 -9.15
C HIS B 483 -15.91 7.97 -8.34
N PHE B 484 -16.19 8.82 -7.32
CA PHE B 484 -15.14 9.36 -6.48
C PHE B 484 -15.77 9.40 -5.10
N ASP B 485 -15.91 8.20 -4.53
CA ASP B 485 -16.57 7.95 -3.27
C ASP B 485 -15.95 8.70 -2.09
N ALA B 486 -14.62 8.88 -2.11
CA ALA B 486 -14.00 9.70 -1.08
C ALA B 486 -14.55 11.13 -1.10
N GLY B 487 -14.88 11.70 -2.27
CA GLY B 487 -15.28 13.11 -2.22
C GLY B 487 -16.76 13.24 -1.78
N ALA B 488 -17.44 12.13 -1.49
CA ALA B 488 -18.78 12.24 -0.89
C ALA B 488 -18.73 12.30 0.66
N LYS B 489 -17.53 12.42 1.23
CA LYS B 489 -17.38 12.66 2.67
C LYS B 489 -16.95 14.13 2.82
N PHE B 490 -17.63 14.92 3.69
CA PHE B 490 -17.40 16.36 3.87
C PHE B 490 -15.93 16.78 3.86
N HIS B 491 -15.10 16.15 4.73
CA HIS B 491 -13.73 16.62 4.92
C HIS B 491 -12.83 16.51 3.68
N VAL B 492 -13.16 15.71 2.65
CA VAL B 492 -12.29 15.62 1.48
C VAL B 492 -12.42 16.88 0.62
N PRO B 493 -13.61 17.29 0.08
CA PRO B 493 -13.75 18.57 -0.66
C PRO B 493 -13.56 19.79 0.22
N ASN B 494 -13.76 19.62 1.52
CA ASN B 494 -13.54 20.77 2.39
C ASN B 494 -12.08 20.85 2.86
N VAL B 495 -11.27 19.88 2.48
CA VAL B 495 -9.84 19.97 2.79
C VAL B 495 -9.63 20.12 4.31
N THR B 496 -10.25 19.24 5.11
CA THR B 496 -10.02 19.24 6.56
C THR B 496 -9.33 17.92 6.83
N PRO B 497 -8.12 17.94 7.43
CA PRO B 497 -7.41 16.72 7.76
C PRO B 497 -8.24 15.86 8.71
N TYR B 498 -8.04 14.54 8.65
CA TYR B 498 -8.89 13.56 9.35
C TYR B 498 -8.18 12.74 10.43
N ILE B 499 -6.82 12.67 10.42
CA ILE B 499 -6.16 11.74 11.33
C ILE B 499 -6.40 12.25 12.74
N ARG B 500 -6.56 13.58 12.87
CA ARG B 500 -6.95 14.15 14.17
C ARG B 500 -8.12 13.40 14.87
N TYR B 501 -9.08 12.87 14.11
CA TYR B 501 -10.21 12.19 14.75
C TYR B 501 -9.84 10.79 15.27
N PHE B 502 -8.96 10.10 14.57
CA PHE B 502 -8.42 8.85 15.12
C PHE B 502 -7.65 9.13 16.42
N VAL B 503 -6.81 10.17 16.42
CA VAL B 503 -6.04 10.57 17.56
C VAL B 503 -7.00 10.95 18.69
N SER B 504 -8.01 11.77 18.36
N SER B 504 -8.07 11.72 18.37
CA SER B 504 -8.98 12.20 19.37
CA SER B 504 -9.00 12.22 19.39
C SER B 504 -9.64 10.97 20.06
C SER B 504 -9.90 11.11 19.97
N PHE B 505 -10.09 10.03 19.22
CA PHE B 505 -10.91 8.90 19.71
C PHE B 505 -10.14 8.05 20.73
N VAL B 506 -8.81 7.99 20.61
CA VAL B 506 -7.95 7.34 21.58
C VAL B 506 -7.73 8.29 22.75
N LEU B 507 -7.38 9.56 22.43
CA LEU B 507 -6.99 10.47 23.47
C LEU B 507 -8.16 10.84 24.37
N GLN B 508 -9.40 10.85 23.83
CA GLN B 508 -10.46 11.23 24.77
C GLN B 508 -10.60 10.28 25.99
N PHE B 509 -10.30 8.98 25.81
CA PHE B 509 -10.33 7.99 26.88
C PHE B 509 -9.15 8.22 27.83
N GLN B 510 -7.98 8.69 27.31
CA GLN B 510 -6.92 9.06 28.24
C GLN B 510 -7.30 10.28 29.08
N PHE B 511 -7.94 11.27 28.44
CA PHE B 511 -8.35 12.45 29.23
C PHE B 511 -9.43 12.04 30.25
N HIS B 512 -10.40 11.24 29.82
CA HIS B 512 -11.50 10.84 30.69
C HIS B 512 -10.98 10.11 31.94
N GLU B 513 -10.06 9.20 31.69
CA GLU B 513 -9.46 8.50 32.81
C GLU B 513 -8.80 9.50 33.76
N ALA B 514 -8.03 10.45 33.22
CA ALA B 514 -7.35 11.41 34.11
C ALA B 514 -8.34 12.33 34.85
N LEU B 515 -9.39 12.77 34.19
CA LEU B 515 -10.33 13.69 34.83
C LEU B 515 -11.21 12.96 35.86
N CYS B 516 -11.48 11.68 35.60
CA CYS B 516 -12.23 10.84 36.56
C CYS B 516 -11.45 10.67 37.86
N LYS B 517 -10.17 10.35 37.72
CA LYS B 517 -9.31 10.22 38.90
C LYS B 517 -9.23 11.56 39.63
N GLU B 518 -9.07 12.65 38.89
CA GLU B 518 -8.87 13.94 39.52
C GLU B 518 -10.17 14.37 40.22
N ALA B 519 -11.34 13.97 39.70
CA ALA B 519 -12.64 14.23 40.34
C ALA B 519 -12.89 13.38 41.61
N GLY B 520 -12.03 12.42 41.93
CA GLY B 520 -12.12 11.57 43.10
C GLY B 520 -13.02 10.37 42.83
N TYR B 521 -13.34 10.09 41.55
CA TYR B 521 -14.27 9.00 41.30
C TYR B 521 -13.54 7.65 41.37
N GLU B 522 -14.19 6.63 41.94
CA GLU B 522 -13.46 5.39 42.20
C GLU B 522 -14.19 4.11 41.75
N GLY B 523 -15.21 4.20 40.89
CA GLY B 523 -15.78 3.01 40.28
C GLY B 523 -15.26 2.71 38.87
N PRO B 524 -16.00 1.86 38.12
CA PRO B 524 -15.68 1.49 36.74
C PRO B 524 -15.55 2.77 35.88
N LEU B 525 -14.51 2.82 35.07
CA LEU B 525 -14.28 4.03 34.27
C LEU B 525 -15.50 4.37 33.42
N HIS B 526 -16.30 3.37 33.04
CA HIS B 526 -17.36 3.69 32.09
C HIS B 526 -18.59 4.22 32.80
N GLN B 527 -18.57 4.30 34.15
CA GLN B 527 -19.71 4.83 34.86
C GLN B 527 -19.39 6.22 35.44
N CYS B 528 -18.16 6.66 35.24
CA CYS B 528 -17.71 7.97 35.71
C CYS B 528 -18.55 9.08 35.06
N ASP B 529 -18.98 10.05 35.89
CA ASP B 529 -19.59 11.26 35.36
C ASP B 529 -18.85 12.42 36.03
N ILE B 530 -18.14 13.29 35.26
CA ILE B 530 -17.39 14.36 35.93
C ILE B 530 -18.24 15.61 36.18
N TYR B 531 -19.58 15.56 35.94
CA TYR B 531 -20.47 16.69 36.11
C TYR B 531 -20.23 17.32 37.48
N ARG B 532 -20.13 18.67 37.51
CA ARG B 532 -19.98 19.48 38.72
C ARG B 532 -18.62 19.26 39.42
N SER B 533 -17.65 18.61 38.80
CA SER B 533 -16.37 18.47 39.48
C SER B 533 -15.52 19.67 39.08
N THR B 534 -15.38 20.61 40.02
CA THR B 534 -14.56 21.78 39.76
C THR B 534 -13.08 21.36 39.76
N LYS B 535 -12.70 20.25 40.41
CA LYS B 535 -11.32 19.80 40.34
C LYS B 535 -10.99 19.26 38.92
N ALA B 536 -11.96 18.54 38.30
CA ALA B 536 -11.79 18.05 36.93
C ALA B 536 -11.72 19.23 35.98
N GLY B 537 -12.57 20.24 36.25
CA GLY B 537 -12.69 21.47 35.48
C GLY B 537 -11.32 22.18 35.44
N ALA B 538 -10.68 22.36 36.58
CA ALA B 538 -9.39 23.04 36.72
C ALA B 538 -8.29 22.30 35.95
N LYS B 539 -8.30 20.95 35.96
CA LYS B 539 -7.30 20.22 35.21
C LYS B 539 -7.55 20.37 33.68
N LEU B 540 -8.79 20.30 33.23
CA LEU B 540 -9.03 20.53 31.80
C LEU B 540 -8.70 21.98 31.38
N ARG B 541 -9.00 22.96 32.26
CA ARG B 541 -8.79 24.37 31.97
C ARG B 541 -7.30 24.63 31.73
N LYS B 542 -6.43 23.98 32.51
CA LYS B 542 -5.00 24.16 32.28
C LYS B 542 -4.57 23.66 30.90
N VAL B 543 -5.17 22.59 30.37
CA VAL B 543 -4.84 22.22 28.98
C VAL B 543 -5.36 23.31 28.04
N LEU B 544 -6.64 23.69 28.21
CA LEU B 544 -7.24 24.57 27.21
C LEU B 544 -6.46 25.91 27.15
N ARG B 545 -6.06 26.45 28.30
CA ARG B 545 -5.44 27.76 28.42
C ARG B 545 -4.02 27.78 27.85
N ALA B 546 -3.41 26.61 27.64
CA ALA B 546 -2.05 26.52 27.14
C ALA B 546 -2.02 26.76 25.63
N GLY B 547 -3.15 26.53 24.92
CA GLY B 547 -3.18 26.43 23.47
C GLY B 547 -1.95 25.68 22.93
N SER B 548 -1.26 26.26 21.93
CA SER B 548 -0.11 25.54 21.35
C SER B 548 1.17 26.16 21.88
N SER B 549 1.08 26.79 23.04
CA SER B 549 2.29 27.41 23.59
C SER B 549 3.39 26.40 23.93
N ARG B 550 3.07 25.13 24.21
CA ARG B 550 4.02 24.10 24.61
C ARG B 550 3.76 22.84 23.79
N PRO B 551 4.83 22.04 23.55
CA PRO B 551 4.70 20.74 22.85
C PRO B 551 3.61 19.87 23.44
N TRP B 552 2.80 19.27 22.56
CA TRP B 552 1.65 18.53 23.05
C TRP B 552 2.09 17.39 23.97
N GLN B 553 3.28 16.83 23.76
CA GLN B 553 3.75 15.70 24.56
C GLN B 553 3.94 16.12 26.02
N GLU B 554 4.32 17.38 26.27
CA GLU B 554 4.47 17.84 27.66
C GLU B 554 3.14 18.27 28.26
N VAL B 555 2.25 18.81 27.45
CA VAL B 555 0.89 19.10 27.91
C VAL B 555 0.20 17.79 28.34
N LEU B 556 0.31 16.74 27.51
CA LEU B 556 -0.31 15.47 27.80
C LEU B 556 0.28 14.90 29.09
N LYS B 557 1.62 14.94 29.20
CA LYS B 557 2.32 14.38 30.36
C LYS B 557 1.81 15.04 31.66
N ASP B 558 1.60 16.36 31.64
CA ASP B 558 1.13 17.01 32.83
C ASP B 558 -0.32 16.62 33.12
N MET B 559 -1.13 16.40 32.09
CA MET B 559 -2.52 16.13 32.29
C MET B 559 -2.72 14.68 32.79
N VAL B 560 -2.10 13.69 32.14
CA VAL B 560 -2.50 12.29 32.27
C VAL B 560 -1.32 11.50 32.81
N GLY B 561 -0.11 12.07 32.81
CA GLY B 561 1.05 11.35 33.35
C GLY B 561 1.85 10.57 32.32
N LEU B 562 1.59 10.78 31.02
CA LEU B 562 2.27 10.00 29.99
C LEU B 562 2.48 10.96 28.83
N ASP B 563 3.61 10.84 28.11
CA ASP B 563 3.92 11.86 27.11
C ASP B 563 3.56 11.29 25.73
N ALA B 564 2.65 10.31 25.66
CA ALA B 564 2.32 9.67 24.39
C ALA B 564 0.85 9.24 24.37
N LEU B 565 0.28 9.13 23.16
CA LEU B 565 -1.02 8.49 22.99
C LEU B 565 -0.90 7.03 23.46
N ASP B 566 -1.98 6.51 23.97
CA ASP B 566 -1.92 5.16 24.52
C ASP B 566 -3.35 4.61 24.44
N ALA B 567 -3.49 3.37 23.93
CA ALA B 567 -4.75 2.63 23.82
C ALA B 567 -5.25 2.08 25.16
N GLN B 568 -4.41 1.98 26.18
CA GLN B 568 -4.84 1.30 27.40
C GLN B 568 -6.10 1.86 28.08
N PRO B 569 -6.30 3.20 28.21
CA PRO B 569 -7.54 3.72 28.80
C PRO B 569 -8.77 3.31 28.00
N LEU B 570 -8.73 3.37 26.65
CA LEU B 570 -9.90 2.91 25.91
C LEU B 570 -10.12 1.39 26.15
N LEU B 571 -9.05 0.61 26.13
CA LEU B 571 -9.21 -0.84 26.37
C LEU B 571 -9.84 -1.07 27.75
N LYS B 572 -9.38 -0.31 28.73
CA LYS B 572 -9.86 -0.40 30.10
C LYS B 572 -11.34 -0.05 30.18
N TYR B 573 -11.73 1.03 29.51
CA TYR B 573 -13.12 1.44 29.44
C TYR B 573 -14.01 0.32 28.93
N PHE B 574 -13.56 -0.34 27.83
CA PHE B 574 -14.41 -1.26 27.13
C PHE B 574 -14.18 -2.75 27.56
N GLN B 575 -13.33 -2.99 28.53
CA GLN B 575 -12.90 -4.34 28.90
C GLN B 575 -14.07 -5.32 29.05
N LEU B 576 -15.15 -4.93 29.74
CA LEU B 576 -16.28 -5.87 29.94
C LEU B 576 -16.94 -6.28 28.62
N VAL B 577 -17.15 -5.33 27.68
CA VAL B 577 -17.88 -5.74 26.50
C VAL B 577 -16.90 -6.39 25.52
N THR B 578 -15.58 -6.12 25.64
CA THR B 578 -14.63 -6.77 24.80
C THR B 578 -14.64 -8.30 25.09
N GLN B 579 -14.61 -8.66 26.36
CA GLN B 579 -14.62 -10.06 26.82
C GLN B 579 -15.96 -10.71 26.42
N TRP B 580 -17.06 -10.00 26.60
CA TRP B 580 -18.38 -10.50 26.29
C TRP B 580 -18.56 -10.78 24.80
N LEU B 581 -18.14 -9.82 23.93
CA LEU B 581 -18.35 -10.01 22.50
C LEU B 581 -17.48 -11.19 22.03
N GLN B 582 -16.25 -11.36 22.57
CA GLN B 582 -15.43 -12.44 22.09
C GLN B 582 -16.15 -13.74 22.46
N GLU B 583 -16.68 -13.82 23.69
CA GLU B 583 -17.37 -15.02 24.17
C GLU B 583 -18.63 -15.27 23.35
N GLN B 584 -19.37 -14.23 23.05
CA GLN B 584 -20.51 -14.42 22.17
C GLN B 584 -20.12 -14.93 20.77
N ASN B 585 -19.05 -14.38 20.19
CA ASN B 585 -18.76 -14.65 18.78
C ASN B 585 -18.30 -16.12 18.69
N GLN B 586 -17.51 -16.57 19.69
CA GLN B 586 -17.06 -17.96 19.83
C GLN B 586 -18.27 -18.91 19.94
N GLN B 587 -19.15 -18.69 20.90
CA GLN B 587 -20.38 -19.46 20.99
C GLN B 587 -21.21 -19.46 19.71
N ASN B 588 -21.18 -18.36 18.96
CA ASN B 588 -22.13 -18.31 17.86
C ASN B 588 -21.49 -18.98 16.65
N GLY B 589 -20.19 -19.32 16.82
CA GLY B 589 -19.34 -19.87 15.77
C GLY B 589 -19.01 -18.84 14.69
N GLU B 590 -18.72 -17.59 15.07
CA GLU B 590 -18.48 -16.62 14.01
C GLU B 590 -17.09 -16.78 13.41
N VAL B 591 -16.94 -16.28 12.19
CA VAL B 591 -15.61 -16.02 11.69
C VAL B 591 -15.25 -14.54 11.93
N LEU B 592 -14.09 -14.28 12.55
CA LEU B 592 -13.65 -12.90 12.69
C LEU B 592 -13.07 -12.46 11.35
N GLY B 593 -13.41 -11.27 10.89
CA GLY B 593 -12.79 -10.86 9.66
C GLY B 593 -13.73 -11.13 8.49
N TRP B 594 -13.21 -10.92 7.28
CA TRP B 594 -14.03 -11.01 6.08
C TRP B 594 -13.18 -11.74 5.04
N PRO B 595 -12.87 -13.05 5.23
CA PRO B 595 -12.05 -13.79 4.26
C PRO B 595 -12.66 -13.87 2.88
N GLU B 596 -14.01 -13.75 2.71
CA GLU B 596 -14.56 -13.62 1.37
C GLU B 596 -14.55 -12.14 0.94
N TYR B 597 -13.35 -11.60 0.68
CA TYR B 597 -13.13 -10.17 0.54
C TYR B 597 -13.68 -9.65 -0.77
N GLN B 598 -13.92 -10.55 -1.74
CA GLN B 598 -14.35 -10.16 -3.05
C GLN B 598 -15.88 -10.14 -3.07
N TRP B 599 -16.55 -10.62 -2.02
CA TRP B 599 -18.01 -10.68 -2.09
C TRP B 599 -18.65 -9.29 -2.10
N HIS B 600 -19.66 -9.12 -2.97
CA HIS B 600 -20.57 -7.97 -2.93
C HIS B 600 -22.02 -8.48 -2.99
N PRO B 601 -23.02 -7.78 -2.37
CA PRO B 601 -24.41 -8.27 -2.36
C PRO B 601 -25.00 -8.15 -3.78
N PRO B 602 -26.07 -8.90 -4.16
CA PRO B 602 -26.73 -8.69 -5.46
C PRO B 602 -27.56 -7.41 -5.35
N LEU B 603 -27.96 -6.85 -6.50
CA LEU B 603 -28.93 -5.76 -6.52
C LEU B 603 -30.33 -6.27 -6.11
N PRO B 604 -31.19 -5.47 -5.42
CA PRO B 604 -32.62 -5.87 -5.26
C PRO B 604 -33.32 -6.07 -6.62
N ASP B 605 -34.31 -6.98 -6.71
CA ASP B 605 -35.06 -7.10 -7.98
C ASP B 605 -35.76 -5.77 -8.28
N ASN B 606 -35.70 -5.33 -9.53
CA ASN B 606 -36.37 -4.09 -9.92
C ASN B 606 -35.66 -2.86 -9.34
N TYR B 607 -34.32 -2.91 -9.29
CA TYR B 607 -33.56 -1.77 -8.83
C TYR B 607 -33.25 -0.87 -10.02
N PRO B 608 -33.58 0.45 -10.02
CA PRO B 608 -34.51 1.07 -9.05
C PRO B 608 -35.96 1.24 -9.55
C1 NAG C . 16.24 -2.55 -42.73
C2 NAG C . 17.76 -2.67 -42.51
C3 NAG C . 18.29 -1.46 -41.74
C4 NAG C . 17.86 -0.15 -42.38
C5 NAG C . 16.34 -0.12 -42.54
C6 NAG C . 15.85 1.12 -43.26
C7 NAG C . 18.59 -5.00 -42.19
C8 NAG C . 19.16 -5.93 -41.16
N2 NAG C . 18.10 -3.84 -41.72
O3 NAG C . 19.70 -1.47 -41.48
O4 NAG C . 18.18 0.82 -41.40
O5 NAG C . 15.88 -1.28 -43.28
O6 NAG C . 14.41 1.07 -43.43
O7 NAG C . 18.55 -5.27 -43.39
C1 FUC C . 13.62 1.27 -42.28
C2 FUC C . 12.32 1.93 -42.72
C3 FUC C . 11.60 1.03 -43.73
C4 FUC C . 11.36 -0.37 -43.13
C5 FUC C . 12.59 -0.93 -42.41
C6 FUC C . 12.29 -2.09 -41.51
O2 FUC C . 12.57 3.26 -43.15
O3 FUC C . 10.35 1.61 -44.12
O4 FUC C . 10.24 -0.36 -42.26
O5 FUC C . 13.26 0.07 -41.60
C11 A1IJY D . 17.86 -20.44 -11.28
O01 A1IJY D . 12.09 -18.45 -13.32
C02 A1IJY D . 12.73 -18.21 -14.27
C03 A1IJY D . 13.69 -19.31 -14.82
N04 A1IJY D . 14.05 -20.23 -13.73
C05 A1IJY D . 14.84 -19.56 -12.63
C06 A1IJY D . 15.48 -20.62 -11.67
C07 A1IJY D . 14.46 -20.99 -10.52
C08 A1IJY D . 14.64 -19.71 -9.63
C09 A1IJY D . 16.07 -19.45 -9.53
N10 A1IJY D . 16.49 -20.10 -10.94
C12 A1IJY D . 19.04 -19.89 -10.48
C13 A1IJY D . 19.11 -18.45 -10.38
C14 A1IJY D . 20.16 -17.81 -9.73
C15 A1IJY D . 21.09 -18.65 -9.15
C16 A1IJY D . 22.31 -18.08 -8.43
O17 A1IJY D . 22.15 -17.08 -7.72
O18 A1IJY D . 23.44 -18.61 -8.68
C19 A1IJY D . 21.01 -20.04 -9.27
C20 A1IJY D . 20.01 -20.71 -9.96
O21 A1IJY D . 17.99 -21.10 -12.24
C22 A1IJY D . 16.02 -18.73 -13.20
O23 A1IJY D . 17.00 -19.01 -13.96
O24 A1IJY D . 16.07 -17.58 -12.87
C25 A1IJY D . 12.96 -20.10 -15.95
N26 A1IJY D . 12.47 -16.98 -14.92
C27 A1IJY D . 13.18 -16.43 -16.24
C28 A1IJY D . 12.84 -15.04 -16.39
C29 A1IJY D . 11.45 -14.95 -15.60
C30 A1IJY D . 11.55 -16.05 -14.49
C31 A1IJY D . 10.17 -16.80 -14.46
O32 A1IJY D . 9.87 -17.72 -15.32
O33 A1IJY D . 9.31 -16.52 -13.59
C1 PEG E . 21.10 -23.80 -6.83
O1 PEG E . 20.80 -24.54 -5.63
C2 PEG E . 20.02 -23.88 -7.95
O2 PEG E . 18.70 -24.08 -7.45
C3 PEG E . 17.66 -23.28 -8.04
C4 PEG E . 16.30 -23.52 -7.40
O4 PEG E . 16.01 -22.63 -6.32
C1 EDO F . 23.07 -4.19 8.97
O1 EDO F . 23.65 -5.47 9.11
C2 EDO F . 21.62 -4.18 9.22
O2 EDO F . 21.15 -2.92 8.80
C1 PEG G . 25.71 -35.48 -6.44
O1 PEG G . 24.39 -35.84 -6.02
C2 PEG G . 25.74 -35.06 -7.88
O2 PEG G . 26.86 -34.22 -8.13
C3 PEG G . 28.08 -34.95 -8.23
C4 PEG G . 29.22 -34.00 -8.41
O4 PEG G . 30.46 -34.63 -8.22
C1 PEG H . 24.39 -23.52 -36.47
O1 PEG H . 23.07 -24.02 -36.64
C2 PEG H . 24.70 -23.18 -35.05
O2 PEG H . 25.67 -24.08 -34.50
C3 PEG H . 25.07 -25.17 -33.82
C4 PEG H . 26.04 -26.22 -33.44
O4 PEG H . 25.38 -27.48 -33.27
C1 PGE I . 25.64 -31.17 -32.25
O1 PGE I . 24.62 -30.64 -33.09
C2 PGE I . 26.93 -30.39 -32.31
O2 PGE I . 27.82 -30.72 -31.24
C3 PGE I . 28.31 -32.06 -31.26
C4 PGE I . 28.23 -32.69 -29.90
O4 PGE I . 24.76 -35.58 -30.67
C6 PGE I . 25.96 -35.28 -29.94
C5 PGE I . 26.91 -34.47 -30.76
O3 PGE I . 28.05 -34.10 -30.01
C1 PGE J . 19.40 -28.45 -36.29
O1 PGE J . 20.49 -27.82 -35.51
C2 PGE J . 18.66 -29.60 -35.58
O2 PGE J . 18.43 -30.78 -36.37
C3 PGE J . 19.41 -31.82 -36.12
C4 PGE J . 18.98 -33.24 -36.30
O4 PGE J . 23.40 -33.80 -34.29
C6 PGE J . 22.13 -34.41 -34.57
C5 PGE J . 21.35 -33.71 -35.70
O3 PGE J . 19.97 -34.16 -35.76
O1 P6G K . 25.93 -10.04 -3.68
C2 P6G K . 24.82 -10.48 -2.88
C3 P6G K . 24.43 -11.90 -3.15
O4 P6G K . 23.18 -11.92 -3.83
C5 P6G K . 22.74 -13.23 -4.25
C6 P6G K . 22.14 -13.94 -3.09
O7 P6G K . 22.38 -15.33 -3.18
C8 P6G K . 23.21 -15.85 -2.12
C9 P6G K . 23.37 -17.34 -2.27
O10 P6G K . 24.64 -17.65 -2.85
C11 P6G K . 25.67 -17.95 -1.89
C12 P6G K . 26.97 -18.26 -2.59
O13 P6G K . 28.11 -17.69 -1.94
C14 P6G K . 28.13 -17.84 -0.52
C15 P6G K . 29.53 -17.76 0.08
O16 P6G K . 29.60 -18.24 1.45
C17 P6G K . 28.54 -19.10 1.86
C18 P6G K . 28.89 -20.30 2.65
O19 P6G K . 27.74 -21.18 2.80
C1 EDO L . 34.35 -30.18 -2.69
O1 EDO L . 34.89 -31.35 -2.06
C2 EDO L . 35.01 -28.91 -2.29
O2 EDO L . 34.87 -27.88 -3.27
C1 PGE M . -3.70 2.95 -0.51
O1 PGE M . -2.75 3.60 0.32
C2 PGE M . -3.12 1.85 -1.33
O2 PGE M . -2.64 0.79 -0.50
C3 PGE M . -2.35 -0.41 -1.23
C4 PGE M . -1.41 -1.25 -0.43
O4 PGE M . 1.33 -4.84 -0.58
C6 PGE M . -0.02 -4.45 -0.32
C5 PGE M . -0.46 -3.30 -1.18
O3 PGE M . -1.62 -2.64 -0.66
C1 NAG N . 20.14 1.52 -40.86
C2 NAG N . 19.66 2.96 -40.65
C3 NAG N . 20.81 3.92 -40.95
C4 NAG N . 22.19 3.26 -40.77
C5 NAG N . 22.36 2.05 -41.69
C6 NAG N . 23.40 1.07 -41.19
C7 NAG N . 17.21 3.60 -40.73
C8 NAG N . 16.18 4.25 -41.60
N2 NAG N . 18.40 3.31 -41.30
O3 NAG N . 20.66 4.93 -39.97
O4 NAG N . 23.25 4.21 -40.90
O5 NAG N . 21.12 1.32 -41.87
O6 NAG N . 23.07 -0.31 -41.49
O7 NAG N . 16.96 3.35 -39.55
ZN ZN O . 17.63 -16.83 -14.01
CL CL P . 16.88 -10.08 -5.90
C1 NAG Q . -13.69 -19.96 -0.66
C2 NAG Q . -14.41 -20.44 0.59
C3 NAG Q . -15.04 -21.84 0.48
C4 NAG Q . -15.57 -22.20 -0.91
C5 NAG Q . -14.55 -21.87 -2.00
C6 NAG Q . -15.03 -22.16 -3.42
C7 NAG Q . -14.35 -19.39 2.51
C8 NAG Q . -13.80 -18.92 3.83
N2 NAG Q . -13.64 -20.27 1.83
O3 NAG Q . -16.12 -21.73 1.40
O4 NAG Q . -15.87 -23.60 -0.90
O5 NAG Q . -14.20 -20.46 -1.92
O6 NAG Q . -15.79 -21.12 -4.11
O7 NAG Q . -15.43 -19.04 2.04
C1 NAG R . 15.96 -41.72 -6.39
C2 NAG R . 16.82 -42.78 -7.09
C3 NAG R . 16.91 -44.06 -6.25
C4 NAG R . 16.02 -44.07 -5.00
C5 NAG R . 15.90 -42.70 -4.31
C6 NAG R . 16.50 -42.56 -2.93
C7 NAG R . 17.24 -42.62 -9.46
C8 NAG R . 16.81 -43.02 -10.86
N2 NAG R . 16.40 -42.93 -8.47
O3 NAG R . 18.28 -44.17 -5.89
O4 NAG R . 14.73 -44.58 -5.37
O5 NAG R . 16.44 -41.61 -5.07
O6 NAG R . 15.42 -42.06 -2.13
O7 NAG R . 18.31 -42.08 -9.23
C1 NAG S . 17.95 -46.47 -5.03
C2 NAG S . 17.68 -47.06 -3.66
C3 NAG S . 18.94 -47.78 -3.16
C4 NAG S . 19.59 -48.55 -4.30
C5 NAG S . 20.08 -47.56 -5.36
C6 NAG S . 19.94 -48.05 -6.80
C7 NAG S . 16.08 -46.15 -2.11
C8 NAG S . 16.13 -45.96 -0.62
N2 NAG S . 17.24 -46.04 -2.74
O3 NAG S . 18.59 -48.65 -2.10
O4 NAG S . 20.68 -49.32 -3.79
O5 NAG S . 19.35 -46.32 -5.25
O6 NAG S . 18.59 -48.39 -7.15
O7 NAG S . 15.02 -46.38 -2.71
C11 A1IJY T . -14.99 22.21 12.84
O01 A1IJY T . -16.91 16.25 11.22
C02 A1IJY T . -17.13 16.30 12.45
C03 A1IJY T . -17.85 17.44 13.16
N04 A1IJY T . -17.66 18.65 12.27
C05 A1IJY T . -16.28 19.14 12.27
C06 A1IJY T . -16.29 20.55 11.63
C07 A1IJY T . -16.13 20.35 10.02
C08 A1IJY T . -14.53 20.21 9.89
C09 A1IJY T . -13.86 20.85 11.00
N10 A1IJY T . -15.12 21.16 11.91
C12 A1IJY T . -13.66 22.84 13.19
C13 A1IJY T . -12.54 21.98 13.60
C14 A1IJY T . -11.37 22.68 13.96
C15 A1IJY T . -11.35 24.12 13.87
C16 A1IJY T . -10.10 24.86 14.33
O17 A1IJY T . -9.02 24.27 14.02
O18 A1IJY T . -10.16 25.86 15.16
C19 A1IJY T . -12.41 24.89 13.52
C20 A1IJY T . -13.61 24.23 13.18
O21 A1IJY T . -15.97 22.53 13.45
C22 A1IJY T . -15.62 19.14 13.63
O23 A1IJY T . -16.11 19.71 14.68
O24 A1IJY T . -14.49 18.54 13.79
C25 A1IJY T . -19.37 17.09 13.13
N26 A1IJY T . -16.77 15.13 13.15
C27 A1IJY T . -16.97 14.85 14.69
C28 A1IJY T . -16.22 13.68 14.97
C29 A1IJY T . -16.17 12.85 13.62
C30 A1IJY T . -16.22 14.03 12.52
C31 A1IJY T . -17.13 13.51 11.40
O32 A1IJY T . -18.39 13.59 11.42
O33 A1IJY T . -16.66 12.94 10.41
OH2 1PE U . -0.36 23.41 14.92
C12 1PE U . -1.09 23.61 13.72
C22 1PE U . -2.56 23.57 14.01
OH3 1PE U . -3.28 22.84 13.02
C13 1PE U . -4.05 24.54 11.42
C23 1PE U . -4.44 23.51 12.48
OH4 1PE U . -5.05 25.58 11.37
C14 1PE U . -5.48 27.99 11.28
C24 1PE U . -4.68 26.80 10.72
OH5 1PE U . -4.81 28.52 12.44
C15 1PE U . -3.48 30.23 13.46
C25 1PE U . -4.71 29.95 12.60
OH6 1PE U . -2.81 31.48 13.25
C16 1PE U . -1.61 33.03 11.80
C26 1PE U . -2.52 31.82 11.89
OH7 1PE U . -1.80 33.80 10.60
C1 PEG V . 10.71 18.94 6.76
O1 PEG V . 12.09 18.82 6.44
C2 PEG V . 10.06 20.08 6.08
O2 PEG V . 10.94 21.18 5.93
C3 PEG V . 10.37 22.44 6.28
C4 PEG V . 10.01 22.43 7.72
O4 PEG V . 10.30 23.67 8.33
O1 PG4 W . -28.71 -15.40 16.79
C1 PG4 W . -27.39 -15.18 17.24
C2 PG4 W . -27.30 -14.02 18.19
O2 PG4 W . -26.28 -13.11 17.81
C3 PG4 W . -26.77 -12.02 17.01
C4 PG4 W . -26.23 -10.71 17.47
O3 PG4 W . -27.04 -10.31 18.59
C5 PG4 W . -27.61 -9.00 18.48
C6 PG4 W . -29.04 -8.98 18.97
O4 PG4 W . -29.18 -9.72 20.18
C7 PG4 W . -30.49 -9.69 20.74
C8 PG4 W . -30.84 -11.08 21.17
O5 PG4 W . -31.76 -11.69 20.28
C1 EDO X . 4.26 23.32 19.81
O1 EDO X . 4.89 24.59 19.63
C2 EDO X . 2.76 23.27 19.75
O2 EDO X . 1.93 22.50 20.72
C1 PGE Y . -24.14 38.04 11.42
O1 PGE Y . -23.78 38.87 12.53
C2 PGE Y . -22.95 37.74 10.52
O2 PGE Y . -21.74 38.36 10.97
C3 PGE Y . -20.66 38.23 10.04
C4 PGE Y . -19.44 38.91 10.57
O4 PGE Y . -18.40 41.09 13.99
C6 PGE Y . -18.75 40.48 12.75
C5 PGE Y . -19.30 39.12 12.95
O3 PGE Y . -19.04 38.32 11.81
C1 PEG Z . -24.32 -13.01 29.50
O1 PEG Z . -24.95 -12.94 28.25
C2 PEG Z . -24.75 -11.91 30.44
O2 PEG Z . -23.71 -11.61 31.36
C3 PEG Z . -23.27 -10.26 31.29
C4 PEG Z . -21.92 -10.10 31.99
O4 PEG Z . -21.04 -11.18 31.73
C1 EDO AA . -36.47 3.30 -4.73
O1 EDO AA . -36.88 2.53 -3.59
C2 EDO AA . -37.21 4.56 -5.07
O2 EDO AA . -37.29 5.62 -4.08
C1 EDO BA . -25.34 8.82 14.27
O1 EDO BA . -26.45 8.25 14.97
C2 EDO BA . -25.01 8.19 12.96
O2 EDO BA . -23.68 8.41 12.48
OH2 1PE CA . -13.85 23.69 7.16
C12 1PE CA . -15.06 24.40 7.23
C22 1PE CA . -15.49 24.71 8.66
OH3 1PE CA . -14.58 25.54 9.36
C13 1PE CA . -14.18 27.49 10.81
C23 1PE CA . -15.19 26.60 10.08
OH4 1PE CA . -13.19 28.12 9.98
C14 1PE CA . -12.57 28.87 7.74
C24 1PE CA . -13.67 28.76 8.80
OH5 1PE CA . -11.93 30.15 7.79
C15 1PE CA . -9.82 31.27 7.60
C25 1PE CA . -10.76 30.25 6.99
OH6 1PE CA . -8.76 30.71 8.40
C16 1PE CA . -9.38 29.30 10.28
C26 1PE CA . -9.00 29.37 8.82
OH7 1PE CA . -9.57 27.96 10.71
C1 NAG DA . -27.59 36.27 1.36
C2 NAG DA . -28.26 37.29 2.28
C3 NAG DA . -28.69 38.47 1.41
C4 NAG DA . -27.51 39.06 0.64
C5 NAG DA . -26.73 37.96 -0.08
C6 NAG DA . -25.44 38.40 -0.76
C7 NAG DA . -29.37 36.69 4.44
C8 NAG DA . -30.62 36.11 5.03
N2 NAG DA . -29.34 36.74 3.10
O3 NAG DA . -29.28 39.46 2.22
O4 NAG DA . -28.04 39.92 -0.35
O5 NAG DA . -26.41 36.88 0.85
O6 NAG DA . -25.12 37.34 -1.69
O7 NAG DA . -28.43 37.06 5.14
C1 NAG EA . -27.59 41.60 -0.21
C2 NAG EA . -27.86 42.08 -1.64
C3 NAG EA . -27.84 43.62 -1.68
C4 NAG EA . -28.78 44.23 -0.64
C5 NAG EA . -28.53 43.62 0.74
C6 NAG EA . -29.75 42.86 1.22
C7 NAG EA . -27.47 40.61 -3.59
C8 NAG EA . -26.47 40.12 -4.60
N2 NAG EA . -27.02 41.45 -2.64
O3 NAG EA . -28.26 43.97 -2.98
O4 NAG EA . -28.73 45.66 -0.59
O5 NAG EA . -27.43 42.69 0.70
O6 NAG EA . -29.93 43.07 2.60
O7 NAG EA . -28.64 40.25 -3.64
ZN ZN FA . -14.29 18.88 15.80
CL CL GA . -4.73 16.62 11.77
C1 NAG HA . -19.19 3.24 -14.29
C2 NAG HA . -19.03 3.31 -15.80
C3 NAG HA . -20.25 4.00 -16.40
C4 NAG HA . -21.57 3.38 -15.91
C5 NAG HA . -21.61 3.49 -14.39
C6 NAG HA . -22.91 2.96 -13.78
C7 NAG HA . -16.88 3.71 -16.87
C8 NAG HA . -15.69 4.59 -17.05
N2 NAG HA . -17.91 4.17 -16.14
O3 NAG HA . -20.06 3.84 -17.81
O4 NAG HA . -22.71 4.04 -16.46
O5 NAG HA . -20.47 2.74 -13.89
O6 NAG HA . -22.94 1.58 -13.29
O7 NAG HA . -16.92 2.59 -17.35
C1 NAG IA . -22.29 0.30 40.39
C2 NAG IA . -21.71 1.60 40.94
C3 NAG IA . -20.21 1.44 41.09
C4 NAG IA . -19.85 0.13 41.73
C5 NAG IA . -20.47 -1.06 41.00
C6 NAG IA . -20.15 -2.34 41.68
C7 NAG IA . -22.92 3.46 39.94
C8 NAG IA . -22.99 4.34 38.73
N2 NAG IA . -21.81 2.77 40.10
O3 NAG IA . -19.81 2.51 41.94
O4 NAG IA . -18.46 0.04 41.53
O5 NAG IA . -21.89 -0.87 41.07
O6 NAG IA . -20.42 -2.11 43.07
O7 NAG IA . -23.83 3.37 40.76
C1 NAG JA . -17.41 0.06 43.04
C2 NAG JA . -15.92 -0.25 42.94
C3 NAG JA . -15.24 0.00 44.29
C4 NAG JA . -15.60 1.37 44.86
C5 NAG JA . -17.12 1.49 44.97
C6 NAG JA . -17.64 2.82 45.45
C7 NAG JA . -16.06 -2.15 41.29
C8 NAG JA . -16.02 -3.64 41.19
N2 NAG JA . -15.77 -1.63 42.49
O3 NAG JA . -13.84 -0.15 44.13
O4 NAG JA . -14.88 1.54 46.10
O5 NAG JA . -17.74 1.30 43.66
O6 NAG JA . -17.56 3.75 44.38
O7 NAG JA . -16.34 -1.45 40.32
C1 FUC KA . -19.46 -4.58 44.62
C2 FUC KA . -19.89 -3.37 45.46
C3 FUC KA . -21.37 -3.02 45.26
C4 FUC KA . -22.16 -4.26 44.84
C5 FUC KA . -21.66 -4.77 43.48
C6 FUC KA . -22.07 -6.18 43.15
O2 FUC KA . -19.00 -2.27 45.28
O3 FUC KA . -21.88 -2.53 46.50
O4 FUC KA . -22.01 -5.26 45.85
O5 FUC KA . -20.21 -4.71 43.38
#